data_3KV0
# 
_entry.id   3KV0 
# 
_audit_conform.dict_name       mmcif_pdbx.dic 
_audit_conform.dict_version    5.378 
_audit_conform.dict_location   http://mmcif.pdb.org/dictionaries/ascii/mmcif_pdbx.dic 
# 
loop_
_database_2.database_id 
_database_2.database_code 
_database_2.pdbx_database_accession 
_database_2.pdbx_DOI 
PDB   3KV0         pdb_00003kv0 10.2210/pdb3kv0/pdb 
RCSB  RCSB056481   ?            ?                   
WWPDB D_1000056481 ?            ?                   
# 
_pdbx_database_status.status_code                     REL 
_pdbx_database_status.entry_id                        3KV0 
_pdbx_database_status.recvd_initial_deposition_date   2009-11-28 
_pdbx_database_status.deposit_site                    RCSB 
_pdbx_database_status.process_site                    RCSB 
_pdbx_database_status.status_code_sf                  REL 
_pdbx_database_status.status_code_mr                  ? 
_pdbx_database_status.SG_entry                        ? 
_pdbx_database_status.pdb_format_compatible           Y 
_pdbx_database_status.status_code_cs                  ? 
_pdbx_database_status.status_code_nmr_data            ? 
_pdbx_database_status.methods_development_category    ? 
# 
loop_
_audit_author.name 
_audit_author.pdbx_ordinal 
'Simanshu, D.K.' 1 
'Kenoth, R.'     2 
'Brown, R.E.'    3 
'Patel, D.J.'    4 
# 
_citation.id                        primary 
_citation.title                     
;Structural determination and tryptophan fluorescence of heterokaryon incompatibility C2 protein (HET-C2), a fungal glycolipid transfer protein (GLTP), provide novel insights into glycolipid specificity and membrane interaction by the GLTP fold.
;
_citation.journal_abbrev            J.Biol.Chem. 
_citation.journal_volume            285 
_citation.page_first                13066 
_citation.page_last                 13078 
_citation.year                      2010 
_citation.journal_id_ASTM           JBCHA3 
_citation.country                   US 
_citation.journal_id_ISSN           0021-9258 
_citation.journal_id_CSD            0071 
_citation.book_publisher            ? 
_citation.pdbx_database_id_PubMed   20164530 
_citation.pdbx_database_id_DOI      10.1074/jbc.M109.093203 
# 
loop_
_citation_author.citation_id 
_citation_author.name 
_citation_author.ordinal 
_citation_author.identifier_ORCID 
primary 'Kenoth, R.'        1  ? 
primary 'Simanshu, D.K.'    2  ? 
primary 'Kamlekar, R.K.'    3  ? 
primary 'Pike, H.M.'        4  ? 
primary 'Molotkovsky, J.G.' 5  ? 
primary 'Benson, L.M.'      6  ? 
primary 'Bergen, H.R.'      7  ? 
primary 'Prendergast, F.G.' 8  ? 
primary 'Malinina, L.'      9  ? 
primary 'Venyaminov, S.Y.'  10 ? 
primary 'Patel, D.J.'       11 ? 
primary 'Brown, R.E.'       12 ? 
# 
_cell.entry_id           3KV0 
_cell.length_a           96.926 
_cell.length_b           96.926 
_cell.length_c           57.914 
_cell.angle_alpha        90.00 
_cell.angle_beta         90.00 
_cell.angle_gamma        90.00 
_cell.Z_PDB              8 
_cell.pdbx_unique_axis   ? 
_cell.length_a_esd       ? 
_cell.length_b_esd       ? 
_cell.length_c_esd       ? 
_cell.angle_alpha_esd    ? 
_cell.angle_beta_esd     ? 
_cell.angle_gamma_esd    ? 
# 
_symmetry.entry_id                         3KV0 
_symmetry.space_group_name_H-M             'P 41 21 2' 
_symmetry.pdbx_full_space_group_name_H-M   ? 
_symmetry.cell_setting                     ? 
_symmetry.Int_Tables_number                92 
_symmetry.space_group_name_Hall            ? 
# 
loop_
_entity.id 
_entity.type 
_entity.src_method 
_entity.pdbx_description 
_entity.formula_weight 
_entity.pdbx_number_of_molecules 
_entity.pdbx_ec 
_entity.pdbx_mutation 
_entity.pdbx_fragment 
_entity.details 
1 polymer man HET-C2 23782.682 1   ? ? ? ? 
2 water   nat water  18.015    118 ? ? ? ? 
# 
_entity_poly.entity_id                      1 
_entity_poly.type                           'polypeptide(L)' 
_entity_poly.nstd_linkage                   no 
_entity_poly.nstd_monomer                   yes 
_entity_poly.pdbx_seq_one_letter_code       
;SMAAAAVVQIPAGATFLETF(MLY)(MLY)SFVDVPIDAE(MLY)GNAISTAEFLEAAESLTTMFDVLGSIAFSPV
(MLY)TDMLGNVE(MLY)IR(MLY)RMLAAPLESQNIQDLVRNEL(MLY)T(MLY)SHTATEGLLWLVRGLEFTCIALS
(MLY)NIGSTEELADSFRGSYRVTL(MLY)PHHSFLV(MLY)PIFSAAMSACPYR(MLY)DFYA(MLY)LGDDEQ(MLY)
VQEELREYLVALD(MLY)IVNIL(MLY)RFLES(MLY)EA(MLY)W
;
_entity_poly.pdbx_seq_one_letter_code_can   
;SMAAAAVVQIPAGATFLETFKKSFVDVPIDAEKGNAISTAEFLEAAESLTTMFDVLGSIAFSPVKTDMLGNVEKIRKRML
AAPLESQNIQDLVRNELKTKSHTATEGLLWLVRGLEFTCIALSKNIGSTEELADSFRGSYRVTLKPHHSFLVKPIFSAAM
SACPYRKDFYAKLGDDEQKVQEELREYLVALDKIVNILKRFLESKEAKW
;
_entity_poly.pdbx_strand_id                 A 
_entity_poly.pdbx_target_identifier         ? 
# 
loop_
_entity_poly_seq.entity_id 
_entity_poly_seq.num 
_entity_poly_seq.mon_id 
_entity_poly_seq.hetero 
1 1   SER n 
1 2   MET n 
1 3   ALA n 
1 4   ALA n 
1 5   ALA n 
1 6   ALA n 
1 7   VAL n 
1 8   VAL n 
1 9   GLN n 
1 10  ILE n 
1 11  PRO n 
1 12  ALA n 
1 13  GLY n 
1 14  ALA n 
1 15  THR n 
1 16  PHE n 
1 17  LEU n 
1 18  GLU n 
1 19  THR n 
1 20  PHE n 
1 21  MLY n 
1 22  MLY n 
1 23  SER n 
1 24  PHE n 
1 25  VAL n 
1 26  ASP n 
1 27  VAL n 
1 28  PRO n 
1 29  ILE n 
1 30  ASP n 
1 31  ALA n 
1 32  GLU n 
1 33  MLY n 
1 34  GLY n 
1 35  ASN n 
1 36  ALA n 
1 37  ILE n 
1 38  SER n 
1 39  THR n 
1 40  ALA n 
1 41  GLU n 
1 42  PHE n 
1 43  LEU n 
1 44  GLU n 
1 45  ALA n 
1 46  ALA n 
1 47  GLU n 
1 48  SER n 
1 49  LEU n 
1 50  THR n 
1 51  THR n 
1 52  MET n 
1 53  PHE n 
1 54  ASP n 
1 55  VAL n 
1 56  LEU n 
1 57  GLY n 
1 58  SER n 
1 59  ILE n 
1 60  ALA n 
1 61  PHE n 
1 62  SER n 
1 63  PRO n 
1 64  VAL n 
1 65  MLY n 
1 66  THR n 
1 67  ASP n 
1 68  MET n 
1 69  LEU n 
1 70  GLY n 
1 71  ASN n 
1 72  VAL n 
1 73  GLU n 
1 74  MLY n 
1 75  ILE n 
1 76  ARG n 
1 77  MLY n 
1 78  ARG n 
1 79  MET n 
1 80  LEU n 
1 81  ALA n 
1 82  ALA n 
1 83  PRO n 
1 84  LEU n 
1 85  GLU n 
1 86  SER n 
1 87  GLN n 
1 88  ASN n 
1 89  ILE n 
1 90  GLN n 
1 91  ASP n 
1 92  LEU n 
1 93  VAL n 
1 94  ARG n 
1 95  ASN n 
1 96  GLU n 
1 97  LEU n 
1 98  MLY n 
1 99  THR n 
1 100 MLY n 
1 101 SER n 
1 102 HIS n 
1 103 THR n 
1 104 ALA n 
1 105 THR n 
1 106 GLU n 
1 107 GLY n 
1 108 LEU n 
1 109 LEU n 
1 110 TRP n 
1 111 LEU n 
1 112 VAL n 
1 113 ARG n 
1 114 GLY n 
1 115 LEU n 
1 116 GLU n 
1 117 PHE n 
1 118 THR n 
1 119 CYS n 
1 120 ILE n 
1 121 ALA n 
1 122 LEU n 
1 123 SER n 
1 124 MLY n 
1 125 ASN n 
1 126 ILE n 
1 127 GLY n 
1 128 SER n 
1 129 THR n 
1 130 GLU n 
1 131 GLU n 
1 132 LEU n 
1 133 ALA n 
1 134 ASP n 
1 135 SER n 
1 136 PHE n 
1 137 ARG n 
1 138 GLY n 
1 139 SER n 
1 140 TYR n 
1 141 ARG n 
1 142 VAL n 
1 143 THR n 
1 144 LEU n 
1 145 MLY n 
1 146 PRO n 
1 147 HIS n 
1 148 HIS n 
1 149 SER n 
1 150 PHE n 
1 151 LEU n 
1 152 VAL n 
1 153 MLY n 
1 154 PRO n 
1 155 ILE n 
1 156 PHE n 
1 157 SER n 
1 158 ALA n 
1 159 ALA n 
1 160 MET n 
1 161 SER n 
1 162 ALA n 
1 163 CYS n 
1 164 PRO n 
1 165 TYR n 
1 166 ARG n 
1 167 MLY n 
1 168 ASP n 
1 169 PHE n 
1 170 TYR n 
1 171 ALA n 
1 172 MLY n 
1 173 LEU n 
1 174 GLY n 
1 175 ASP n 
1 176 ASP n 
1 177 GLU n 
1 178 GLN n 
1 179 MLY n 
1 180 VAL n 
1 181 GLN n 
1 182 GLU n 
1 183 GLU n 
1 184 LEU n 
1 185 ARG n 
1 186 GLU n 
1 187 TYR n 
1 188 LEU n 
1 189 VAL n 
1 190 ALA n 
1 191 LEU n 
1 192 ASP n 
1 193 MLY n 
1 194 ILE n 
1 195 VAL n 
1 196 ASN n 
1 197 ILE n 
1 198 LEU n 
1 199 MLY n 
1 200 ARG n 
1 201 PHE n 
1 202 LEU n 
1 203 GLU n 
1 204 SER n 
1 205 MLY n 
1 206 GLU n 
1 207 ALA n 
1 208 MLY n 
1 209 TRP n 
# 
_entity_src_gen.entity_id                          1 
_entity_src_gen.pdbx_src_id                        1 
_entity_src_gen.pdbx_alt_source_flag               sample 
_entity_src_gen.pdbx_seq_type                      ? 
_entity_src_gen.pdbx_beg_seq_num                   ? 
_entity_src_gen.pdbx_end_seq_num                   ? 
_entity_src_gen.gene_src_common_name               ? 
_entity_src_gen.gene_src_genus                     ? 
_entity_src_gen.pdbx_gene_src_gene                 het-c2 
_entity_src_gen.gene_src_species                   ? 
_entity_src_gen.gene_src_strain                    ? 
_entity_src_gen.gene_src_tissue                    ? 
_entity_src_gen.gene_src_tissue_fraction           ? 
_entity_src_gen.gene_src_details                   ? 
_entity_src_gen.pdbx_gene_src_fragment             ? 
_entity_src_gen.pdbx_gene_src_scientific_name      'Podospora anserina' 
_entity_src_gen.pdbx_gene_src_ncbi_taxonomy_id     5145 
_entity_src_gen.pdbx_gene_src_variant              ? 
_entity_src_gen.pdbx_gene_src_cell_line            ? 
_entity_src_gen.pdbx_gene_src_atcc                 ? 
_entity_src_gen.pdbx_gene_src_organ                ? 
_entity_src_gen.pdbx_gene_src_organelle            ? 
_entity_src_gen.pdbx_gene_src_cell                 ? 
_entity_src_gen.pdbx_gene_src_cellular_location    ? 
_entity_src_gen.host_org_common_name               ? 
_entity_src_gen.pdbx_host_org_scientific_name      'Escherichia coli' 
_entity_src_gen.pdbx_host_org_ncbi_taxonomy_id     469008 
_entity_src_gen.host_org_genus                     ? 
_entity_src_gen.pdbx_host_org_gene                 ? 
_entity_src_gen.pdbx_host_org_organ                ? 
_entity_src_gen.host_org_species                   ? 
_entity_src_gen.pdbx_host_org_tissue               ? 
_entity_src_gen.pdbx_host_org_tissue_fraction      ? 
_entity_src_gen.pdbx_host_org_strain               'BL21 (DE3)' 
_entity_src_gen.pdbx_host_org_variant              ? 
_entity_src_gen.pdbx_host_org_cell_line            ? 
_entity_src_gen.pdbx_host_org_atcc                 ? 
_entity_src_gen.pdbx_host_org_culture_collection   ? 
_entity_src_gen.pdbx_host_org_cell                 ? 
_entity_src_gen.pdbx_host_org_organelle            ? 
_entity_src_gen.pdbx_host_org_cellular_location    ? 
_entity_src_gen.pdbx_host_org_vector_type          PLASMID 
_entity_src_gen.pdbx_host_org_vector               ? 
_entity_src_gen.host_org_details                   ? 
_entity_src_gen.expression_system_id               ? 
_entity_src_gen.plasmid_name                       pET-SUMO 
_entity_src_gen.plasmid_details                    ? 
_entity_src_gen.pdbx_description                   ? 
# 
_struct_ref.id                         1 
_struct_ref.db_name                    UNP 
_struct_ref.db_code                    Q01494_PODAN 
_struct_ref.pdbx_db_accession          Q01494 
_struct_ref.entity_id                  1 
_struct_ref.pdbx_seq_one_letter_code   
;MAAAAVVQIPAGATFLETFKKSFVDVPIDAEKGNAISTAEFLEAAESLTTMFDVLGSIAFSPVKTDMLGNVEKIRKRMLA
APLESQNIQDLVRNELKTKSHTATEGLLWLVRGLEFTCIALSKNIGSTEELADSFRGSYRVTLKPHHSFLVKPIFSAAMS
ACPYRKDFYAKLGDDEQKVQEELREYLVALDKIVNILKRFLESKEAKW
;
_struct_ref.pdbx_align_begin           1 
_struct_ref.pdbx_db_isoform            ? 
# 
_struct_ref_seq.align_id                      1 
_struct_ref_seq.ref_id                        1 
_struct_ref_seq.pdbx_PDB_id_code              3KV0 
_struct_ref_seq.pdbx_strand_id                A 
_struct_ref_seq.seq_align_beg                 2 
_struct_ref_seq.pdbx_seq_align_beg_ins_code   ? 
_struct_ref_seq.seq_align_end                 209 
_struct_ref_seq.pdbx_seq_align_end_ins_code   ? 
_struct_ref_seq.pdbx_db_accession             Q01494 
_struct_ref_seq.db_align_beg                  1 
_struct_ref_seq.pdbx_db_align_beg_ins_code    ? 
_struct_ref_seq.db_align_end                  208 
_struct_ref_seq.pdbx_db_align_end_ins_code    ? 
_struct_ref_seq.pdbx_auth_seq_align_beg       1 
_struct_ref_seq.pdbx_auth_seq_align_end       208 
# 
_struct_ref_seq_dif.align_id                     1 
_struct_ref_seq_dif.pdbx_pdb_id_code             3KV0 
_struct_ref_seq_dif.mon_id                       SER 
_struct_ref_seq_dif.pdbx_pdb_strand_id           A 
_struct_ref_seq_dif.seq_num                      1 
_struct_ref_seq_dif.pdbx_pdb_ins_code            ? 
_struct_ref_seq_dif.pdbx_seq_db_name             UNP 
_struct_ref_seq_dif.pdbx_seq_db_accession_code   Q01494 
_struct_ref_seq_dif.db_mon_id                    ? 
_struct_ref_seq_dif.pdbx_seq_db_seq_num          ? 
_struct_ref_seq_dif.details                      'expression tag' 
_struct_ref_seq_dif.pdbx_auth_seq_num            0 
_struct_ref_seq_dif.pdbx_ordinal                 1 
# 
loop_
_chem_comp.id 
_chem_comp.type 
_chem_comp.mon_nstd_flag 
_chem_comp.name 
_chem_comp.pdbx_synonyms 
_chem_comp.formula 
_chem_comp.formula_weight 
ALA 'L-peptide linking' y ALANINE           ? 'C3 H7 N O2'     89.093  
ARG 'L-peptide linking' y ARGININE          ? 'C6 H15 N4 O2 1' 175.209 
ASN 'L-peptide linking' y ASPARAGINE        ? 'C4 H8 N2 O3'    132.118 
ASP 'L-peptide linking' y 'ASPARTIC ACID'   ? 'C4 H7 N O4'     133.103 
CYS 'L-peptide linking' y CYSTEINE          ? 'C3 H7 N O2 S'   121.158 
GLN 'L-peptide linking' y GLUTAMINE         ? 'C5 H10 N2 O3'   146.144 
GLU 'L-peptide linking' y 'GLUTAMIC ACID'   ? 'C5 H9 N O4'     147.129 
GLY 'peptide linking'   y GLYCINE           ? 'C2 H5 N O2'     75.067  
HIS 'L-peptide linking' y HISTIDINE         ? 'C6 H10 N3 O2 1' 156.162 
HOH non-polymer         . WATER             ? 'H2 O'           18.015  
ILE 'L-peptide linking' y ISOLEUCINE        ? 'C6 H13 N O2'    131.173 
LEU 'L-peptide linking' y LEUCINE           ? 'C6 H13 N O2'    131.173 
MET 'L-peptide linking' y METHIONINE        ? 'C5 H11 N O2 S'  149.211 
MLY 'L-peptide linking' n N-DIMETHYL-LYSINE ? 'C8 H18 N2 O2'   174.241 
PHE 'L-peptide linking' y PHENYLALANINE     ? 'C9 H11 N O2'    165.189 
PRO 'L-peptide linking' y PROLINE           ? 'C5 H9 N O2'     115.130 
SER 'L-peptide linking' y SERINE            ? 'C3 H7 N O3'     105.093 
THR 'L-peptide linking' y THREONINE         ? 'C4 H9 N O3'     119.119 
TRP 'L-peptide linking' y TRYPTOPHAN        ? 'C11 H12 N2 O2'  204.225 
TYR 'L-peptide linking' y TYROSINE          ? 'C9 H11 N O3'    181.189 
VAL 'L-peptide linking' y VALINE            ? 'C5 H11 N O2'    117.146 
# 
_exptl.entry_id          3KV0 
_exptl.method            'X-RAY DIFFRACTION' 
_exptl.crystals_number   1 
# 
_exptl_crystal.id                    1 
_exptl_crystal.density_meas          ? 
_exptl_crystal.density_Matthews      2.86 
_exptl_crystal.density_percent_sol   56.99 
_exptl_crystal.description           ? 
_exptl_crystal.F_000                 ? 
_exptl_crystal.preparation           ? 
# 
_exptl_crystal_grow.crystal_id      1 
_exptl_crystal_grow.method          'VAPOR DIFFUSION, HANGING DROP' 
_exptl_crystal_grow.temp            293 
_exptl_crystal_grow.temp_details    ? 
_exptl_crystal_grow.pH              ? 
_exptl_crystal_grow.pdbx_pH_range   5.5-6.5 
_exptl_crystal_grow.pdbx_details    
'0.1 M Bis-Tris (pH 5.5-6.5) and 25 % PEG 3350, VAPOR DIFFUSION, HANGING DROP, temperature 293K' 
# 
_diffrn.id                     1 
_diffrn.ambient_temp           100 
_diffrn.ambient_temp_details   ? 
_diffrn.crystal_id             1 
# 
_diffrn_detector.diffrn_id              1 
_diffrn_detector.detector               CCD 
_diffrn_detector.type                   'ADSC QUANTUM 315' 
_diffrn_detector.pdbx_collection_date   2009-05-06 
_diffrn_detector.details                
;Cryogenically-cooled single crystal Si(111) side bounce monochromator. Optional Si(311) to achive 13.474 keV. Vertical and horizantal focussing mirrors in Kirkpatrick-Baez geometry.
;
# 
_diffrn_radiation.diffrn_id                        1 
_diffrn_radiation.wavelength_id                    1 
_diffrn_radiation.pdbx_monochromatic_or_laue_m_l   M 
_diffrn_radiation.monochromator                    
'Cryogenically-cooled single crystal Si(111) side bounce monochromator. Optional Si(311) to achive 13.474 keV' 
_diffrn_radiation.pdbx_diffrn_protocol             'SINGLE WAVELENGTH' 
_diffrn_radiation.pdbx_scattering_type             x-ray 
# 
_diffrn_radiation_wavelength.id           1 
_diffrn_radiation_wavelength.wavelength   0.9792 
_diffrn_radiation_wavelength.wt           1.0 
# 
_diffrn_source.diffrn_id                   1 
_diffrn_source.source                      SYNCHROTRON 
_diffrn_source.type                        'APS BEAMLINE 24-ID-E' 
_diffrn_source.pdbx_synchrotron_site       APS 
_diffrn_source.pdbx_synchrotron_beamline   24-ID-E 
_diffrn_source.pdbx_wavelength             ? 
_diffrn_source.pdbx_wavelength_list        0.9792 
# 
_reflns.entry_id                     3KV0 
_reflns.observed_criterion_sigma_I   ? 
_reflns.observed_criterion_sigma_F   ? 
_reflns.d_resolution_low             50.0 
_reflns.d_resolution_high            1.9 
_reflns.number_obs                   22551 
_reflns.number_all                   ? 
_reflns.percent_possible_obs         ? 
_reflns.pdbx_Rmerge_I_obs            0.072 
_reflns.pdbx_Rsym_value              ? 
_reflns.pdbx_netI_over_sigmaI        36.8 
_reflns.B_iso_Wilson_estimate        ? 
_reflns.pdbx_redundancy              8.7 
_reflns.R_free_details               ? 
_reflns.limit_h_max                  ? 
_reflns.limit_h_min                  ? 
_reflns.limit_k_max                  ? 
_reflns.limit_k_min                  ? 
_reflns.limit_l_max                  ? 
_reflns.limit_l_min                  ? 
_reflns.observed_criterion_F_max     ? 
_reflns.observed_criterion_F_min     ? 
_reflns.pdbx_chi_squared             ? 
_reflns.pdbx_scaling_rejects         ? 
_reflns.pdbx_diffrn_id               1 
_reflns.pdbx_ordinal                 1 
# 
_reflns_shell.d_res_high             1.90 
_reflns_shell.d_res_low              1.97 
_reflns_shell.percent_possible_all   93.9 
_reflns_shell.Rmerge_I_obs           0.359 
_reflns_shell.pdbx_Rsym_value        ? 
_reflns_shell.meanI_over_sigI_obs    2.95 
_reflns_shell.pdbx_redundancy        6.0 
_reflns_shell.percent_possible_obs   ? 
_reflns_shell.number_unique_all      ? 
_reflns_shell.number_measured_all    ? 
_reflns_shell.number_measured_obs    ? 
_reflns_shell.number_unique_obs      ? 
_reflns_shell.pdbx_chi_squared       ? 
_reflns_shell.pdbx_diffrn_id         ? 
_reflns_shell.pdbx_ordinal           1 
# 
_refine.pdbx_refine_id                           'X-RAY DIFFRACTION' 
_refine.entry_id                                 3KV0 
_refine.ls_number_reflns_obs                     20958 
_refine.ls_number_reflns_all                     ? 
_refine.pdbx_ls_sigma_I                          ? 
_refine.pdbx_ls_sigma_F                          . 
_refine.pdbx_data_cutoff_high_absF               ? 
_refine.pdbx_data_cutoff_low_absF                ? 
_refine.pdbx_data_cutoff_high_rms_absF           ? 
_refine.ls_d_res_low                             50.00 
_refine.ls_d_res_high                            1.90 
_refine.ls_percent_reflns_obs                    98.99 
_refine.ls_R_factor_obs                          0.21755 
_refine.ls_R_factor_all                          ? 
_refine.ls_R_factor_R_work                       0.21594 
_refine.ls_R_factor_R_free                       0.24816 
_refine.ls_R_factor_R_free_error                 ? 
_refine.ls_R_factor_R_free_error_details         ? 
_refine.ls_percent_reflns_R_free                 5.1 
_refine.ls_number_reflns_R_free                  1132 
_refine.ls_number_parameters                     ? 
_refine.ls_number_restraints                     ? 
_refine.occupancy_min                            ? 
_refine.occupancy_max                            ? 
_refine.correlation_coeff_Fo_to_Fc               0.952 
_refine.correlation_coeff_Fo_to_Fc_free          0.936 
_refine.B_iso_mean                               30.073 
_refine.aniso_B[1][1]                            -0.88 
_refine.aniso_B[2][2]                            -0.88 
_refine.aniso_B[3][3]                            1.77 
_refine.aniso_B[1][2]                            0.00 
_refine.aniso_B[1][3]                            0.00 
_refine.aniso_B[2][3]                            0.00 
_refine.solvent_model_details                    MASK 
_refine.solvent_model_param_ksol                 ? 
_refine.solvent_model_param_bsol                 ? 
_refine.pdbx_solvent_vdw_probe_radii             1.40 
_refine.pdbx_solvent_ion_probe_radii             0.80 
_refine.pdbx_solvent_shrinkage_radii             0.80 
_refine.pdbx_ls_cross_valid_method               THROUGHOUT 
_refine.details                                  'HYDROGENS HAVE BEEN ADDED IN THE RIDING POSITIONS' 
_refine.pdbx_starting_model                      'human apo-GLTP (PDB: 1SWX)' 
_refine.pdbx_method_to_determine_struct          'MOLECULAR REPLACEMENT' 
_refine.pdbx_isotropic_thermal_model             ? 
_refine.pdbx_stereochemistry_target_values       'MAXIMUM LIKELIHOOD' 
_refine.pdbx_stereochem_target_val_spec_case     ? 
_refine.pdbx_R_Free_selection_details            RANDOM 
_refine.pdbx_overall_ESU_R                       0.145 
_refine.pdbx_overall_ESU_R_Free                  0.137 
_refine.overall_SU_ML                            0.096 
_refine.pdbx_overall_phase_error                 ? 
_refine.overall_SU_B                             3.229 
_refine.ls_redundancy_reflns_obs                 ? 
_refine.B_iso_min                                ? 
_refine.B_iso_max                                ? 
_refine.overall_SU_R_Cruickshank_DPI             ? 
_refine.overall_SU_R_free                        ? 
_refine.ls_wR_factor_R_free                      ? 
_refine.ls_wR_factor_R_work                      ? 
_refine.overall_FOM_free_R_set                   ? 
_refine.overall_FOM_work_R_set                   ? 
_refine.pdbx_diffrn_id                           1 
_refine.pdbx_TLS_residual_ADP_flag               ? 
_refine.pdbx_overall_SU_R_free_Cruickshank_DPI   ? 
_refine.pdbx_overall_SU_R_Blow_DPI               ? 
_refine.pdbx_overall_SU_R_free_Blow_DPI          ? 
# 
_refine_hist.pdbx_refine_id                   'X-RAY DIFFRACTION' 
_refine_hist.cycle_id                         LAST 
_refine_hist.pdbx_number_atoms_protein        1564 
_refine_hist.pdbx_number_atoms_nucleic_acid   0 
_refine_hist.pdbx_number_atoms_ligand         0 
_refine_hist.number_atoms_solvent             118 
_refine_hist.number_atoms_total               1682 
_refine_hist.d_res_high                       1.90 
_refine_hist.d_res_low                        50.00 
# 
loop_
_refine_ls_restr.type 
_refine_ls_restr.dev_ideal 
_refine_ls_restr.dev_ideal_target 
_refine_ls_restr.weight 
_refine_ls_restr.number 
_refine_ls_restr.pdbx_refine_id 
_refine_ls_restr.pdbx_restraint_function 
r_bond_refined_d             0.016  0.022  ? 1606 'X-RAY DIFFRACTION' ? 
r_bond_other_d               0.001  0.020  ? 1105 'X-RAY DIFFRACTION' ? 
r_angle_refined_deg          1.512  2.020  ? 2169 'X-RAY DIFFRACTION' ? 
r_angle_other_deg            0.924  3.000  ? 2700 'X-RAY DIFFRACTION' ? 
r_dihedral_angle_1_deg       4.996  5.000  ? 196  'X-RAY DIFFRACTION' ? 
r_dihedral_angle_2_deg       34.970 24.058 ? 69   'X-RAY DIFFRACTION' ? 
r_dihedral_angle_3_deg       15.222 15.000 ? 252  'X-RAY DIFFRACTION' ? 
r_dihedral_angle_4_deg       21.171 15.000 ? 10   'X-RAY DIFFRACTION' ? 
r_chiral_restr               0.101  0.200  ? 256  'X-RAY DIFFRACTION' ? 
r_gen_planes_refined         0.007  0.020  ? 1724 'X-RAY DIFFRACTION' ? 
r_gen_planes_other           0.001  0.020  ? 320  'X-RAY DIFFRACTION' ? 
r_nbd_refined                ?      ?      ? ?    'X-RAY DIFFRACTION' ? 
r_nbd_other                  ?      ?      ? ?    'X-RAY DIFFRACTION' ? 
r_nbtor_refined              ?      ?      ? ?    'X-RAY DIFFRACTION' ? 
r_nbtor_other                ?      ?      ? ?    'X-RAY DIFFRACTION' ? 
r_xyhbond_nbd_refined        ?      ?      ? ?    'X-RAY DIFFRACTION' ? 
r_xyhbond_nbd_other          ?      ?      ? ?    'X-RAY DIFFRACTION' ? 
r_metal_ion_refined          ?      ?      ? ?    'X-RAY DIFFRACTION' ? 
r_metal_ion_other            ?      ?      ? ?    'X-RAY DIFFRACTION' ? 
r_symmetry_vdw_refined       ?      ?      ? ?    'X-RAY DIFFRACTION' ? 
r_symmetry_vdw_other         ?      ?      ? ?    'X-RAY DIFFRACTION' ? 
r_symmetry_hbond_refined     ?      ?      ? ?    'X-RAY DIFFRACTION' ? 
r_symmetry_hbond_other       ?      ?      ? ?    'X-RAY DIFFRACTION' ? 
r_symmetry_metal_ion_refined ?      ?      ? ?    'X-RAY DIFFRACTION' ? 
r_symmetry_metal_ion_other   ?      ?      ? ?    'X-RAY DIFFRACTION' ? 
r_mcbond_it                  1.019  1.500  ? 973  'X-RAY DIFFRACTION' ? 
r_mcbond_other               0.219  1.500  ? 391  'X-RAY DIFFRACTION' ? 
r_mcangle_it                 1.860  2.000  ? 1569 'X-RAY DIFFRACTION' ? 
r_scbond_it                  2.653  3.000  ? 633  'X-RAY DIFFRACTION' ? 
r_scangle_it                 4.387  4.500  ? 598  'X-RAY DIFFRACTION' ? 
r_rigid_bond_restr           ?      ?      ? ?    'X-RAY DIFFRACTION' ? 
r_sphericity_free            ?      ?      ? ?    'X-RAY DIFFRACTION' ? 
r_sphericity_bonded          ?      ?      ? ?    'X-RAY DIFFRACTION' ? 
# 
_refine_ls_shell.pdbx_refine_id                   'X-RAY DIFFRACTION' 
_refine_ls_shell.pdbx_total_number_of_bins_used   20 
_refine_ls_shell.d_res_high                       1.900 
_refine_ls_shell.d_res_low                        1.949 
_refine_ls_shell.number_reflns_R_work             1465 
_refine_ls_shell.R_factor_R_work                  0.288 
_refine_ls_shell.percent_reflns_obs               93.75 
_refine_ls_shell.R_factor_R_free                  0.299 
_refine_ls_shell.R_factor_R_free_error            ? 
_refine_ls_shell.percent_reflns_R_free            ? 
_refine_ls_shell.number_reflns_R_free             65 
_refine_ls_shell.number_reflns_all                ? 
_refine_ls_shell.R_factor_all                     ? 
_refine_ls_shell.redundancy_reflns_obs            ? 
_refine_ls_shell.number_reflns_obs                ? 
# 
_struct.entry_id                  3KV0 
_struct.title                     'Crystal structure of HET-C2: A FUNGAL GLYCOLIPID TRANSFER PROTEIN (GLTP)' 
_struct.pdbx_model_details        ? 
_struct.pdbx_CASP_flag            ? 
_struct.pdbx_model_type_details   ? 
# 
_struct_keywords.entry_id        3KV0 
_struct_keywords.pdbx_keywords   'TRANSPORT PROTEIN' 
_struct_keywords.text            'HET-C2, GLTP, Glycolipid transfer protein, TRANSPORT PROTEIN' 
# 
loop_
_struct_asym.id 
_struct_asym.pdbx_blank_PDB_chainid_flag 
_struct_asym.pdbx_modified 
_struct_asym.entity_id 
_struct_asym.details 
A N N 1 ? 
B N N 2 ? 
# 
_struct_biol.id        1 
_struct_biol.details   ? 
# 
loop_
_struct_conf.conf_type_id 
_struct_conf.id 
_struct_conf.pdbx_PDB_helix_id 
_struct_conf.beg_label_comp_id 
_struct_conf.beg_label_asym_id 
_struct_conf.beg_label_seq_id 
_struct_conf.pdbx_beg_PDB_ins_code 
_struct_conf.end_label_comp_id 
_struct_conf.end_label_asym_id 
_struct_conf.end_label_seq_id 
_struct_conf.pdbx_end_PDB_ins_code 
_struct_conf.beg_auth_comp_id 
_struct_conf.beg_auth_asym_id 
_struct_conf.beg_auth_seq_id 
_struct_conf.end_auth_comp_id 
_struct_conf.end_auth_asym_id 
_struct_conf.end_auth_seq_id 
_struct_conf.pdbx_PDB_helix_class 
_struct_conf.details 
_struct_conf.pdbx_PDB_helix_length 
HELX_P HELX_P1  1  THR A 15  ? PHE A 20  ? THR A 14  PHE A 19  5 ? 6  
HELX_P HELX_P2  2  SER A 23  ? VAL A 27  ? SER A 22  VAL A 26  5 ? 5  
HELX_P HELX_P3  3  ALA A 31  ? GLY A 34  ? ALA A 30  GLY A 33  5 ? 4  
HELX_P HELX_P4  4  SER A 38  ? SER A 58  ? SER A 37  SER A 57  1 ? 21 
HELX_P HELX_P5  5  PHE A 61  ? ALA A 82  ? PHE A 60  ALA A 81  1 ? 22 
HELX_P HELX_P6  6  PRO A 83  ? SER A 86  ? PRO A 82  SER A 85  5 ? 4  
HELX_P HELX_P7  7  ASN A 88  ? LEU A 97  ? ASN A 87  LEU A 96  1 ? 10 
HELX_P HELX_P8  8  HIS A 102 ? GLY A 127 ? HIS A 101 GLY A 126 1 ? 26 
HELX_P HELX_P9  9  GLU A 131 ? THR A 143 ? GLU A 130 THR A 142 1 ? 13 
HELX_P HELX_P10 10 LEU A 144 ? HIS A 148 ? LEU A 143 HIS A 147 5 ? 5  
HELX_P HELX_P11 11 VAL A 152 ? ALA A 162 ? VAL A 151 ALA A 161 1 ? 11 
HELX_P HELX_P12 12 TYR A 165 ? GLY A 174 ? TYR A 164 GLY A 173 1 ? 10 
HELX_P HELX_P13 13 ASP A 176 ? SER A 204 ? ASP A 175 SER A 203 1 ? 29 
HELX_P HELX_P14 14 MLY A 205 ? MLY A 208 ? MLY A 204 MLY A 207 5 ? 4  
# 
_struct_conf_type.id          HELX_P 
_struct_conf_type.criteria    ? 
_struct_conf_type.reference   ? 
# 
loop_
_struct_conn.id 
_struct_conn.conn_type_id 
_struct_conn.pdbx_leaving_atom_flag 
_struct_conn.pdbx_PDB_id 
_struct_conn.ptnr1_label_asym_id 
_struct_conn.ptnr1_label_comp_id 
_struct_conn.ptnr1_label_seq_id 
_struct_conn.ptnr1_label_atom_id 
_struct_conn.pdbx_ptnr1_label_alt_id 
_struct_conn.pdbx_ptnr1_PDB_ins_code 
_struct_conn.pdbx_ptnr1_standard_comp_id 
_struct_conn.ptnr1_symmetry 
_struct_conn.ptnr2_label_asym_id 
_struct_conn.ptnr2_label_comp_id 
_struct_conn.ptnr2_label_seq_id 
_struct_conn.ptnr2_label_atom_id 
_struct_conn.pdbx_ptnr2_label_alt_id 
_struct_conn.pdbx_ptnr2_PDB_ins_code 
_struct_conn.ptnr1_auth_asym_id 
_struct_conn.ptnr1_auth_comp_id 
_struct_conn.ptnr1_auth_seq_id 
_struct_conn.ptnr2_auth_asym_id 
_struct_conn.ptnr2_auth_comp_id 
_struct_conn.ptnr2_auth_seq_id 
_struct_conn.ptnr2_symmetry 
_struct_conn.pdbx_ptnr3_label_atom_id 
_struct_conn.pdbx_ptnr3_label_seq_id 
_struct_conn.pdbx_ptnr3_label_comp_id 
_struct_conn.pdbx_ptnr3_label_asym_id 
_struct_conn.pdbx_ptnr3_label_alt_id 
_struct_conn.pdbx_ptnr3_PDB_ins_code 
_struct_conn.details 
_struct_conn.pdbx_dist_value 
_struct_conn.pdbx_value_order 
_struct_conn.pdbx_role 
covale1  covale both ? A PHE 20  C ? ? ? 1_555 A MLY 21  N ? ? A PHE 19  A MLY 20  1_555 ? ? ? ? ? ? ? 1.332 ? ? 
covale2  covale both ? A MLY 21  C ? ? ? 1_555 A MLY 22  N ? ? A MLY 20  A MLY 21  1_555 ? ? ? ? ? ? ? 1.350 ? ? 
covale3  covale both ? A MLY 22  C ? ? ? 1_555 A SER 23  N ? ? A MLY 21  A SER 22  1_555 ? ? ? ? ? ? ? 1.331 ? ? 
covale4  covale both ? A GLU 32  C ? ? ? 1_555 A MLY 33  N ? ? A GLU 31  A MLY 32  1_555 ? ? ? ? ? ? ? 1.334 ? ? 
covale5  covale both ? A MLY 33  C ? ? ? 1_555 A GLY 34  N ? ? A MLY 32  A GLY 33  1_555 ? ? ? ? ? ? ? 1.330 ? ? 
covale6  covale both ? A VAL 64  C ? ? ? 1_555 A MLY 65  N ? ? A VAL 63  A MLY 64  1_555 ? ? ? ? ? ? ? 1.328 ? ? 
covale7  covale both ? A MLY 65  C ? ? ? 1_555 A THR 66  N ? ? A MLY 64  A THR 65  1_555 ? ? ? ? ? ? ? 1.337 ? ? 
covale8  covale both ? A GLU 73  C ? ? ? 1_555 A MLY 74  N ? ? A GLU 72  A MLY 73  1_555 ? ? ? ? ? ? ? 1.324 ? ? 
covale9  covale both ? A MLY 74  C ? ? ? 1_555 A ILE 75  N ? ? A MLY 73  A ILE 74  1_555 ? ? ? ? ? ? ? 1.335 ? ? 
covale10 covale both ? A ARG 76  C ? ? ? 1_555 A MLY 77  N ? ? A ARG 75  A MLY 76  1_555 ? ? ? ? ? ? ? 1.327 ? ? 
covale11 covale both ? A MLY 77  C ? ? ? 1_555 A ARG 78  N ? ? A MLY 76  A ARG 77  1_555 ? ? ? ? ? ? ? 1.323 ? ? 
covale12 covale both ? A LEU 97  C ? ? ? 1_555 A MLY 98  N ? ? A LEU 96  A MLY 97  1_555 ? ? ? ? ? ? ? 1.327 ? ? 
covale13 covale both ? A MLY 98  C ? ? ? 1_555 A THR 99  N ? ? A MLY 97  A THR 98  1_555 ? ? ? ? ? ? ? 1.324 ? ? 
covale14 covale both ? A SER 123 C ? ? ? 1_555 A MLY 124 N ? ? A SER 122 A MLY 123 1_555 ? ? ? ? ? ? ? 1.338 ? ? 
covale15 covale both ? A MLY 124 C ? ? ? 1_555 A ASN 125 N ? ? A MLY 123 A ASN 124 1_555 ? ? ? ? ? ? ? 1.325 ? ? 
covale16 covale both ? A LEU 144 C ? ? ? 1_555 A MLY 145 N ? ? A LEU 143 A MLY 144 1_555 ? ? ? ? ? ? ? 1.321 ? ? 
covale17 covale both ? A MLY 145 C ? ? ? 1_555 A PRO 146 N ? ? A MLY 144 A PRO 145 1_555 ? ? ? ? ? ? ? 1.345 ? ? 
covale18 covale both ? A VAL 152 C ? ? ? 1_555 A MLY 153 N ? ? A VAL 151 A MLY 152 1_555 ? ? ? ? ? ? ? 1.341 ? ? 
covale19 covale both ? A MLY 153 C ? ? ? 1_555 A PRO 154 N ? ? A MLY 152 A PRO 153 1_555 ? ? ? ? ? ? ? 1.360 ? ? 
covale20 covale both ? A ARG 166 C ? ? ? 1_555 A MLY 167 N ? ? A ARG 165 A MLY 166 1_555 ? ? ? ? ? ? ? 1.335 ? ? 
covale21 covale both ? A MLY 167 C ? ? ? 1_555 A ASP 168 N ? ? A MLY 166 A ASP 167 1_555 ? ? ? ? ? ? ? 1.328 ? ? 
covale22 covale both ? A ALA 171 C ? ? ? 1_555 A MLY 172 N ? ? A ALA 170 A MLY 171 1_555 ? ? ? ? ? ? ? 1.336 ? ? 
covale23 covale both ? A MLY 172 C ? ? ? 1_555 A LEU 173 N ? ? A MLY 171 A LEU 172 1_555 ? ? ? ? ? ? ? 1.335 ? ? 
covale24 covale both ? A GLN 178 C ? ? ? 1_555 A MLY 179 N ? ? A GLN 177 A MLY 178 1_555 ? ? ? ? ? ? ? 1.325 ? ? 
covale25 covale both ? A MLY 179 C ? ? ? 1_555 A VAL 180 N ? ? A MLY 178 A VAL 179 1_555 ? ? ? ? ? ? ? 1.327 ? ? 
covale26 covale both ? A ASP 192 C ? ? ? 1_555 A MLY 193 N ? ? A ASP 191 A MLY 192 1_555 ? ? ? ? ? ? ? 1.325 ? ? 
covale27 covale both ? A MLY 193 C ? ? ? 1_555 A ILE 194 N ? ? A MLY 192 A ILE 193 1_555 ? ? ? ? ? ? ? 1.342 ? ? 
covale28 covale both ? A LEU 198 C ? ? ? 1_555 A MLY 199 N ? ? A LEU 197 A MLY 198 1_555 ? ? ? ? ? ? ? 1.327 ? ? 
covale29 covale both ? A MLY 199 C ? ? ? 1_555 A ARG 200 N ? ? A MLY 198 A ARG 199 1_555 ? ? ? ? ? ? ? 1.330 ? ? 
covale30 covale both ? A SER 204 C ? ? ? 1_555 A MLY 205 N ? ? A SER 203 A MLY 204 1_555 ? ? ? ? ? ? ? 1.340 ? ? 
covale31 covale both ? A MLY 205 C ? ? ? 1_555 A GLU 206 N ? ? A MLY 204 A GLU 205 1_555 ? ? ? ? ? ? ? 1.324 ? ? 
covale32 covale both ? A ALA 207 C ? ? ? 1_555 A MLY 208 N ? ? A ALA 206 A MLY 207 1_555 ? ? ? ? ? ? ? 1.333 ? ? 
covale33 covale both ? A MLY 208 C ? ? ? 1_555 A TRP 209 N ? ? A MLY 207 A TRP 208 1_555 ? ? ? ? ? ? ? 1.328 ? ? 
# 
_struct_conn_type.id          covale 
_struct_conn_type.criteria    ? 
_struct_conn_type.reference   ? 
# 
_struct_sheet.id               A 
_struct_sheet.type             ? 
_struct_sheet.number_strands   2 
_struct_sheet.details          ? 
# 
_struct_sheet_order.sheet_id     A 
_struct_sheet_order.range_id_1   1 
_struct_sheet_order.range_id_2   2 
_struct_sheet_order.offset       ? 
_struct_sheet_order.sense        anti-parallel 
# 
loop_
_struct_sheet_range.sheet_id 
_struct_sheet_range.id 
_struct_sheet_range.beg_label_comp_id 
_struct_sheet_range.beg_label_asym_id 
_struct_sheet_range.beg_label_seq_id 
_struct_sheet_range.pdbx_beg_PDB_ins_code 
_struct_sheet_range.end_label_comp_id 
_struct_sheet_range.end_label_asym_id 
_struct_sheet_range.end_label_seq_id 
_struct_sheet_range.pdbx_end_PDB_ins_code 
_struct_sheet_range.beg_auth_comp_id 
_struct_sheet_range.beg_auth_asym_id 
_struct_sheet_range.beg_auth_seq_id 
_struct_sheet_range.end_auth_comp_id 
_struct_sheet_range.end_auth_asym_id 
_struct_sheet_range.end_auth_seq_id 
A 1 ILE A 29 ? ASP A 30 ? ILE A 28 ASP A 29 
A 2 ALA A 36 ? ILE A 37 ? ALA A 35 ILE A 36 
# 
_pdbx_struct_sheet_hbond.sheet_id                A 
_pdbx_struct_sheet_hbond.range_id_1              1 
_pdbx_struct_sheet_hbond.range_id_2              2 
_pdbx_struct_sheet_hbond.range_1_label_atom_id   N 
_pdbx_struct_sheet_hbond.range_1_label_comp_id   ASP 
_pdbx_struct_sheet_hbond.range_1_label_asym_id   A 
_pdbx_struct_sheet_hbond.range_1_label_seq_id    30 
_pdbx_struct_sheet_hbond.range_1_PDB_ins_code    ? 
_pdbx_struct_sheet_hbond.range_1_auth_atom_id    N 
_pdbx_struct_sheet_hbond.range_1_auth_comp_id    ASP 
_pdbx_struct_sheet_hbond.range_1_auth_asym_id    A 
_pdbx_struct_sheet_hbond.range_1_auth_seq_id     29 
_pdbx_struct_sheet_hbond.range_2_label_atom_id   O 
_pdbx_struct_sheet_hbond.range_2_label_comp_id   ALA 
_pdbx_struct_sheet_hbond.range_2_label_asym_id   A 
_pdbx_struct_sheet_hbond.range_2_label_seq_id    36 
_pdbx_struct_sheet_hbond.range_2_PDB_ins_code    ? 
_pdbx_struct_sheet_hbond.range_2_auth_atom_id    O 
_pdbx_struct_sheet_hbond.range_2_auth_comp_id    ALA 
_pdbx_struct_sheet_hbond.range_2_auth_asym_id    A 
_pdbx_struct_sheet_hbond.range_2_auth_seq_id     35 
# 
_atom_sites.entry_id                    3KV0 
_atom_sites.fract_transf_matrix[1][1]   0.00040906 
_atom_sites.fract_transf_matrix[1][2]   0.00461169 
_atom_sites.fract_transf_matrix[1][3]   -0.00921984 
_atom_sites.fract_transf_matrix[2][1]   -0.01019302 
_atom_sites.fract_transf_matrix[2][2]   0.00156046 
_atom_sites.fract_transf_matrix[2][3]   0.00032829 
_atom_sites.fract_transf_matrix[3][1]   0.00257952 
_atom_sites.fract_transf_matrix[3][2]   0.01522353 
_atom_sites.fract_transf_matrix[3][3]   0.00772913 
_atom_sites.fract_transf_vector[1]      0.228055 
_atom_sites.fract_transf_vector[2]      0.463166 
_atom_sites.fract_transf_vector[3]      0.475573 
# 
loop_
_atom_type.symbol 
C 
N 
O 
S 
# 
loop_
_atom_site.group_PDB 
_atom_site.id 
_atom_site.type_symbol 
_atom_site.label_atom_id 
_atom_site.label_alt_id 
_atom_site.label_comp_id 
_atom_site.label_asym_id 
_atom_site.label_entity_id 
_atom_site.label_seq_id 
_atom_site.pdbx_PDB_ins_code 
_atom_site.Cartn_x 
_atom_site.Cartn_y 
_atom_site.Cartn_z 
_atom_site.occupancy 
_atom_site.B_iso_or_equiv 
_atom_site.pdbx_formal_charge 
_atom_site.auth_seq_id 
_atom_site.auth_comp_id 
_atom_site.auth_asym_id 
_atom_site.auth_atom_id 
_atom_site.pdbx_PDB_model_num 
ATOM   1    N N   . THR A 1 15  ? -2.536  20.711  2.811   1.00 51.91 ? 14  THR A N   1 
ATOM   2    C CA  . THR A 1 15  ? -1.574  19.623  3.181   1.00 51.53 ? 14  THR A CA  1 
ATOM   3    C C   . THR A 1 15  ? -1.233  18.713  1.999   1.00 51.10 ? 14  THR A C   1 
ATOM   4    O O   . THR A 1 15  ? -2.003  18.591  1.054   1.00 50.70 ? 14  THR A O   1 
ATOM   5    C CB  . THR A 1 15  ? -2.153  18.730  4.300   1.00 51.33 ? 14  THR A CB  1 
ATOM   6    O OG1 . THR A 1 15  ? -3.215  17.924  3.771   1.00 51.70 ? 14  THR A OG1 1 
ATOM   7    C CG2 . THR A 1 15  ? -2.694  19.570  5.439   1.00 51.95 ? 14  THR A CG2 1 
ATOM   8    N N   . PHE A 1 16  ? -0.096  18.030  2.087   1.00 51.04 ? 15  PHE A N   1 
ATOM   9    C CA  . PHE A 1 16  ? 0.257   17.021  1.080   1.00 50.87 ? 15  PHE A CA  1 
ATOM   10   C C   . PHE A 1 16  ? -0.852  15.985  0.881   1.00 50.48 ? 15  PHE A C   1 
ATOM   11   O O   . PHE A 1 16  ? -1.141  15.620  -0.255  1.00 50.91 ? 15  PHE A O   1 
ATOM   12   C CB  . PHE A 1 16  ? 1.580   16.315  1.408   1.00 50.62 ? 15  PHE A CB  1 
ATOM   13   C CG  . PHE A 1 16  ? 2.019   15.337  0.342   1.00 51.09 ? 15  PHE A CG  1 
ATOM   14   C CD1 . PHE A 1 16  ? 2.468   15.796  -0.905  1.00 49.50 ? 15  PHE A CD1 1 
ATOM   15   C CD2 . PHE A 1 16  ? 1.960   13.957  0.564   1.00 51.45 ? 15  PHE A CD2 1 
ATOM   16   C CE1 . PHE A 1 16  ? 2.871   14.905  -1.901  1.00 49.32 ? 15  PHE A CE1 1 
ATOM   17   C CE2 . PHE A 1 16  ? 2.372   13.053  -0.439  1.00 50.28 ? 15  PHE A CE2 1 
ATOM   18   C CZ  . PHE A 1 16  ? 2.817   13.540  -1.673  1.00 49.82 ? 15  PHE A CZ  1 
ATOM   19   N N   . LEU A 1 17  ? -1.505  15.540  1.951   1.00 50.13 ? 16  LEU A N   1 
ATOM   20   C CA  . LEU A 1 17  ? -2.502  14.478  1.789   1.00 50.44 ? 16  LEU A CA  1 
ATOM   21   C C   . LEU A 1 17  ? -3.685  14.951  0.960   1.00 50.76 ? 16  LEU A C   1 
ATOM   22   O O   . LEU A 1 17  ? -4.317  14.142  0.289   1.00 50.25 ? 16  LEU A O   1 
ATOM   23   C CB  . LEU A 1 17  ? -2.991  13.886  3.130   1.00 49.98 ? 16  LEU A CB  1 
ATOM   24   C CG  . LEU A 1 17  ? -2.091  12.960  3.988   1.00 49.75 ? 16  LEU A CG  1 
ATOM   25   C CD1 . LEU A 1 17  ? -2.952  11.913  4.707   1.00 47.38 ? 16  LEU A CD1 1 
ATOM   26   C CD2 . LEU A 1 17  ? -0.983  12.259  3.224   1.00 47.63 ? 16  LEU A CD2 1 
ATOM   27   N N   . GLU A 1 18  ? -4.006  16.249  1.014   1.00 51.67 ? 17  GLU A N   1 
ATOM   28   C CA  . GLU A 1 18  ? -5.119  16.790  0.214   1.00 51.76 ? 17  GLU A CA  1 
ATOM   29   C C   . GLU A 1 18  ? -4.808  16.825  -1.287  1.00 50.90 ? 17  GLU A C   1 
ATOM   30   O O   . GLU A 1 18  ? -5.727  16.959  -2.093  1.00 51.90 ? 17  GLU A O   1 
ATOM   31   C CB  . GLU A 1 18  ? -5.536  18.183  0.708   1.00 52.75 ? 17  GLU A CB  1 
ATOM   32   C CG  . GLU A 1 18  ? -6.113  18.191  2.116   1.00 54.60 ? 17  GLU A CG  1 
ATOM   33   C CD  . GLU A 1 18  ? -6.263  19.602  2.690   1.00 59.05 ? 17  GLU A CD  1 
ATOM   34   O OE1 . GLU A 1 18  ? -5.569  20.532  2.201   1.00 58.87 ? 17  GLU A OE1 1 
ATOM   35   O OE2 . GLU A 1 18  ? -7.077  19.764  3.645   1.00 61.70 ? 17  GLU A OE2 1 
ATOM   36   N N   . THR A 1 19  ? -3.535  16.698  -1.670  1.00 49.81 ? 18  THR A N   1 
ATOM   37   C CA  . THR A 1 19  ? -3.182  16.556  -3.091  1.00 48.79 ? 18  THR A CA  1 
ATOM   38   C C   . THR A 1 19  ? -3.597  15.193  -3.677  1.00 47.39 ? 18  THR A C   1 
ATOM   39   O O   . THR A 1 19  ? -3.582  15.021  -4.889  1.00 47.37 ? 18  THR A O   1 
ATOM   40   C CB  . THR A 1 19  ? -1.653  16.704  -3.357  1.00 48.91 ? 18  THR A CB  1 
ATOM   41   O OG1 . THR A 1 19  ? -0.943  15.612  -2.744  1.00 49.60 ? 18  THR A OG1 1 
ATOM   42   C CG2 . THR A 1 19  ? -1.116  18.029  -2.844  1.00 48.43 ? 18  THR A CG2 1 
ATOM   43   N N   . PHE A 1 20  ? -3.918  14.208  -2.828  1.00 45.34 ? 19  PHE A N   1 
ATOM   44   C CA  . PHE A 1 20  ? -4.204  12.860  -3.312  1.00 43.17 ? 19  PHE A CA  1 
ATOM   45   C C   . PHE A 1 20  ? -5.437  12.825  -4.223  1.00 41.86 ? 19  PHE A C   1 
ATOM   46   O O   . PHE A 1 20  ? -6.515  13.252  -3.817  1.00 41.56 ? 19  PHE A O   1 
ATOM   47   C CB  . PHE A 1 20  ? -4.406  11.907  -2.111  1.00 42.91 ? 19  PHE A CB  1 
ATOM   48   C CG  . PHE A 1 20  ? -3.117  11.457  -1.440  1.00 42.01 ? 19  PHE A CG  1 
ATOM   49   C CD1 . PHE A 1 20  ? -1.872  11.993  -1.780  1.00 42.64 ? 19  PHE A CD1 1 
ATOM   50   C CD2 . PHE A 1 20  ? -3.161  10.514  -0.428  1.00 43.32 ? 19  PHE A CD2 1 
ATOM   51   C CE1 . PHE A 1 20  ? -0.722  11.568  -1.148  1.00 42.64 ? 19  PHE A CE1 1 
ATOM   52   C CE2 . PHE A 1 20  ? -2.015  10.100  0.203   1.00 41.55 ? 19  PHE A CE2 1 
ATOM   53   C CZ  . PHE A 1 20  ? -0.799  10.603  -0.164  1.00 41.67 ? 19  PHE A CZ  1 
HETATM 54   N N   . MLY A 1 21  ? -5.278  12.296  -5.435  1.00 39.68 ? 20  MLY A N   1 
HETATM 55   C CA  . MLY A 1 21  ? -6.417  11.975  -6.307  1.00 39.61 ? 20  MLY A CA  1 
HETATM 56   C CB  . MLY A 1 21  ? -5.999  11.103  -7.510  1.00 40.07 ? 20  MLY A CB  1 
HETATM 57   C CG  . MLY A 1 21  ? -5.923  11.766  -8.873  1.00 47.01 ? 20  MLY A CG  1 
HETATM 58   C CD  . MLY A 1 21  ? -4.470  12.190  -9.228  1.00 51.77 ? 20  MLY A CD  1 
HETATM 59   C CE  . MLY A 1 21  ? -4.353  12.740  -10.655 1.00 53.98 ? 20  MLY A CE  1 
HETATM 60   N NZ  . MLY A 1 21  ? -2.951  13.157  -10.945 1.00 55.70 ? 20  MLY A NZ  1 
HETATM 61   C C   . MLY A 1 21  ? -7.419  11.149  -5.530  1.00 37.59 ? 20  MLY A C   1 
HETATM 62   O O   . MLY A 1 21  ? -8.635  11.343  -5.654  1.00 35.94 ? 20  MLY A O   1 
HETATM 63   N N   . MLY A 1 22  ? -6.909  10.156  -4.771  1.00 34.22 ? 21  MLY A N   1 
HETATM 64   C CA  . MLY A 1 22  ? -7.787  9.287   -4.002  1.00 31.56 ? 21  MLY A CA  1 
HETATM 65   C CB  . MLY A 1 22  ? -8.126  8.074   -4.820  1.00 31.29 ? 21  MLY A CB  1 
HETATM 66   C CG  . MLY A 1 22  ? -9.238  7.186   -4.262  1.00 32.01 ? 21  MLY A CG  1 
HETATM 67   C CD  . MLY A 1 22  ? -10.612 7.873   -4.115  1.00 33.23 ? 21  MLY A CD  1 
HETATM 68   C CE  . MLY A 1 22  ? -11.117 8.428   -5.453  1.00 34.65 ? 21  MLY A CE  1 
HETATM 69   N NZ  . MLY A 1 22  ? -12.482 9.023   -5.234  1.00 39.07 ? 21  MLY A NZ  1 
HETATM 70   C CH1 . MLY A 1 22  ? -13.209 9.144   -6.511  1.00 41.06 ? 21  MLY A CH1 1 
HETATM 71   C CH2 . MLY A 1 22  ? -12.345 10.335  -4.577  1.00 36.41 ? 21  MLY A CH2 1 
HETATM 72   C C   . MLY A 1 22  ? -7.151  8.894   -2.684  1.00 31.29 ? 21  MLY A C   1 
HETATM 73   O O   . MLY A 1 22  ? -5.996  8.434   -2.643  1.00 27.43 ? 21  MLY A O   1 
ATOM   74   N N   . SER A 1 23  ? -7.895  9.129   -1.606  1.00 29.23 ? 22  SER A N   1 
ATOM   75   C CA  . SER A 1 23  ? -7.492  8.665   -0.272  1.00 28.94 ? 22  SER A CA  1 
ATOM   76   C C   . SER A 1 23  ? -8.042  7.301   0.016   1.00 27.28 ? 22  SER A C   1 
ATOM   77   O O   . SER A 1 23  ? -9.142  6.962   -0.404  1.00 27.79 ? 22  SER A O   1 
ATOM   78   C CB  . SER A 1 23  ? -8.018  9.613   0.803   1.00 29.47 ? 22  SER A CB  1 
ATOM   79   O OG  . SER A 1 23  ? -7.820  9.073   2.108   1.00 28.49 ? 22  SER A OG  1 
ATOM   80   N N   . PHE A 1 24  ? -7.336  6.522   0.842   1.00 26.33 ? 23  PHE A N   1 
ATOM   81   C CA  . PHE A 1 24  ? -7.920  5.300   1.305   1.00 26.28 ? 23  PHE A CA  1 
ATOM   82   C C   . PHE A 1 24  ? -9.173  5.532   2.172   1.00 25.78 ? 23  PHE A C   1 
ATOM   83   O O   . PHE A 1 24  ? -9.972  4.636   2.292   1.00 27.09 ? 23  PHE A O   1 
ATOM   84   C CB  . PHE A 1 24  ? -6.904  4.416   2.046   1.00 26.47 ? 23  PHE A CB  1 
ATOM   85   C CG  . PHE A 1 24  ? -5.998  3.669   1.101   1.00 24.23 ? 23  PHE A CG  1 
ATOM   86   C CD1 . PHE A 1 24  ? -6.450  2.511   0.465   1.00 23.77 ? 23  PHE A CD1 1 
ATOM   87   C CD2 . PHE A 1 24  ? -4.739  4.109   0.874   1.00 25.88 ? 23  PHE A CD2 1 
ATOM   88   C CE1 . PHE A 1 24  ? -5.637  1.818   -0.433  1.00 24.89 ? 23  PHE A CE1 1 
ATOM   89   C CE2 . PHE A 1 24  ? -3.919  3.457   -0.020  1.00 23.80 ? 23  PHE A CE2 1 
ATOM   90   C CZ  . PHE A 1 24  ? -4.351  2.314   -0.665  1.00 24.63 ? 23  PHE A CZ  1 
ATOM   91   N N   . VAL A 1 25  ? -9.324  6.718   2.718   1.00 27.93 ? 24  VAL A N   1 
ATOM   92   C CA  . VAL A 1 25  ? -10.561 7.091   3.483   1.00 29.35 ? 24  VAL A CA  1 
ATOM   93   C C   . VAL A 1 25  ? -11.833 6.926   2.593   1.00 31.27 ? 24  VAL A C   1 
ATOM   94   O O   . VAL A 1 25  ? -12.879 6.493   3.074   1.00 30.99 ? 24  VAL A O   1 
ATOM   95   C CB  . VAL A 1 25  ? -10.431 8.518   4.050   1.00 29.83 ? 24  VAL A CB  1 
ATOM   96   C CG1 . VAL A 1 25  ? -11.798 9.041   4.648   1.00 32.59 ? 24  VAL A CG1 1 
ATOM   97   C CG2 . VAL A 1 25  ? -9.315  8.576   5.063   1.00 28.83 ? 24  VAL A CG2 1 
ATOM   98   N N   . ASP A 1 26  ? -11.672 7.146   1.284   1.00 32.54 ? 25  ASP A N   1 
ATOM   99   C CA  . ASP A 1 26  ? -12.775 7.227   0.315   1.00 33.20 ? 25  ASP A CA  1 
ATOM   100  C C   . ASP A 1 26  ? -12.944 6.028   -0.602  1.00 33.89 ? 25  ASP A C   1 
ATOM   101  O O   . ASP A 1 26  ? -13.703 6.066   -1.580  1.00 35.21 ? 25  ASP A O   1 
ATOM   102  C CB  . ASP A 1 26  ? -12.574 8.506   -0.498  1.00 33.83 ? 25  ASP A CB  1 
ATOM   103  C CG  . ASP A 1 26  ? -12.632 9.757   0.379   1.00 34.22 ? 25  ASP A CG  1 
ATOM   104  O OD1 . ASP A 1 26  ? -13.467 9.753   1.292   1.00 36.68 ? 25  ASP A OD1 1 
ATOM   105  O OD2 . ASP A 1 26  ? -11.826 10.704  0.211   1.00 36.10 ? 25  ASP A OD2 1 
ATOM   106  N N   . VAL A 1 27  ? -12.246 4.941   -0.301  1.00 32.78 ? 26  VAL A N   1 
ATOM   107  C CA  . VAL A 1 27  ? -12.383 3.729   -1.041  1.00 31.68 ? 26  VAL A CA  1 
ATOM   108  C C   . VAL A 1 27  ? -13.633 2.987   -0.523  1.00 32.99 ? 26  VAL A C   1 
ATOM   109  O O   . VAL A 1 27  ? -13.692 2.614   0.667   1.00 33.94 ? 26  VAL A O   1 
ATOM   110  C CB  . VAL A 1 27  ? -11.117 2.859   -0.923  1.00 30.96 ? 26  VAL A CB  1 
ATOM   111  C CG1 . VAL A 1 27  ? -11.362 1.486   -1.551  1.00 29.71 ? 26  VAL A CG1 1 
ATOM   112  C CG2 . VAL A 1 27  ? -9.964  3.602   -1.600  1.00 25.30 ? 26  VAL A CG2 1 
ATOM   113  N N   . PRO A 1 28  ? -14.611 2.738   -1.409  1.00 34.34 ? 27  PRO A N   1 
ATOM   114  C CA  . PRO A 1 28  ? -15.829 2.042   -0.930  1.00 34.93 ? 27  PRO A CA  1 
ATOM   115  C C   . PRO A 1 28  ? -15.611 0.610   -0.527  1.00 35.20 ? 27  PRO A C   1 
ATOM   116  O O   . PRO A 1 28  ? -14.937 -0.150  -1.241  1.00 34.93 ? 27  PRO A O   1 
ATOM   117  C CB  . PRO A 1 28  ? -16.762 2.070   -2.161  1.00 34.97 ? 27  PRO A CB  1 
ATOM   118  C CG  . PRO A 1 28  ? -16.336 3.230   -2.898  1.00 35.48 ? 27  PRO A CG  1 
ATOM   119  C CD  . PRO A 1 28  ? -14.804 3.211   -2.788  1.00 33.55 ? 27  PRO A CD  1 
ATOM   120  N N   . ILE A 1 29  ? -16.240 0.247   0.588   1.00 35.54 ? 28  ILE A N   1 
ATOM   121  C CA  . ILE A 1 29  ? -16.286 -1.095  1.111   1.00 36.99 ? 28  ILE A CA  1 
ATOM   122  C C   . ILE A 1 29  ? -17.767 -1.500  1.253   1.00 38.90 ? 28  ILE A C   1 
ATOM   123  O O   . ILE A 1 29  ? -18.517 -0.821  1.925   1.00 37.50 ? 28  ILE A O   1 
ATOM   124  C CB  . ILE A 1 29  ? -15.601 -1.128  2.474   1.00 36.70 ? 28  ILE A CB  1 
ATOM   125  C CG1 . ILE A 1 29  ? -14.139 -0.657  2.295   1.00 37.19 ? 28  ILE A CG1 1 
ATOM   126  C CG2 . ILE A 1 29  ? -15.670 -2.508  3.070   1.00 37.18 ? 28  ILE A CG2 1 
ATOM   127  C CD1 . ILE A 1 29  ? -13.289 -0.772  3.498   1.00 35.57 ? 28  ILE A CD1 1 
ATOM   128  N N   . ASP A 1 30  ? -18.176 -2.576  0.581   1.00 40.74 ? 29  ASP A N   1 
ATOM   129  C CA  . ASP A 1 30  ? -19.575 -3.019  0.639   1.00 42.91 ? 29  ASP A CA  1 
ATOM   130  C C   . ASP A 1 30  ? -19.679 -4.120  1.684   1.00 43.91 ? 29  ASP A C   1 
ATOM   131  O O   . ASP A 1 30  ? -19.411 -5.301  1.404   1.00 44.31 ? 29  ASP A O   1 
ATOM   132  C CB  . ASP A 1 30  ? -20.081 -3.483  -0.740  1.00 42.42 ? 29  ASP A CB  1 
ATOM   133  C CG  . ASP A 1 30  ? -21.587 -3.779  -0.743  1.00 44.81 ? 29  ASP A CG  1 
ATOM   134  O OD1 . ASP A 1 30  ? -22.186 -3.746  0.349   1.00 42.07 ? 29  ASP A OD1 1 
ATOM   135  O OD2 . ASP A 1 30  ? -22.144 -4.037  -1.832  1.00 47.50 ? 29  ASP A OD2 1 
ATOM   136  N N   . ALA A 1 31  ? -20.050 -3.709  2.888   1.00 46.33 ? 30  ALA A N   1 
ATOM   137  C CA  . ALA A 1 31  ? -20.207 -4.612  4.029   1.00 48.20 ? 30  ALA A CA  1 
ATOM   138  C C   . ALA A 1 31  ? -21.277 -5.698  3.833   1.00 49.73 ? 30  ALA A C   1 
ATOM   139  O O   . ALA A 1 31  ? -21.221 -6.733  4.480   1.00 50.24 ? 30  ALA A O   1 
ATOM   140  C CB  . ALA A 1 31  ? -20.503 -3.804  5.290   1.00 48.50 ? 30  ALA A CB  1 
ATOM   141  N N   . GLU A 1 32  ? -22.236 -5.479  2.944   1.00 51.51 ? 31  GLU A N   1 
ATOM   142  C CA  . GLU A 1 32  ? -23.278 -6.493  2.701   1.00 52.90 ? 31  GLU A CA  1 
ATOM   143  C C   . GLU A 1 32  ? -22.786 -7.568  1.738   1.00 52.98 ? 31  GLU A C   1 
ATOM   144  O O   . GLU A 1 32  ? -23.359 -8.657  1.685   1.00 53.47 ? 31  GLU A O   1 
ATOM   145  C CB  . GLU A 1 32  ? -24.565 -5.846  2.147   1.00 53.53 ? 31  GLU A CB  1 
ATOM   146  C CG  . GLU A 1 32  ? -25.199 -4.801  3.072   1.00 56.91 ? 31  GLU A CG  1 
ATOM   147  C CD  . GLU A 1 32  ? -26.493 -4.187  2.501   1.00 61.02 ? 31  GLU A CD  1 
ATOM   148  O OE1 . GLU A 1 32  ? -27.040 -4.737  1.509   1.00 63.79 ? 31  GLU A OE1 1 
ATOM   149  O OE2 . GLU A 1 32  ? -26.964 -3.154  3.047   1.00 63.96 ? 31  GLU A OE2 1 
HETATM 150  N N   . MLY A 1 33  ? -21.733 -7.272  0.974   1.00 52.46 ? 32  MLY A N   1 
HETATM 151  C CA  . MLY A 1 33  ? -21.188 -8.241  0.024   1.00 52.23 ? 32  MLY A CA  1 
HETATM 152  C CB  . MLY A 1 33  ? -21.242 -7.686  -1.415  1.00 52.74 ? 32  MLY A CB  1 
HETATM 153  C CG  . MLY A 1 33  ? -22.666 -7.519  -2.008  1.00 55.18 ? 32  MLY A CG  1 
HETATM 154  C CD  . MLY A 1 33  ? -23.319 -8.885  -2.372  1.00 57.21 ? 32  MLY A CD  1 
HETATM 155  C CE  . MLY A 1 33  ? -24.668 -8.729  -3.119  1.00 59.03 ? 32  MLY A CE  1 
HETATM 156  N NZ  . MLY A 1 33  ? -25.621 -7.761  -2.472  1.00 59.26 ? 32  MLY A NZ  1 
HETATM 157  C C   . MLY A 1 33  ? -19.753 -8.673  0.419   1.00 51.32 ? 32  MLY A C   1 
HETATM 158  O O   . MLY A 1 33  ? -18.854 -8.768  -0.426  1.00 51.08 ? 32  MLY A O   1 
ATOM   159  N N   . GLY A 1 34  ? -19.557 -8.953  1.705   1.00 49.73 ? 33  GLY A N   1 
ATOM   160  C CA  . GLY A 1 34  ? -18.293 -9.499  2.193   1.00 48.58 ? 33  GLY A CA  1 
ATOM   161  C C   . GLY A 1 34  ? -17.147 -8.507  2.085   1.00 47.15 ? 33  GLY A C   1 
ATOM   162  O O   . GLY A 1 34  ? -16.025 -8.873  1.731   1.00 47.45 ? 33  GLY A O   1 
ATOM   163  N N   . ASN A 1 35  ? -17.440 -7.256  2.418   1.00 45.17 ? 34  ASN A N   1 
ATOM   164  C CA  . ASN A 1 35  ? -16.470 -6.169  2.407   1.00 43.52 ? 34  ASN A CA  1 
ATOM   165  C C   . ASN A 1 35  ? -15.792 -6.005  1.056   1.00 41.92 ? 34  ASN A C   1 
ATOM   166  O O   . ASN A 1 35  ? -14.570 -5.779  0.971   1.00 40.90 ? 34  ASN A O   1 
ATOM   167  C CB  . ASN A 1 35  ? -15.469 -6.364  3.555   1.00 43.91 ? 34  ASN A CB  1 
ATOM   168  C CG  . ASN A 1 35  ? -16.098 -6.096  4.917   1.00 44.13 ? 34  ASN A CG  1 
ATOM   169  O OD1 . ASN A 1 35  ? -15.684 -6.640  5.931   1.00 46.28 ? 34  ASN A OD1 1 
ATOM   170  N ND2 . ASN A 1 35  ? -17.112 -5.273  4.928   1.00 43.57 ? 34  ASN A ND2 1 
ATOM   171  N N   . ALA A 1 36  ? -16.621 -6.110  0.015   1.00 39.31 ? 35  ALA A N   1 
ATOM   172  C CA  . ALA A 1 36  ? -16.226 -5.907  -1.362  1.00 38.33 ? 35  ALA A CA  1 
ATOM   173  C C   . ALA A 1 36  ? -15.484 -4.591  -1.460  1.00 36.90 ? 35  ALA A C   1 
ATOM   174  O O   . ALA A 1 36  ? -16.025 -3.541  -1.087  1.00 36.52 ? 35  ALA A O   1 
ATOM   175  C CB  . ALA A 1 36  ? -17.449 -5.872  -2.260  1.00 38.51 ? 35  ALA A CB  1 
ATOM   176  N N   . ILE A 1 37  ? -14.242 -4.634  -1.941  1.00 34.60 ? 36  ILE A N   1 
ATOM   177  C CA  . ILE A 1 37  ? -13.489 -3.394  -2.119  1.00 33.69 ? 36  ILE A CA  1 
ATOM   178  C C   . ILE A 1 37  ? -13.557 -2.964  -3.580  1.00 32.70 ? 36  ILE A C   1 
ATOM   179  O O   . ILE A 1 37  ? -13.141 -3.698  -4.479  1.00 33.63 ? 36  ILE A O   1 
ATOM   180  C CB  . ILE A 1 37  ? -12.021 -3.533  -1.624  1.00 33.63 ? 36  ILE A CB  1 
ATOM   181  C CG1 . ILE A 1 37  ? -12.025 -3.641  -0.100  1.00 33.81 ? 36  ILE A CG1 1 
ATOM   182  C CG2 . ILE A 1 37  ? -11.184 -2.295  -2.060  1.00 33.01 ? 36  ILE A CG2 1 
ATOM   183  C CD1 . ILE A 1 37  ? -10.740 -4.216  0.483   1.00 37.76 ? 36  ILE A CD1 1 
ATOM   184  N N   . SER A 1 38  ? -14.050 -1.765  -3.806  1.00 32.93 ? 37  SER A N   1 
ATOM   185  C CA  . SER A 1 38  ? -14.255 -1.277  -5.140  1.00 33.50 ? 37  SER A CA  1 
ATOM   186  C C   . SER A 1 38  ? -12.887 -1.089  -5.810  1.00 33.33 ? 37  SER A C   1 
ATOM   187  O O   . SER A 1 38  ? -12.025 -0.429  -5.253  1.00 32.35 ? 37  SER A O   1 
ATOM   188  C CB  . SER A 1 38  ? -15.039 0.024   -5.079  1.00 34.65 ? 37  SER A CB  1 
ATOM   189  O OG  . SER A 1 38  ? -15.539 0.339   -6.351  1.00 37.21 ? 37  SER A OG  1 
ATOM   190  N N   . THR A 1 39  ? -12.735 -1.680  -6.991  1.00 33.94 ? 38  THR A N   1 
ATOM   191  C CA  . THR A 1 39  ? -11.450 -1.855  -7.668  1.00 34.04 ? 38  THR A CA  1 
ATOM   192  C C   . THR A 1 39  ? -10.869 -0.521  -8.096  1.00 33.75 ? 38  THR A C   1 
ATOM   193  O O   . THR A 1 39  ? -9.721  -0.206  -7.772  1.00 32.83 ? 38  THR A O   1 
ATOM   194  C CB  . THR A 1 39  ? -11.613 -2.765  -8.889  1.00 34.02 ? 38  THR A CB  1 
ATOM   195  O OG1 . THR A 1 39  ? -12.079 -4.058  -8.474  1.00 36.60 ? 38  THR A OG1 1 
ATOM   196  C CG2 . THR A 1 39  ? -10.298 -2.881  -9.686  1.00 33.41 ? 38  THR A CG2 1 
ATOM   197  N N   . ALA A 1 40  ? -11.676 0.300   -8.773  1.00 33.01 ? 39  ALA A N   1 
ATOM   198  C CA  . ALA A 1 40  ? -11.155 1.533   -9.366  1.00 31.72 ? 39  ALA A CA  1 
ATOM   199  C C   . ALA A 1 40  ? -10.611 2.515   -8.333  1.00 30.70 ? 39  ALA A C   1 
ATOM   200  O O   . ALA A 1 40  ? -9.510  3.053   -8.472  1.00 29.29 ? 39  ALA A O   1 
ATOM   201  C CB  . ALA A 1 40  ? -12.254 2.218   -10.254 1.00 33.26 ? 39  ALA A CB  1 
ATOM   202  N N   . GLU A 1 41  ? -11.380 2.749   -7.281  1.00 30.22 ? 40  GLU A N   1 
ATOM   203  C CA  . GLU A 1 41  ? -10.986 3.666   -6.225  1.00 29.52 ? 40  GLU A CA  1 
ATOM   204  C C   . GLU A 1 41  ? -9.761  3.132   -5.447  1.00 28.13 ? 40  GLU A C   1 
ATOM   205  O O   . GLU A 1 41  ? -8.887  3.888   -5.046  1.00 26.19 ? 40  GLU A O   1 
ATOM   206  C CB  . GLU A 1 41  ? -12.137 3.867   -5.230  1.00 31.52 ? 40  GLU A CB  1 
ATOM   207  C CG  . GLU A 1 41  ? -13.348 4.648   -5.816  1.00 33.42 ? 40  GLU A CG  1 
ATOM   208  C CD  . GLU A 1 41  ? -14.408 3.766   -6.442  1.00 37.37 ? 40  GLU A CD  1 
ATOM   209  O OE1 . GLU A 1 41  ? -14.131 2.616   -6.901  1.00 35.94 ? 40  GLU A OE1 1 
ATOM   210  O OE2 . GLU A 1 41  ? -15.562 4.252   -6.455  1.00 41.11 ? 40  GLU A OE2 1 
ATOM   211  N N   . PHE A 1 42  ? -9.746  1.834   -5.222  1.00 27.47 ? 41  PHE A N   1 
ATOM   212  C CA  . PHE A 1 42  ? -8.609  1.181   -4.555  1.00 27.10 ? 41  PHE A CA  1 
ATOM   213  C C   . PHE A 1 42  ? -7.317  1.360   -5.355  1.00 26.43 ? 41  PHE A C   1 
ATOM   214  O O   . PHE A 1 42  ? -6.281  1.695   -4.788  1.00 25.13 ? 41  PHE A O   1 
ATOM   215  C CB  . PHE A 1 42  ? -8.912  -0.282  -4.426  1.00 27.08 ? 41  PHE A CB  1 
ATOM   216  C CG  . PHE A 1 42  ? -7.756  -1.107  -3.919  1.00 26.18 ? 41  PHE A CG  1 
ATOM   217  C CD1 . PHE A 1 42  ? -7.431  -1.115  -2.574  1.00 26.87 ? 41  PHE A CD1 1 
ATOM   218  C CD2 . PHE A 1 42  ? -6.999  -1.873  -4.798  1.00 26.23 ? 41  PHE A CD2 1 
ATOM   219  C CE1 . PHE A 1 42  ? -6.346  -1.909  -2.109  1.00 26.19 ? 41  PHE A CE1 1 
ATOM   220  C CE2 . PHE A 1 42  ? -5.921  -2.656  -4.339  1.00 28.53 ? 41  PHE A CE2 1 
ATOM   221  C CZ  . PHE A 1 42  ? -5.607  -2.663  -3.002  1.00 25.22 ? 41  PHE A CZ  1 
ATOM   222  N N   . LEU A 1 43  ? -7.364  1.132   -6.671  1.00 25.82 ? 42  LEU A N   1 
ATOM   223  C CA  . LEU A 1 43  ? -6.158  1.259   -7.471  1.00 26.04 ? 42  LEU A CA  1 
ATOM   224  C C   . LEU A 1 43  ? -5.680  2.702   -7.493  1.00 26.42 ? 42  LEU A C   1 
ATOM   225  O O   . LEU A 1 43  ? -4.460  2.991   -7.375  1.00 26.12 ? 42  LEU A O   1 
ATOM   226  C CB  . LEU A 1 43  ? -6.385  0.730   -8.891  1.00 26.32 ? 42  LEU A CB  1 
ATOM   227  C CG  . LEU A 1 43  ? -6.662  -0.772  -8.978  1.00 28.22 ? 42  LEU A CG  1 
ATOM   228  C CD1 . LEU A 1 43  ? -6.979  -1.255  -10.446 1.00 30.10 ? 42  LEU A CD1 1 
ATOM   229  C CD2 . LEU A 1 43  ? -5.539  -1.595  -8.402  1.00 27.89 ? 42  LEU A CD2 1 
ATOM   230  N N   . GLU A 1 44  ? -6.620  3.634   -7.601  1.00 25.82 ? 43  GLU A N   1 
ATOM   231  C CA  . GLU A 1 44  ? -6.301  5.041   -7.559  1.00 26.08 ? 43  GLU A CA  1 
ATOM   232  C C   . GLU A 1 44  ? -5.702  5.444   -6.217  1.00 24.91 ? 43  GLU A C   1 
ATOM   233  O O   . GLU A 1 44  ? -4.803  6.284   -6.146  1.00 24.80 ? 43  GLU A O   1 
ATOM   234  C CB  . GLU A 1 44  ? -7.577  5.887   -7.814  1.00 27.97 ? 43  GLU A CB  1 
ATOM   235  C CG  . GLU A 1 44  ? -7.518  6.721   -9.049  1.00 34.64 ? 43  GLU A CG  1 
ATOM   236  C CD  . GLU A 1 44  ? -8.766  7.615   -9.274  1.00 41.22 ? 43  GLU A CD  1 
ATOM   237  O OE1 . GLU A 1 44  ? -9.127  7.761   -10.456 1.00 48.23 ? 43  GLU A OE1 1 
ATOM   238  O OE2 . GLU A 1 44  ? -9.370  8.164   -8.312  1.00 39.83 ? 43  GLU A OE2 1 
ATOM   239  N N   . ALA A 1 45  ? -6.225  4.877   -5.134  1.00 25.09 ? 44  ALA A N   1 
ATOM   240  C CA  . ALA A 1 45  ? -5.682  5.132   -3.786  1.00 23.80 ? 44  ALA A CA  1 
ATOM   241  C C   . ALA A 1 45  ? -4.239  4.589   -3.614  1.00 23.38 ? 44  ALA A C   1 
ATOM   242  O O   . ALA A 1 45  ? -3.383  5.250   -3.017  1.00 24.08 ? 44  ALA A O   1 
ATOM   243  C CB  . ALA A 1 45  ? -6.562  4.515   -2.726  1.00 23.79 ? 44  ALA A CB  1 
ATOM   244  N N   . ALA A 1 46  ? -4.000  3.408   -4.130  1.00 24.84 ? 45  ALA A N   1 
ATOM   245  C CA  . ALA A 1 46  ? -2.639  2.796   -4.092  1.00 24.65 ? 45  ALA A CA  1 
ATOM   246  C C   . ALA A 1 46  ? -1.642  3.677   -4.882  1.00 25.23 ? 45  ALA A C   1 
ATOM   247  O O   . ALA A 1 46  ? -0.553  4.025   -4.418  1.00 24.37 ? 45  ALA A O   1 
ATOM   248  C CB  . ALA A 1 46  ? -2.696  1.393   -4.642  1.00 25.04 ? 45  ALA A CB  1 
ATOM   249  N N   . GLU A 1 47  ? -2.046  4.111   -6.068  1.00 25.36 ? 46  GLU A N   1 
ATOM   250  C CA  . GLU A 1 47  ? -1.221  5.015   -6.880  1.00 26.88 ? 46  GLU A CA  1 
ATOM   251  C C   . GLU A 1 47  ? -0.957  6.340   -6.159  1.00 26.76 ? 46  GLU A C   1 
ATOM   252  O O   . GLU A 1 47  ? 0.181   6.825   -6.138  1.00 26.46 ? 46  GLU A O   1 
ATOM   253  C CB  . GLU A 1 47  ? -1.927  5.245   -8.246  1.00 28.61 ? 46  GLU A CB  1 
ATOM   254  C CG  . GLU A 1 47  ? -1.123  5.989   -9.292  1.00 34.75 ? 46  GLU A CG  1 
ATOM   255  C CD  . GLU A 1 47  ? -0.813  5.127   -10.533 1.00 42.15 ? 46  GLU A CD  1 
ATOM   256  O OE1 . GLU A 1 47  ? -1.353  3.989   -10.641 1.00 45.73 ? 46  GLU A OE1 1 
ATOM   257  O OE2 . GLU A 1 47  ? -0.046  5.591   -11.420 1.00 48.50 ? 46  GLU A OE2 1 
ATOM   258  N N   . SER A 1 48  ? -1.963  6.909   -5.486  1.00 26.59 ? 47  SER A N   1 
ATOM   259  C CA  . SER A 1 48  ? -1.740  8.173   -4.751  1.00 27.42 ? 47  SER A CA  1 
ATOM   260  C C   . SER A 1 48  ? -0.742  7.958   -3.603  1.00 26.87 ? 47  SER A C   1 
ATOM   261  O O   . SER A 1 48  ? 0.080   8.834   -3.286  1.00 26.73 ? 47  SER A O   1 
ATOM   262  C CB  . SER A 1 48  ? -3.052  8.750   -4.185  1.00 27.81 ? 47  SER A CB  1 
ATOM   263  O OG  . SER A 1 48  ? -3.928  9.174   -5.238  1.00 30.07 ? 47  SER A OG  1 
ATOM   264  N N   . LEU A 1 49  ? -0.837  6.805   -2.962  1.00 26.33 ? 48  LEU A N   1 
ATOM   265  C CA  . LEU A 1 49  ? 0.037   6.522   -1.840  1.00 25.90 ? 48  LEU A CA  1 
ATOM   266  C C   . LEU A 1 49  ? 1.494   6.493   -2.302  1.00 26.44 ? 48  LEU A C   1 
ATOM   267  O O   . LEU A 1 49  ? 2.391   6.918   -1.556  1.00 27.04 ? 48  LEU A O   1 
ATOM   268  C CB  . LEU A 1 49  ? -0.338  5.204   -1.154  1.00 25.13 ? 48  LEU A CB  1 
ATOM   269  C CG  . LEU A 1 49  ? 0.594   4.750   -0.009  1.00 27.17 ? 48  LEU A CG  1 
ATOM   270  C CD1 . LEU A 1 49  ? 0.937   5.926   0.900   1.00 31.30 ? 48  LEU A CD1 1 
ATOM   271  C CD2 . LEU A 1 49  ? 0.024   3.640   0.849   1.00 30.05 ? 48  LEU A CD2 1 
ATOM   272  N N   . THR A 1 50  ? 1.740   5.997   -3.514  1.00 26.51 ? 49  THR A N   1 
ATOM   273  C CA  . THR A 1 50  ? 3.128   5.980   -4.037  1.00 27.78 ? 49  THR A CA  1 
ATOM   274  C C   . THR A 1 50  ? 3.773   7.372   -4.117  1.00 30.04 ? 49  THR A C   1 
ATOM   275  O O   . THR A 1 50  ? 4.998   7.459   -4.110  1.00 31.19 ? 49  THR A O   1 
ATOM   276  C CB  . THR A 1 50  ? 3.283   5.224   -5.412  1.00 26.91 ? 49  THR A CB  1 
ATOM   277  O OG1 . THR A 1 50  ? 2.736   6.009   -6.489  1.00 27.47 ? 49  THR A OG1 1 
ATOM   278  C CG2 . THR A 1 50  ? 2.606   3.920   -5.362  1.00 24.05 ? 49  THR A CG2 1 
ATOM   279  N N   . THR A 1 51  ? 2.985   8.443   -4.144  1.00 31.99 ? 50  THR A N   1 
ATOM   280  C CA  . THR A 1 51  ? 3.562   9.795   -4.181  1.00 33.86 ? 50  THR A CA  1 
ATOM   281  C C   . THR A 1 51  ? 4.228   10.133  -2.859  1.00 34.34 ? 50  THR A C   1 
ATOM   282  O O   . THR A 1 51  ? 5.078   11.017  -2.788  1.00 34.20 ? 50  THR A O   1 
ATOM   283  C CB  . THR A 1 51  ? 2.520   10.885  -4.591  1.00 34.67 ? 50  THR A CB  1 
ATOM   284  O OG1 . THR A 1 51  ? 1.435   10.953  -3.644  1.00 36.21 ? 50  THR A OG1 1 
ATOM   285  C CG2 . THR A 1 51  ? 1.963   10.575  -5.999  1.00 35.76 ? 50  THR A CG2 1 
ATOM   286  N N   . MET A 1 52  ? 3.890   9.391   -1.812  1.00 34.53 ? 51  MET A N   1 
ATOM   287  C CA  . MET A 1 52  ? 4.512   9.597   -0.521  1.00 36.02 ? 51  MET A CA  1 
ATOM   288  C C   . MET A 1 52  ? 5.976   9.114   -0.561  1.00 35.69 ? 51  MET A C   1 
ATOM   289  O O   . MET A 1 52  ? 6.829   9.621   0.154   1.00 35.91 ? 51  MET A O   1 
ATOM   290  C CB  . MET A 1 52  ? 3.687   8.893   0.560   1.00 36.80 ? 51  MET A CB  1 
ATOM   291  C CG  . MET A 1 52  ? 4.363   8.757   1.873   1.00 41.53 ? 51  MET A CG  1 
ATOM   292  S SD  . MET A 1 52  ? 3.977   10.215  2.761   1.00 51.81 ? 51  MET A SD  1 
ATOM   293  C CE  . MET A 1 52  ? 2.235   9.906   3.120   1.00 40.31 ? 51  MET A CE  1 
ATOM   294  N N   . PHE A 1 53  ? 6.276   8.146   -1.419  1.00 35.75 ? 52  PHE A N   1 
ATOM   295  C CA  . PHE A 1 53  ? 7.653   7.733   -1.601  1.00 35.51 ? 52  PHE A CA  1 
ATOM   296  C C   . PHE A 1 53  ? 8.523   8.865   -2.100  1.00 35.78 ? 52  PHE A C   1 
ATOM   297  O O   . PHE A 1 53  ? 9.689   8.935   -1.734  1.00 35.73 ? 52  PHE A O   1 
ATOM   298  C CB  . PHE A 1 53  ? 7.750   6.525   -2.509  1.00 35.01 ? 52  PHE A CB  1 
ATOM   299  C CG  . PHE A 1 53  ? 7.111   5.314   -1.926  1.00 34.21 ? 52  PHE A CG  1 
ATOM   300  C CD1 . PHE A 1 53  ? 7.477   4.866   -0.653  1.00 33.74 ? 52  PHE A CD1 1 
ATOM   301  C CD2 . PHE A 1 53  ? 6.136   4.646   -2.619  1.00 31.96 ? 52  PHE A CD2 1 
ATOM   302  C CE1 . PHE A 1 53  ? 6.828   3.756   -0.095  1.00 36.59 ? 52  PHE A CE1 1 
ATOM   303  C CE2 . PHE A 1 53  ? 5.500   3.549   -2.083  1.00 35.27 ? 52  PHE A CE2 1 
ATOM   304  C CZ  . PHE A 1 53  ? 5.831   3.106   -0.822  1.00 35.24 ? 52  PHE A CZ  1 
ATOM   305  N N   . ASP A 1 54  ? 7.946   9.749   -2.897  1.00 36.87 ? 53  ASP A N   1 
ATOM   306  C CA  . ASP A 1 54  ? 8.680   10.915  -3.390  1.00 38.73 ? 53  ASP A CA  1 
ATOM   307  C C   . ASP A 1 54  ? 9.012   11.900  -2.270  1.00 40.36 ? 53  ASP A C   1 
ATOM   308  O O   . ASP A 1 54  ? 10.111  12.465  -2.237  1.00 40.85 ? 53  ASP A O   1 
ATOM   309  C CB  . ASP A 1 54  ? 7.896   11.566  -4.508  1.00 39.00 ? 53  ASP A CB  1 
ATOM   310  C CG  . ASP A 1 54  ? 7.812   10.660  -5.740  1.00 38.59 ? 53  ASP A CG  1 
ATOM   311  O OD1 . ASP A 1 54  ? 8.785   9.911   -6.006  1.00 36.19 ? 53  ASP A OD1 1 
ATOM   312  O OD2 . ASP A 1 54  ? 6.765   10.658  -6.397  1.00 45.18 ? 53  ASP A OD2 1 
ATOM   313  N N   . VAL A 1 55  ? 8.073   12.048  -1.336  1.00 41.42 ? 54  VAL A N   1 
ATOM   314  C CA  . VAL A 1 55  ? 8.243   12.895  -0.151  1.00 42.34 ? 54  VAL A CA  1 
ATOM   315  C C   . VAL A 1 55  ? 9.344   12.321  0.709   1.00 42.16 ? 54  VAL A C   1 
ATOM   316  O O   . VAL A 1 55  ? 10.200  13.052  1.182   1.00 44.59 ? 54  VAL A O   1 
ATOM   317  C CB  . VAL A 1 55  ? 6.940   12.970  0.685   1.00 42.12 ? 54  VAL A CB  1 
ATOM   318  C CG1 . VAL A 1 55  ? 7.140   13.833  1.926   1.00 44.85 ? 54  VAL A CG1 1 
ATOM   319  C CG2 . VAL A 1 55  ? 5.809   13.513  -0.137  1.00 43.33 ? 54  VAL A CG2 1 
ATOM   320  N N   . LEU A 1 56  ? 9.332   11.005  0.901   1.00 41.43 ? 55  LEU A N   1 
ATOM   321  C CA  . LEU A 1 56  ? 10.320  10.311  1.728   1.00 40.93 ? 55  LEU A CA  1 
ATOM   322  C C   . LEU A 1 56  ? 11.732  10.310  1.138   1.00 41.92 ? 55  LEU A C   1 
ATOM   323  O O   . LEU A 1 56  ? 12.736  10.402  1.878   1.00 42.13 ? 55  LEU A O   1 
ATOM   324  C CB  . LEU A 1 56  ? 9.914   8.844   1.907   1.00 40.05 ? 55  LEU A CB  1 
ATOM   325  C CG  . LEU A 1 56  ? 8.827   8.593   2.945   1.00 40.05 ? 55  LEU A CG  1 
ATOM   326  C CD1 . LEU A 1 56  ? 8.244   7.177   2.771   1.00 37.29 ? 55  LEU A CD1 1 
ATOM   327  C CD2 . LEU A 1 56  ? 9.441   8.741   4.333   1.00 34.93 ? 55  LEU A CD2 1 
ATOM   328  N N   . GLY A 1 57  ? 11.814  10.155  -0.179  1.00 40.33 ? 56  GLY A N   1 
ATOM   329  C CA  . GLY A 1 57  ? 13.106  9.980   -0.815  1.00 40.13 ? 56  GLY A CA  1 
ATOM   330  C C   . GLY A 1 57  ? 12.942  9.432   -2.217  1.00 38.50 ? 56  GLY A C   1 
ATOM   331  O O   . GLY A 1 57  ? 13.020  8.203   -2.433  1.00 39.07 ? 56  GLY A O   1 
ATOM   332  N N   . SER A 1 58  ? 12.781  10.363  -3.158  1.00 38.01 ? 57  SER A N   1 
ATOM   333  C CA  . SER A 1 58  ? 12.475  10.058  -4.564  1.00 37.76 ? 57  SER A CA  1 
ATOM   334  C C   . SER A 1 58  ? 13.375  8.963   -5.123  1.00 35.77 ? 57  SER A C   1 
ATOM   335  O O   . SER A 1 58  ? 12.884  7.934   -5.598  1.00 34.73 ? 57  SER A O   1 
ATOM   336  C CB  . SER A 1 58  ? 12.571  11.310  -5.433  1.00 38.22 ? 57  SER A CB  1 
ATOM   337  O OG  . SER A 1 58  ? 11.567  11.275  -6.424  1.00 43.25 ? 57  SER A OG  1 
ATOM   338  N N   . ILE A 1 59  ? 14.686  9.172   -5.030  1.00 33.56 ? 58  ILE A N   1 
ATOM   339  C CA  . ILE A 1 59  ? 15.652  8.223   -5.531  1.00 33.65 ? 58  ILE A CA  1 
ATOM   340  C C   . ILE A 1 59  ? 15.658  6.965   -4.675  1.00 33.64 ? 58  ILE A C   1 
ATOM   341  O O   . ILE A 1 59  ? 15.593  5.841   -5.201  1.00 34.09 ? 58  ILE A O   1 
ATOM   342  C CB  . ILE A 1 59  ? 17.111  8.856   -5.606  1.00 33.65 ? 58  ILE A CB  1 
ATOM   343  C CG1 . ILE A 1 59  ? 17.245  9.815   -6.813  1.00 35.96 ? 58  ILE A CG1 1 
ATOM   344  C CG2 . ILE A 1 59  ? 18.124  7.839   -5.807  1.00 30.99 ? 58  ILE A CG2 1 
ATOM   345  C CD1 . ILE A 1 59  ? 16.355  10.997  -6.781  1.00 38.14 ? 58  ILE A CD1 1 
ATOM   346  N N   . ALA A 1 60  ? 15.768  7.165   -3.360  1.00 33.28 ? 59  ALA A N   1 
ATOM   347  C CA  . ALA A 1 60  ? 15.962  6.054   -2.427  1.00 32.95 ? 59  ALA A CA  1 
ATOM   348  C C   . ALA A 1 60  ? 14.818  5.038   -2.502  1.00 31.26 ? 59  ALA A C   1 
ATOM   349  O O   . ALA A 1 60  ? 15.056  3.839   -2.607  1.00 32.96 ? 59  ALA A O   1 
ATOM   350  C CB  . ALA A 1 60  ? 16.084  6.608   -0.983  1.00 32.86 ? 59  ALA A CB  1 
ATOM   351  N N   . PHE A 1 61  ? 13.608  5.548   -2.452  1.00 31.17 ? 60  PHE A N   1 
ATOM   352  C CA  . PHE A 1 61  ? 12.382  4.726   -2.501  1.00 30.92 ? 60  PHE A CA  1 
ATOM   353  C C   . PHE A 1 61  ? 11.826  4.449   -3.883  1.00 29.87 ? 60  PHE A C   1 
ATOM   354  O O   . PHE A 1 61  ? 10.759  3.842   -3.990  1.00 26.92 ? 60  PHE A O   1 
ATOM   355  C CB  . PHE A 1 61  ? 11.311  5.363   -1.659  1.00 31.54 ? 60  PHE A CB  1 
ATOM   356  C CG  . PHE A 1 61  ? 11.504  5.090   -0.198  1.00 37.02 ? 60  PHE A CG  1 
ATOM   357  C CD1 . PHE A 1 61  ? 11.066  3.879   0.351   1.00 40.45 ? 60  PHE A CD1 1 
ATOM   358  C CD2 . PHE A 1 61  ? 12.188  5.998   0.612   1.00 38.39 ? 60  PHE A CD2 1 
ATOM   359  C CE1 . PHE A 1 61  ? 11.267  3.596   1.724   1.00 42.84 ? 60  PHE A CE1 1 
ATOM   360  C CE2 . PHE A 1 61  ? 12.403  5.714   1.973   1.00 40.47 ? 60  PHE A CE2 1 
ATOM   361  C CZ  . PHE A 1 61  ? 11.926  4.521   2.520   1.00 41.88 ? 60  PHE A CZ  1 
ATOM   362  N N   . SER A 1 62  ? 12.554  4.847   -4.935  1.00 28.34 ? 61  SER A N   1 
ATOM   363  C CA  . SER A 1 62  ? 12.091  4.536   -6.288  1.00 28.84 ? 61  SER A CA  1 
ATOM   364  C C   . SER A 1 62  ? 11.895  3.029   -6.565  1.00 28.11 ? 61  SER A C   1 
ATOM   365  O O   . SER A 1 62  ? 10.983  2.640   -7.300  1.00 27.82 ? 61  SER A O   1 
ATOM   366  C CB  . SER A 1 62  ? 12.945  5.279   -7.356  1.00 29.15 ? 61  SER A CB  1 
ATOM   367  O OG  . SER A 1 62  ? 14.250  4.784   -7.323  1.00 32.07 ? 61  SER A OG  1 
ATOM   368  N N   . PRO A 1 63  ? 12.724  2.141   -5.972  1.00 28.82 ? 62  PRO A N   1 
ATOM   369  C CA  . PRO A 1 63  ? 12.401  0.731   -6.190  1.00 29.10 ? 62  PRO A CA  1 
ATOM   370  C C   . PRO A 1 63  ? 11.041  0.310   -5.588  1.00 27.89 ? 62  PRO A C   1 
ATOM   371  O O   . PRO A 1 63  ? 10.325  -0.451  -6.214  1.00 28.79 ? 62  PRO A O   1 
ATOM   372  C CB  . PRO A 1 63  ? 13.562  -0.022  -5.495  1.00 29.56 ? 62  PRO A CB  1 
ATOM   373  C CG  . PRO A 1 63  ? 14.627  0.980   -5.267  1.00 28.97 ? 62  PRO A CG  1 
ATOM   374  C CD  . PRO A 1 63  ? 13.965  2.305   -5.183  1.00 28.96 ? 62  PRO A CD  1 
ATOM   375  N N   . VAL A 1 64  ? 10.690  0.837   -4.436  1.00 28.14 ? 63  VAL A N   1 
ATOM   376  C CA  . VAL A 1 64  ? 9.418   0.522   -3.775  1.00 28.11 ? 63  VAL A CA  1 
ATOM   377  C C   . VAL A 1 64  ? 8.228   1.077   -4.593  1.00 27.47 ? 63  VAL A C   1 
ATOM   378  O O   . VAL A 1 64  ? 7.238   0.385   -4.808  1.00 24.97 ? 63  VAL A O   1 
ATOM   379  C CB  . VAL A 1 64  ? 9.351   1.109   -2.382  1.00 28.48 ? 63  VAL A CB  1 
ATOM   380  C CG1 . VAL A 1 64  ? 8.137   0.537   -1.625  1.00 28.77 ? 63  VAL A CG1 1 
ATOM   381  C CG2 . VAL A 1 64  ? 10.657  0.785   -1.629  1.00 31.47 ? 63  VAL A CG2 1 
HETATM 382  N N   . MLY A 1 65  ? 8.354   2.328   -5.020  1.00 25.13 ? 64  MLY A N   1 
HETATM 383  C CA  . MLY A 1 65  ? 7.350   2.956   -5.913  1.00 24.82 ? 64  MLY A CA  1 
HETATM 384  C CB  . MLY A 1 65  ? 7.743   4.394   -6.184  1.00 24.86 ? 64  MLY A CB  1 
HETATM 385  C CG  . MLY A 1 65  ? 6.803   5.144   -7.145  1.00 25.79 ? 64  MLY A CG  1 
HETATM 386  C CD  . MLY A 1 65  ? 7.164   6.633   -7.277  1.00 29.74 ? 64  MLY A CD  1 
HETATM 387  C CE  . MLY A 1 65  ? 8.601   6.857   -7.780  1.00 33.15 ? 64  MLY A CE  1 
HETATM 388  N NZ  . MLY A 1 65  ? 8.774   7.779   -8.967  1.00 40.45 ? 64  MLY A NZ  1 
HETATM 389  C CH1 . MLY A 1 65  ? 10.201  8.195   -9.044  1.00 39.67 ? 64  MLY A CH1 1 
HETATM 390  C CH2 . MLY A 1 65  ? 7.853   8.942   -9.069  1.00 39.05 ? 64  MLY A CH2 1 
HETATM 391  C C   . MLY A 1 65  ? 7.188   2.175   -7.181  1.00 24.40 ? 64  MLY A C   1 
HETATM 392  O O   . MLY A 1 65  ? 6.053   1.822   -7.563  1.00 23.94 ? 64  MLY A O   1 
ATOM   393  N N   . THR A 1 66  ? 8.301   1.814   -7.827  1.00 23.77 ? 65  THR A N   1 
ATOM   394  C CA  . THR A 1 66  ? 8.239   1.084   -9.108  1.00 22.81 ? 65  THR A CA  1 
ATOM   395  C C   . THR A 1 66  ? 7.549   -0.261  -8.955  1.00 23.32 ? 65  THR A C   1 
ATOM   396  O O   . THR A 1 66  ? 6.681   -0.641  -9.755  1.00 21.71 ? 65  THR A O   1 
ATOM   397  C CB  . THR A 1 66  ? 9.654   0.903   -9.678  1.00 23.28 ? 65  THR A CB  1 
ATOM   398  O OG1 . THR A 1 66  ? 10.209  2.191   -9.966  1.00 23.86 ? 65  THR A OG1 1 
ATOM   399  C CG2 . THR A 1 66  ? 9.612   0.095   -10.968 1.00 24.33 ? 65  THR A CG2 1 
ATOM   400  N N   . ASP A 1 67  ? 7.940   -0.983  -7.908  1.00 23.37 ? 66  ASP A N   1 
ATOM   401  C CA  . ASP A 1 67  ? 7.351   -2.285  -7.571  1.00 24.74 ? 66  ASP A CA  1 
ATOM   402  C C   . ASP A 1 67  ? 5.839   -2.152  -7.339  1.00 23.82 ? 66  ASP A C   1 
ATOM   403  O O   . ASP A 1 67  ? 5.029   -2.890  -7.906  1.00 24.20 ? 66  ASP A O   1 
ATOM   404  C CB  . ASP A 1 67  ? 8.037   -2.795  -6.289  1.00 25.00 ? 66  ASP A CB  1 
ATOM   405  C CG  . ASP A 1 67  ? 7.759   -4.257  -5.993  1.00 30.71 ? 66  ASP A CG  1 
ATOM   406  O OD1 . ASP A 1 67  ? 7.484   -5.036  -6.902  1.00 35.35 ? 66  ASP A OD1 1 
ATOM   407  O OD2 . ASP A 1 67  ? 7.824   -4.616  -4.818  1.00 39.75 ? 66  ASP A OD2 1 
ATOM   408  N N   . MET A 1 68  ? 5.453   -1.209  -6.505  1.00 24.52 ? 67  MET A N   1 
ATOM   409  C CA  A MET A 1 68  ? 4.034   -0.994  -6.164  0.50 23.78 ? 67  MET A CA  1 
ATOM   410  C CA  B MET A 1 68  ? 4.040   -1.063  -6.192  0.50 24.45 ? 67  MET A CA  1 
ATOM   411  C C   . MET A 1 68  ? 3.233   -0.627  -7.433  1.00 24.37 ? 67  MET A C   1 
ATOM   412  O O   . MET A 1 68  ? 2.157   -1.185  -7.716  1.00 24.45 ? 67  MET A O   1 
ATOM   413  C CB  A MET A 1 68  ? 3.905   0.097   -5.080  0.50 23.51 ? 67  MET A CB  1 
ATOM   414  C CB  B MET A 1 68  ? 3.889   -0.131  -5.005  0.50 24.57 ? 67  MET A CB  1 
ATOM   415  C CG  A MET A 1 68  ? 2.473   0.280   -4.536  0.50 22.30 ? 67  MET A CG  1 
ATOM   416  C CG  B MET A 1 68  ? 4.431   -0.777  -3.719  0.50 26.21 ? 67  MET A CG  1 
ATOM   417  S SD  A MET A 1 68  ? 2.181   1.275   -3.025  0.50 24.14 ? 67  MET A SD  1 
ATOM   418  S SD  B MET A 1 68  ? 4.139   0.232   -2.271  0.50 28.17 ? 67  MET A SD  1 
ATOM   419  C CE  A MET A 1 68  ? 2.892   0.224   -1.760  0.50 23.23 ? 67  MET A CE  1 
ATOM   420  C CE  B MET A 1 68  ? 2.364   0.039   -2.229  0.50 27.84 ? 67  MET A CE  1 
ATOM   421  N N   . LEU A 1 69  ? 3.752   0.316   -8.199  1.00 24.13 ? 68  LEU A N   1 
ATOM   422  C CA  . LEU A 1 69  ? 3.059   0.723   -9.455  1.00 23.90 ? 68  LEU A CA  1 
ATOM   423  C C   . LEU A 1 69  ? 2.910   -0.423  -10.471 1.00 24.77 ? 68  LEU A C   1 
ATOM   424  O O   . LEU A 1 69  ? 1.880   -0.552  -11.129 1.00 24.46 ? 68  LEU A O   1 
ATOM   425  C CB  . LEU A 1 69  ? 3.733   1.943   -10.093 1.00 24.36 ? 68  LEU A CB  1 
ATOM   426  C CG  . LEU A 1 69  ? 3.729   3.281   -9.375  1.00 25.72 ? 68  LEU A CG  1 
ATOM   427  C CD1 . LEU A 1 69  ? 4.614   4.280   -10.126 1.00 27.46 ? 68  LEU A CD1 1 
ATOM   428  C CD2 . LEU A 1 69  ? 2.319   3.837   -9.140  1.00 28.46 ? 68  LEU A CD2 1 
ATOM   429  N N   . GLY A 1 70  ? 3.909   -1.306  -10.555 1.00 25.35 ? 69  GLY A N   1 
ATOM   430  C CA  . GLY A 1 70  ? 3.806   -2.509  -11.370 1.00 26.11 ? 69  GLY A CA  1 
ATOM   431  C C   . GLY A 1 70  ? 2.721   -3.460  -10.943 1.00 27.11 ? 69  GLY A C   1 
ATOM   432  O O   . GLY A 1 70  ? 2.014   -4.060  -11.777 1.00 28.13 ? 69  GLY A O   1 
ATOM   433  N N   . ASN A 1 71  ? 2.547   -3.610  -9.635  1.00 26.88 ? 70  ASN A N   1 
ATOM   434  C CA  . ASN A 1 71  ? 1.509   -4.478  -9.136  1.00 26.30 ? 70  ASN A CA  1 
ATOM   435  C C   . ASN A 1 71  ? 0.114   -3.865  -9.362  1.00 26.17 ? 70  ASN A C   1 
ATOM   436  O O   . ASN A 1 71  ? -0.840  -4.597  -9.720  1.00 26.62 ? 70  ASN A O   1 
ATOM   437  C CB  . ASN A 1 71  ? 1.784   -4.813  -7.681  1.00 25.33 ? 70  ASN A CB  1 
ATOM   438  C CG  . ASN A 1 71  ? 2.956   -5.770  -7.538  1.00 28.25 ? 70  ASN A CG  1 
ATOM   439  O OD1 . ASN A 1 71  ? 3.096   -6.697  -8.331  1.00 30.44 ? 70  ASN A OD1 1 
ATOM   440  N ND2 . ASN A 1 71  ? 3.828   -5.518  -6.565  1.00 29.69 ? 70  ASN A ND2 1 
ATOM   441  N N   . VAL A 1 72  ? 0.004   -2.556  -9.160  1.00 25.18 ? 71  VAL A N   1 
ATOM   442  C CA  . VAL A 1 72  ? -1.228  -1.815  -9.488  1.00 26.68 ? 71  VAL A CA  1 
ATOM   443  C C   . VAL A 1 72  ? -1.609  -2.073  -10.961 1.00 28.63 ? 71  VAL A C   1 
ATOM   444  O O   . VAL A 1 72  ? -2.797  -2.345  -11.282 1.00 29.81 ? 71  VAL A O   1 
ATOM   445  C CB  . VAL A 1 72  ? -1.111  -0.344  -9.258  1.00 25.80 ? 71  VAL A CB  1 
ATOM   446  C CG1 . VAL A 1 72  ? -2.283  0.420   -9.948  1.00 26.35 ? 71  VAL A CG1 1 
ATOM   447  C CG2 . VAL A 1 72  ? -1.062  0.035   -7.725  1.00 24.87 ? 71  VAL A CG2 1 
ATOM   448  N N   . GLU A 1 73  ? -0.609  -2.007  -11.828 1.00 30.24 ? 72  GLU A N   1 
ATOM   449  C CA  . GLU A 1 73  ? -0.846  -2.143  -13.252 1.00 31.87 ? 72  GLU A CA  1 
ATOM   450  C C   . GLU A 1 73  ? -1.295  -3.540  -13.627 1.00 32.12 ? 72  GLU A C   1 
ATOM   451  O O   . GLU A 1 73  ? -2.177  -3.692  -14.484 1.00 33.33 ? 72  GLU A O   1 
ATOM   452  C CB  . GLU A 1 73  ? 0.369   -1.752  -14.060 1.00 32.67 ? 72  GLU A CB  1 
ATOM   453  C CG  . GLU A 1 73  ? 0.219   -2.062  -15.570 1.00 36.80 ? 72  GLU A CG  1 
ATOM   454  C CD  . GLU A 1 73  ? -0.925  -1.249  -16.238 1.00 41.71 ? 72  GLU A CD  1 
ATOM   455  O OE1 . GLU A 1 73  ? -1.257  -0.122  -15.780 1.00 43.15 ? 72  GLU A OE1 1 
ATOM   456  O OE2 . GLU A 1 73  ? -1.457  -1.741  -17.250 1.00 43.84 ? 72  GLU A OE2 1 
HETATM 457  N N   . MLY A 1 74  ? -0.705  -4.557  -13.020 1.00 32.41 ? 73  MLY A N   1 
HETATM 458  C CA  . MLY A 1 74  ? -1.173  -5.929  -13.222 1.00 33.67 ? 73  MLY A CA  1 
HETATM 459  C CB  . MLY A 1 74  ? -0.443  -6.949  -12.364 1.00 33.78 ? 73  MLY A CB  1 
HETATM 460  C CG  . MLY A 1 74  ? 0.968   -7.230  -12.844 1.00 34.87 ? 73  MLY A CG  1 
HETATM 461  C CD  . MLY A 1 74  ? 1.567   -8.324  -11.970 1.00 37.82 ? 73  MLY A CD  1 
HETATM 462  C CE  . MLY A 1 74  ? 3.080   -8.356  -12.105 1.00 41.57 ? 73  MLY A CE  1 
HETATM 463  N NZ  . MLY A 1 74  ? 3.654   -9.715  -12.049 1.00 44.05 ? 73  MLY A NZ  1 
HETATM 464  C CH1 . MLY A 1 74  ? 2.850   -10.663 -11.252 1.00 43.30 ? 73  MLY A CH1 1 
HETATM 465  C CH2 . MLY A 1 74  ? 5.064   -9.656  -11.602 1.00 44.46 ? 73  MLY A CH2 1 
HETATM 466  C C   . MLY A 1 74  ? -2.652  -6.084  -12.939 1.00 34.15 ? 73  MLY A C   1 
HETATM 467  O O   . MLY A 1 74  ? -3.364  -6.790  -13.676 1.00 34.02 ? 73  MLY A O   1 
ATOM   468  N N   . ILE A 1 75  ? -3.121  -5.433  -11.871 1.00 33.56 ? 74  ILE A N   1 
ATOM   469  C CA  . ILE A 1 75  ? -4.528  -5.484  -11.492 1.00 33.48 ? 74  ILE A CA  1 
ATOM   470  C C   . ILE A 1 75  ? -5.405  -4.696  -12.491 1.00 34.13 ? 74  ILE A C   1 
ATOM   471  O O   . ILE A 1 75  ? -6.442  -5.205  -12.941 1.00 34.76 ? 74  ILE A O   1 
ATOM   472  C CB  . ILE A 1 75  ? -4.727  -4.969  -10.049 1.00 32.70 ? 74  ILE A CB  1 
ATOM   473  C CG1 . ILE A 1 75  ? -3.936  -5.828  -9.028  1.00 30.71 ? 74  ILE A CG1 1 
ATOM   474  C CG2 . ILE A 1 75  ? -6.194  -4.952  -9.690  1.00 32.61 ? 74  ILE A CG2 1 
ATOM   475  C CD1 . ILE A 1 75  ? -3.724  -5.123  -7.668  1.00 28.22 ? 74  ILE A CD1 1 
ATOM   476  N N   . ARG A 1 76  ? -4.997  -3.476  -12.807 1.00 35.34 ? 75  ARG A N   1 
ATOM   477  C CA  . ARG A 1 76  ? -5.673  -2.611  -13.766 1.00 37.03 ? 75  ARG A CA  1 
ATOM   478  C C   . ARG A 1 76  ? -5.812  -3.286  -15.142 1.00 38.68 ? 75  ARG A C   1 
ATOM   479  O O   . ARG A 1 76  ? -6.830  -3.100  -15.816 1.00 39.69 ? 75  ARG A O   1 
ATOM   480  C CB  . ARG A 1 76  ? -4.899  -1.301  -13.939 1.00 36.59 ? 75  ARG A CB  1 
ATOM   481  C CG  . ARG A 1 76  ? -5.642  -0.225  -14.706 1.00 38.05 ? 75  ARG A CG  1 
ATOM   482  C CD  . ARG A 1 76  ? -4.782  0.967   -15.021 1.00 40.52 ? 75  ARG A CD  1 
ATOM   483  N NE  . ARG A 1 76  ? -4.593  1.814   -13.836 1.00 44.39 ? 75  ARG A NE  1 
ATOM   484  C CZ  . ARG A 1 76  ? -3.447  1.978   -13.178 1.00 44.76 ? 75  ARG A CZ  1 
ATOM   485  N NH1 . ARG A 1 76  ? -2.299  1.376   -13.575 1.00 45.71 ? 75  ARG A NH1 1 
ATOM   486  N NH2 . ARG A 1 76  ? -3.442  2.783   -12.126 1.00 44.80 ? 75  ARG A NH2 1 
HETATM 487  N N   . MLY A 1 77  ? -4.798  -4.032  -15.562 1.00 39.82 ? 76  MLY A N   1 
HETATM 488  C CA  . MLY A 1 77  ? -4.807  -4.701  -16.878 1.00 41.61 ? 76  MLY A CA  1 
HETATM 489  C CB  . MLY A 1 77  ? -3.519  -5.472  -17.138 1.00 41.94 ? 76  MLY A CB  1 
HETATM 490  C CG  . MLY A 1 77  ? -3.430  -6.104  -18.543 1.00 44.07 ? 76  MLY A CG  1 
HETATM 491  C CD  . MLY A 1 77  ? -1.963  -6.345  -18.942 1.00 48.09 ? 76  MLY A CD  1 
HETATM 492  C CE  . MLY A 1 77  ? -1.815  -7.159  -20.241 1.00 50.75 ? 76  MLY A CE  1 
HETATM 493  N NZ  . MLY A 1 77  ? -0.398  -7.529  -20.463 1.00 54.32 ? 76  MLY A NZ  1 
HETATM 494  C CH1 . MLY A 1 77  ? -0.093  -7.653  -21.912 1.00 55.72 ? 76  MLY A CH1 1 
HETATM 495  C CH2 . MLY A 1 77  ? -0.081  -8.802  -19.776 1.00 55.38 ? 76  MLY A CH2 1 
HETATM 496  C C   . MLY A 1 77  ? -5.946  -5.673  -16.960 1.00 42.85 ? 76  MLY A C   1 
HETATM 497  O O   . MLY A 1 77  ? -6.715  -5.693  -17.941 1.00 43.64 ? 76  MLY A O   1 
ATOM   498  N N   . ARG A 1 78  ? -6.078  -6.468  -15.912 1.00 43.09 ? 77  ARG A N   1 
ATOM   499  C CA  . ARG A 1 78  ? -7.152  -7.420  -15.811 1.00 44.13 ? 77  ARG A CA  1 
ATOM   500  C C   . ARG A 1 78  ? -8.517  -6.776  -15.717 1.00 44.25 ? 77  ARG A C   1 
ATOM   501  O O   . ARG A 1 78  ? -9.453  -7.206  -16.420 1.00 44.80 ? 77  ARG A O   1 
ATOM   502  C CB  . ARG A 1 78  ? -6.914  -8.344  -14.634 1.00 43.97 ? 77  ARG A CB  1 
ATOM   503  C CG  . ARG A 1 78  ? -8.015  -9.330  -14.380 1.00 46.21 ? 77  ARG A CG  1 
ATOM   504  C CD  . ARG A 1 78  ? -8.391  -10.199 -15.609 1.00 45.95 ? 77  ARG A CD  1 
ATOM   505  N NE  . ARG A 1 78  ? -9.639  -10.900 -15.326 1.00 47.17 ? 77  ARG A NE  1 
ATOM   506  C CZ  . ARG A 1 78  ? -10.230 -11.791 -16.122 1.00 48.47 ? 77  ARG A CZ  1 
ATOM   507  N NH1 . ARG A 1 78  ? -11.376 -12.336 -15.739 1.00 50.22 ? 77  ARG A NH1 1 
ATOM   508  N NH2 . ARG A 1 78  ? -9.698  -12.137 -17.278 1.00 49.00 ? 77  ARG A NH2 1 
ATOM   509  N N   . MET A 1 79  ? -8.640  -5.752  -14.875 1.00 44.26 ? 78  MET A N   1 
ATOM   510  C CA  . MET A 1 79  ? -9.876  -4.962  -14.737 1.00 44.59 ? 78  MET A CA  1 
ATOM   511  C C   . MET A 1 79  ? -10.393 -4.458  -16.097 1.00 45.54 ? 78  MET A C   1 
ATOM   512  O O   . MET A 1 79  ? -11.581 -4.604  -16.418 1.00 45.89 ? 78  MET A O   1 
ATOM   513  C CB  . MET A 1 79  ? -9.641  -3.751  -13.831 1.00 43.94 ? 78  MET A CB  1 
ATOM   514  C CG  . MET A 1 79  ? -10.890 -2.977  -13.435 1.00 43.15 ? 78  MET A CG  1 
ATOM   515  S SD  . MET A 1 79  ? -10.555 -1.372  -12.662 1.00 43.49 ? 78  MET A SD  1 
ATOM   516  C CE  . MET A 1 79  ? -10.036 -0.403  -14.098 1.00 43.69 ? 78  MET A CE  1 
ATOM   517  N N   . LEU A 1 80  ? -9.501  -3.835  -16.851 1.00 46.24 ? 79  LEU A N   1 
ATOM   518  C CA  . LEU A 1 80  ? -9.816  -3.322  -18.178 1.00 47.64 ? 79  LEU A CA  1 
ATOM   519  C C   . LEU A 1 80  ? -10.230 -4.437  -19.147 1.00 48.27 ? 79  LEU A C   1 
ATOM   520  O O   . LEU A 1 80  ? -11.177 -4.244  -19.906 1.00 49.63 ? 79  LEU A O   1 
ATOM   521  C CB  . LEU A 1 80  ? -8.644  -2.505  -18.746 1.00 47.55 ? 79  LEU A CB  1 
ATOM   522  C CG  . LEU A 1 80  ? -8.359  -1.169  -18.036 1.00 46.95 ? 79  LEU A CG  1 
ATOM   523  C CD1 . LEU A 1 80  ? -7.190  -0.462  -18.708 1.00 46.67 ? 79  LEU A CD1 1 
ATOM   524  C CD2 . LEU A 1 80  ? -9.581  -0.268  -17.972 1.00 46.09 ? 79  LEU A CD2 1 
ATOM   525  N N   . ALA A 1 81  ? -9.557  -5.589  -19.091 1.00 48.40 ? 80  ALA A N   1 
ATOM   526  C CA  . ALA A 1 81  ? -9.837  -6.732  -19.976 1.00 48.47 ? 80  ALA A CA  1 
ATOM   527  C C   . ALA A 1 81  ? -11.129 -7.478  -19.636 1.00 48.49 ? 80  ALA A C   1 
ATOM   528  O O   . ALA A 1 81  ? -11.727 -8.122  -20.514 1.00 49.15 ? 80  ALA A O   1 
ATOM   529  C CB  . ALA A 1 81  ? -8.649  -7.723  -19.999 1.00 47.98 ? 80  ALA A CB  1 
ATOM   530  N N   . ALA A 1 82  ? -11.556 -7.393  -18.379 1.00 47.55 ? 81  ALA A N   1 
ATOM   531  C CA  . ALA A 1 82  ? -12.749 -8.094  -17.914 1.00 47.04 ? 81  ALA A CA  1 
ATOM   532  C C   . ALA A 1 82  ? -13.553 -7.253  -16.922 1.00 46.04 ? 81  ALA A C   1 
ATOM   533  O O   . ALA A 1 82  ? -13.753 -7.683  -15.797 1.00 45.16 ? 81  ALA A O   1 
ATOM   534  C CB  . ALA A 1 82  ? -12.347 -9.415  -17.270 1.00 46.91 ? 81  ALA A CB  1 
ATOM   535  N N   . PRO A 1 83  ? -14.048 -6.077  -17.351 1.00 45.71 ? 82  PRO A N   1 
ATOM   536  C CA  . PRO A 1 83  ? -14.584 -5.034  -16.447 1.00 45.55 ? 82  PRO A CA  1 
ATOM   537  C C   . PRO A 1 83  ? -15.826 -5.341  -15.637 1.00 46.06 ? 82  PRO A C   1 
ATOM   538  O O   . PRO A 1 83  ? -15.953 -4.886  -14.486 1.00 45.50 ? 82  PRO A O   1 
ATOM   539  C CB  . PRO A 1 83  ? -14.855 -3.849  -17.367 1.00 45.88 ? 82  PRO A CB  1 
ATOM   540  C CG  . PRO A 1 83  ? -14.663 -4.324  -18.760 1.00 45.86 ? 82  PRO A CG  1 
ATOM   541  C CD  . PRO A 1 83  ? -14.074 -5.677  -18.769 1.00 45.68 ? 82  PRO A CD  1 
ATOM   542  N N   . LEU A 1 84  ? -16.773 -6.058  -16.235 1.00 45.99 ? 83  LEU A N   1 
ATOM   543  C CA  . LEU A 1 84  ? -17.994 -6.422  -15.516 1.00 46.23 ? 83  LEU A CA  1 
ATOM   544  C C   . LEU A 1 84  ? -17.685 -7.456  -14.421 1.00 46.12 ? 83  LEU A C   1 
ATOM   545  O O   . LEU A 1 84  ? -18.334 -7.482  -13.381 1.00 46.72 ? 83  LEU A O   1 
ATOM   546  C CB  . LEU A 1 84  ? -19.063 -6.950  -16.520 1.00 46.11 ? 83  LEU A CB  1 
ATOM   547  C CG  . LEU A 1 84  ? -19.472 -5.951  -17.616 1.00 45.27 ? 83  LEU A CG  1 
ATOM   548  C CD1 . LEU A 1 84  ? -20.457 -6.607  -18.657 1.00 44.67 ? 83  LEU A CD1 1 
ATOM   549  C CD2 . LEU A 1 84  ? -20.091 -4.685  -17.019 1.00 44.28 ? 83  LEU A CD2 1 
ATOM   550  N N   . GLU A 1 85  ? -16.680 -8.293  -14.667 1.00 46.41 ? 84  GLU A N   1 
ATOM   551  C CA  . GLU A 1 85  ? -16.234 -9.330  -13.726 1.00 46.64 ? 84  GLU A CA  1 
ATOM   552  C C   . GLU A 1 85  ? -15.227 -8.844  -12.621 1.00 46.24 ? 84  GLU A C   1 
ATOM   553  O O   . GLU A 1 85  ? -14.802 -9.627  -11.757 1.00 46.06 ? 84  GLU A O   1 
ATOM   554  C CB  . GLU A 1 85  ? -15.558 -10.434 -14.537 1.00 47.71 ? 84  GLU A CB  1 
ATOM   555  C CG  . GLU A 1 85  ? -16.431 -11.013 -15.701 1.00 51.09 ? 84  GLU A CG  1 
ATOM   556  C CD  . GLU A 1 85  ? -15.948 -12.380 -16.151 1.00 56.00 ? 84  GLU A CD  1 
ATOM   557  O OE1 . GLU A 1 85  ? -14.713 -12.563 -16.263 1.00 57.49 ? 84  GLU A OE1 1 
ATOM   558  O OE2 . GLU A 1 85  ? -16.799 -13.274 -16.401 1.00 60.92 ? 84  GLU A OE2 1 
ATOM   559  N N   . SER A 1 86  ? -14.858 -7.570  -12.662 1.00 44.77 ? 85  SER A N   1 
ATOM   560  C CA  . SER A 1 86  ? -13.707 -7.067  -11.909 1.00 44.12 ? 85  SER A CA  1 
ATOM   561  C C   . SER A 1 86  ? -14.021 -5.759  -11.185 1.00 43.35 ? 85  SER A C   1 
ATOM   562  O O   . SER A 1 86  ? -13.139 -4.960  -10.937 1.00 42.82 ? 85  SER A O   1 
ATOM   563  C CB  . SER A 1 86  ? -12.543 -6.867  -12.879 1.00 43.63 ? 85  SER A CB  1 
ATOM   564  O OG  . SER A 1 86  ? -12.195 -8.092  -13.508 1.00 44.39 ? 85  SER A OG  1 
ATOM   565  N N   . GLN A 1 87  ? -15.286 -5.558  -10.819 1.00 43.12 ? 86  GLN A N   1 
ATOM   566  C CA  . GLN A 1 87  ? -15.748 -4.302  -10.231 1.00 42.51 ? 86  GLN A CA  1 
ATOM   567  C C   . GLN A 1 87  ? -15.321 -4.085  -8.777  1.00 41.15 ? 86  GLN A C   1 
ATOM   568  O O   . GLN A 1 87  ? -15.228 -2.943  -8.310  1.00 39.28 ? 86  GLN A O   1 
ATOM   569  C CB  . GLN A 1 87  ? -17.281 -4.229  -10.303 1.00 43.90 ? 86  GLN A CB  1 
ATOM   570  C CG  . GLN A 1 87  ? -17.791 -3.491  -11.514 1.00 47.13 ? 86  GLN A CG  1 
ATOM   571  C CD  . GLN A 1 87  ? -19.291 -3.202  -11.400 1.00 51.63 ? 86  GLN A CD  1 
ATOM   572  O OE1 . GLN A 1 87  ? -19.699 -2.103  -11.009 1.00 55.71 ? 86  GLN A OE1 1 
ATOM   573  N NE2 . GLN A 1 87  ? -20.105 -4.206  -11.693 1.00 49.11 ? 86  GLN A NE2 1 
ATOM   574  N N   . ASN A 1 88  ? -15.154 -5.187  -8.056  1.00 40.16 ? 87  ASN A N   1 
ATOM   575  C CA  . ASN A 1 88  ? -14.488 -5.178  -6.755  1.00 39.41 ? 87  ASN A CA  1 
ATOM   576  C C   . ASN A 1 88  ? -13.357 -6.195  -6.752  1.00 38.14 ? 87  ASN A C   1 
ATOM   577  O O   . ASN A 1 88  ? -13.334 -7.168  -7.549  1.00 37.01 ? 87  ASN A O   1 
ATOM   578  C CB  . ASN A 1 88  ? -15.455 -5.444  -5.612  1.00 39.91 ? 87  ASN A CB  1 
ATOM   579  C CG  . ASN A 1 88  ? -16.065 -6.816  -5.680  1.00 41.16 ? 87  ASN A CG  1 
ATOM   580  O OD1 . ASN A 1 88  ? -15.476 -7.797  -5.218  1.00 43.48 ? 87  ASN A OD1 1 
ATOM   581  N ND2 . ASN A 1 88  ? -17.274 -6.898  -6.259  1.00 40.30 ? 87  ASN A ND2 1 
ATOM   582  N N   . ILE A 1 89  ? -12.411 -5.972  -5.841  1.00 37.68 ? 88  ILE A N   1 
ATOM   583  C CA  . ILE A 1 89  ? -11.146 -6.694  -5.853  1.00 36.71 ? 88  ILE A CA  1 
ATOM   584  C C   . ILE A 1 89  ? -11.399 -8.202  -5.682  1.00 36.89 ? 88  ILE A C   1 
ATOM   585  O O   . ILE A 1 89  ? -10.839 -9.014  -6.403  1.00 36.90 ? 88  ILE A O   1 
ATOM   586  C CB  . ILE A 1 89  ? -10.143 -6.124  -4.754  1.00 35.94 ? 88  ILE A CB  1 
ATOM   587  C CG1 . ILE A 1 89  ? -9.778  -4.666  -5.056  1.00 34.10 ? 88  ILE A CG1 1 
ATOM   588  C CG2 . ILE A 1 89  ? -8.912  -7.014  -4.629  1.00 36.30 ? 88  ILE A CG2 1 
ATOM   589  C CD1 . ILE A 1 89  ? -8.920  -4.465  -6.280  1.00 29.01 ? 88  ILE A CD1 1 
ATOM   590  N N   . GLN A 1 90  ? -12.259 -8.557  -4.738  1.00 38.81 ? 89  GLN A N   1 
ATOM   591  C CA  . GLN A 1 90  ? -12.575 -9.954  -4.457  1.00 40.07 ? 89  GLN A CA  1 
ATOM   592  C C   . GLN A 1 90  ? -13.179 -10.685 -5.669  1.00 41.46 ? 89  GLN A C   1 
ATOM   593  O O   . GLN A 1 90  ? -12.754 -11.795 -6.001  1.00 42.61 ? 89  GLN A O   1 
ATOM   594  C CB  . GLN A 1 90  ? -13.494 -10.056 -3.236  1.00 40.40 ? 89  GLN A CB  1 
ATOM   595  C CG  . GLN A 1 90  ? -12.814 -9.641  -1.919  1.00 38.74 ? 89  GLN A CG  1 
ATOM   596  C CD  . GLN A 1 90  ? -13.025 -8.182  -1.558  1.00 36.27 ? 89  GLN A CD  1 
ATOM   597  O OE1 . GLN A 1 90  ? -13.124 -7.310  -2.430  1.00 36.43 ? 89  GLN A OE1 1 
ATOM   598  N NE2 . GLN A 1 90  ? -13.109 -7.917  -0.282  1.00 32.66 ? 89  GLN A NE2 1 
ATOM   599  N N   . ASP A 1 91  ? -14.130 -10.058 -6.357  1.00 42.83 ? 90  ASP A N   1 
ATOM   600  C CA  . ASP A 1 91  ? -14.656 -10.651 -7.597  1.00 43.57 ? 90  ASP A CA  1 
ATOM   601  C C   . ASP A 1 91  ? -13.628 -10.686 -8.705  1.00 43.29 ? 90  ASP A C   1 
ATOM   602  O O   . ASP A 1 91  ? -13.542 -11.669 -9.449  1.00 43.85 ? 90  ASP A O   1 
ATOM   603  C CB  . ASP A 1 91  ? -15.947 -9.976  -8.064  1.00 44.09 ? 90  ASP A CB  1 
ATOM   604  C CG  . ASP A 1 91  ? -17.160 -10.400 -7.228  1.00 45.38 ? 90  ASP A CG  1 
ATOM   605  O OD1 . ASP A 1 91  ? -17.123 -11.496 -6.625  1.00 43.67 ? 90  ASP A OD1 1 
ATOM   606  O OD2 . ASP A 1 91  ? -18.121 -9.604  -7.120  1.00 48.16 ? 90  ASP A OD2 1 
ATOM   607  N N   . LEU A 1 92  ? -12.813 -9.641  -8.786  1.00 42.73 ? 91  LEU A N   1 
ATOM   608  C CA  . LEU A 1 92  ? -11.770 -9.588  -9.778  1.00 41.86 ? 91  LEU A CA  1 
ATOM   609  C C   . LEU A 1 92  ? -10.923 -10.819 -9.640  1.00 41.28 ? 91  LEU A C   1 
ATOM   610  O O   . LEU A 1 92  ? -10.580 -11.437 -10.639 1.00 41.55 ? 91  LEU A O   1 
ATOM   611  C CB  . LEU A 1 92  ? -10.928 -8.316  -9.621  1.00 41.26 ? 91  LEU A CB  1 
ATOM   612  C CG  . LEU A 1 92  ? -9.858  -8.030  -10.677 1.00 40.55 ? 91  LEU A CG  1 
ATOM   613  C CD1 . LEU A 1 92  ? -9.424  -6.590  -10.622 1.00 39.05 ? 91  LEU A CD1 1 
ATOM   614  C CD2 . LEU A 1 92  ? -8.624  -8.931  -10.553 1.00 36.43 ? 91  LEU A CD2 1 
ATOM   615  N N   . VAL A 1 93  ? -10.591 -11.181 -8.403  1.00 41.12 ? 92  VAL A N   1 
ATOM   616  C CA  . VAL A 1 93  ? -9.734  -12.321 -8.170  1.00 41.69 ? 92  VAL A CA  1 
ATOM   617  C C   . VAL A 1 93  ? -10.472 -13.645 -8.497  1.00 43.15 ? 92  VAL A C   1 
ATOM   618  O O   . VAL A 1 93  ? -9.941  -14.503 -9.196  1.00 43.38 ? 92  VAL A O   1 
ATOM   619  C CB  . VAL A 1 93  ? -9.155  -12.297 -6.731  1.00 41.12 ? 92  VAL A CB  1 
ATOM   620  C CG1 . VAL A 1 93  ? -8.488  -13.600 -6.397  1.00 40.02 ? 92  VAL A CG1 1 
ATOM   621  C CG2 . VAL A 1 93  ? -8.112  -11.105 -6.611  1.00 39.61 ? 92  VAL A CG2 1 
ATOM   622  N N   . ARG A 1 94  ? -11.690 -13.781 -8.009  1.00 45.08 ? 93  ARG A N   1 
ATOM   623  C CA  . ARG A 1 94  ? -12.488 -15.012 -8.241  1.00 46.58 ? 93  ARG A CA  1 
ATOM   624  C C   . ARG A 1 94  ? -12.586 -15.363 -9.720  1.00 47.55 ? 93  ARG A C   1 
ATOM   625  O O   . ARG A 1 94  ? -12.361 -16.517 -10.110 1.00 49.20 ? 93  ARG A O   1 
ATOM   626  C CB  . ARG A 1 94  ? -13.885 -14.856 -7.643  1.00 46.07 ? 93  ARG A CB  1 
ATOM   627  C CG  . ARG A 1 94  ? -13.903 -14.946 -6.144  1.00 46.10 ? 93  ARG A CG  1 
ATOM   628  C CD  . ARG A 1 94  ? -15.264 -14.586 -5.590  1.00 46.28 ? 93  ARG A CD  1 
ATOM   629  N NE  . ARG A 1 94  ? -15.218 -14.393 -4.132  1.00 47.68 ? 93  ARG A NE  1 
ATOM   630  C CZ  . ARG A 1 94  ? -15.541 -13.269 -3.487  1.00 47.40 ? 93  ARG A CZ  1 
ATOM   631  N NH1 . ARG A 1 94  ? -15.998 -12.212 -4.136  1.00 48.70 ? 93  ARG A NH1 1 
ATOM   632  N NH2 . ARG A 1 94  ? -15.470 -13.223 -2.163  1.00 48.46 ? 93  ARG A NH2 1 
ATOM   633  N N   . ASN A 1 95  ? -12.860 -14.348 -10.529 1.00 48.51 ? 94  ASN A N   1 
ATOM   634  C CA  . ASN A 1 95  ? -13.098 -14.488 -11.958 1.00 49.32 ? 94  ASN A CA  1 
ATOM   635  C C   . ASN A 1 95  ? -11.824 -14.570 -12.789 1.00 49.87 ? 94  ASN A C   1 
ATOM   636  O O   . ASN A 1 95  ? -11.839 -15.136 -13.871 1.00 49.85 ? 94  ASN A O   1 
ATOM   637  C CB  . ASN A 1 95  ? -13.995 -13.337 -12.451 1.00 49.51 ? 94  ASN A CB  1 
ATOM   638  C CG  . ASN A 1 95  ? -15.375 -13.325 -11.757 1.00 51.41 ? 94  ASN A CG  1 
ATOM   639  O OD1 . ASN A 1 95  ? -15.878 -14.387 -11.353 1.00 55.64 ? 94  ASN A OD1 1 
ATOM   640  N ND2 . ASN A 1 95  ? -15.983 -12.126 -11.610 1.00 48.71 ? 94  ASN A ND2 1 
ATOM   641  N N   . GLU A 1 96  ? -10.709 -14.017 -12.312 1.00 49.92 ? 95  GLU A N   1 
ATOM   642  C CA  . GLU A 1 96  ? -9.448  -14.257 -13.002 1.00 49.71 ? 95  GLU A CA  1 
ATOM   643  C C   . GLU A 1 96  ? -9.001  -15.697 -12.779 1.00 50.68 ? 95  GLU A C   1 
ATOM   644  O O   . GLU A 1 96  ? -8.468  -16.339 -13.694 1.00 50.88 ? 95  GLU A O   1 
ATOM   645  C CB  . GLU A 1 96  ? -8.345  -13.312 -12.533 1.00 49.04 ? 95  GLU A CB  1 
ATOM   646  C CG  . GLU A 1 96  ? -7.008  -13.657 -13.148 1.00 47.70 ? 95  GLU A CG  1 
ATOM   647  C CD  . GLU A 1 96  ? -5.851  -12.854 -12.574 1.00 46.59 ? 95  GLU A CD  1 
ATOM   648  O OE1 . GLU A 1 96  ? -5.659  -12.880 -11.334 1.00 40.48 ? 95  GLU A OE1 1 
ATOM   649  O OE2 . GLU A 1 96  ? -5.146  -12.218 -13.378 1.00 44.13 ? 95  GLU A OE2 1 
ATOM   650  N N   . LEU A 1 97  ? -9.190  -16.188 -11.557 1.00 51.79 ? 96  LEU A N   1 
ATOM   651  C CA  . LEU A 1 97  ? -8.729  -17.530 -11.185 1.00 53.51 ? 96  LEU A CA  1 
ATOM   652  C C   . LEU A 1 97  ? -9.508  -18.675 -11.901 1.00 55.21 ? 96  LEU A C   1 
ATOM   653  O O   . LEU A 1 97  ? -9.344  -19.840 -11.580 1.00 55.54 ? 96  LEU A O   1 
ATOM   654  C CB  . LEU A 1 97  ? -8.786  -17.703 -9.668  1.00 53.36 ? 96  LEU A CB  1 
ATOM   655  C CG  . LEU A 1 97  ? -7.516  -17.528 -8.825  1.00 53.35 ? 96  LEU A CG  1 
ATOM   656  C CD1 . LEU A 1 97  ? -6.448  -16.692 -9.488  1.00 53.39 ? 96  LEU A CD1 1 
ATOM   657  C CD2 . LEU A 1 97  ? -7.862  -16.984 -7.441  1.00 52.43 ? 96  LEU A CD2 1 
HETATM 658  N N   . MLY A 1 98  ? -10.362 -18.310 -12.849 1.00 57.12 ? 97  MLY A N   1 
HETATM 659  C CA  . MLY A 1 98  ? -10.839 -19.213 -13.886 1.00 58.29 ? 97  MLY A CA  1 
HETATM 660  C CB  . MLY A 1 98  ? -12.376 -19.229 -13.925 1.00 58.72 ? 97  MLY A CB  1 
HETATM 661  C CG  . MLY A 1 98  ? -13.043 -18.811 -12.589 1.00 59.39 ? 97  MLY A CG  1 
HETATM 662  C CD  . MLY A 1 98  ? -14.552 -19.060 -12.553 1.00 60.90 ? 97  MLY A CD  1 
HETATM 663  C CE  . MLY A 1 98  ? -15.170 -18.555 -11.241 1.00 61.68 ? 97  MLY A CE  1 
HETATM 664  N NZ  . MLY A 1 98  ? -14.812 -19.390 -10.042 1.00 62.46 ? 97  MLY A NZ  1 
HETATM 665  C C   . MLY A 1 98  ? -10.214 -18.618 -15.152 1.00 58.93 ? 97  MLY A C   1 
HETATM 666  O O   . MLY A 1 98  ? -10.668 -17.599 -15.683 1.00 59.63 ? 97  MLY A O   1 
ATOM   667  N N   . THR A 1 99  ? -9.107  -19.209 -15.572 1.00 59.52 ? 98  THR A N   1 
ATOM   668  C CA  . THR A 1 99  ? -8.332  -18.705 -16.688 1.00 59.62 ? 98  THR A CA  1 
ATOM   669  C C   . THR A 1 99  ? -7.008  -19.453 -16.686 1.00 59.86 ? 98  THR A C   1 
ATOM   670  O O   . THR A 1 99  ? -6.495  -19.804 -15.610 1.00 60.13 ? 98  THR A O   1 
ATOM   671  C CB  . THR A 1 99  ? -8.079  -17.172 -16.576 1.00 60.00 ? 98  THR A CB  1 
ATOM   672  N N   . SER A 1 101 ? -5.044  -17.618 -15.666 1.00 54.02 ? 100 SER A N   1 
ATOM   673  C CA  . SER A 1 101 ? -4.184  -16.511 -15.311 1.00 53.86 ? 100 SER A CA  1 
ATOM   674  C C   . SER A 1 101 ? -4.319  -16.214 -13.808 1.00 53.35 ? 100 SER A C   1 
ATOM   675  O O   . SER A 1 101 ? -5.421  -16.224 -13.260 1.00 54.05 ? 100 SER A O   1 
ATOM   676  C CB  . SER A 1 101 ? -4.578  -15.299 -16.153 1.00 54.53 ? 100 SER A CB  1 
ATOM   677  O OG  . SER A 1 101 ? -3.763  -14.174 -15.890 1.00 54.83 ? 100 SER A OG  1 
ATOM   678  N N   . HIS A 1 102 ? -3.202  -15.993 -13.125 1.00 52.05 ? 101 HIS A N   1 
ATOM   679  C CA  . HIS A 1 102 ? -3.242  -15.512 -11.735 1.00 50.51 ? 101 HIS A CA  1 
ATOM   680  C C   . HIS A 1 102 ? -2.409  -14.234 -11.574 1.00 49.25 ? 101 HIS A C   1 
ATOM   681  O O   . HIS A 1 102 ? -2.056  -13.844 -10.463 1.00 48.68 ? 101 HIS A O   1 
ATOM   682  C CB  . HIS A 1 102 ? -2.773  -16.591 -10.771 1.00 50.38 ? 101 HIS A CB  1 
ATOM   683  C CG  . HIS A 1 102 ? -1.425  -17.152 -11.093 1.00 52.17 ? 101 HIS A CG  1 
ATOM   684  N ND1 . HIS A 1 102 ? -1.252  -18.281 -11.867 1.00 53.15 ? 101 HIS A ND1 1 
ATOM   685  C CD2 . HIS A 1 102 ? -0.183  -16.740 -10.743 1.00 53.23 ? 101 HIS A CD2 1 
ATOM   686  C CE1 . HIS A 1 102 ? 0.042   -18.538 -11.980 1.00 53.83 ? 101 HIS A CE1 1 
ATOM   687  N NE2 . HIS A 1 102 ? 0.712   -17.627 -11.295 1.00 53.77 ? 101 HIS A NE2 1 
ATOM   688  N N   . THR A 1 103 ? -2.130  -13.596 -12.706 1.00 47.44 ? 102 THR A N   1 
ATOM   689  C CA  . THR A 1 103 ? -1.279  -12.421 -12.801 1.00 45.94 ? 102 THR A CA  1 
ATOM   690  C C   . THR A 1 103 ? -1.753  -11.237 -11.920 1.00 43.81 ? 102 THR A C   1 
ATOM   691  O O   . THR A 1 103 ? -0.941  -10.599 -11.221 1.00 42.56 ? 102 THR A O   1 
ATOM   692  C CB  . THR A 1 103 ? -1.204  -11.991 -14.274 1.00 46.44 ? 102 THR A CB  1 
ATOM   693  O OG1 . THR A 1 103 ? -0.874  -13.134 -15.080 1.00 47.58 ? 102 THR A OG1 1 
ATOM   694  C CG2 . THR A 1 103 ? -0.138  -10.903 -14.509 1.00 47.15 ? 102 THR A CG2 1 
ATOM   695  N N   . ALA A 1 104 ? -3.045  -10.941 -11.974 1.00 41.32 ? 103 ALA A N   1 
ATOM   696  C CA  . ALA A 1 104 ? -3.612  -9.852  -11.195 1.00 39.68 ? 103 ALA A CA  1 
ATOM   697  C C   . ALA A 1 104 ? -3.710  -10.255 -9.726  1.00 38.37 ? 103 ALA A C   1 
ATOM   698  O O   . ALA A 1 104 ? -3.433  -9.441  -8.839  1.00 36.19 ? 103 ALA A O   1 
ATOM   699  C CB  . ALA A 1 104 ? -4.984  -9.399  -11.747 1.00 39.71 ? 103 ALA A CB  1 
ATOM   700  N N   . THR A 1 105 ? -4.083  -11.512 -9.477  1.00 37.00 ? 104 THR A N   1 
ATOM   701  C CA  . THR A 1 105 ? -4.165  -12.023 -8.132  1.00 35.70 ? 104 THR A CA  1 
ATOM   702  C C   . THR A 1 105 ? -2.795  -11.992 -7.439  1.00 34.39 ? 104 THR A C   1 
ATOM   703  O O   . THR A 1 105 ? -2.711  -11.637 -6.263  1.00 32.96 ? 104 THR A O   1 
ATOM   704  C CB  . THR A 1 105 ? -4.696  -13.450 -8.064  1.00 36.39 ? 104 THR A CB  1 
ATOM   705  O OG1 . THR A 1 105 ? -5.888  -13.592 -8.861  1.00 38.80 ? 104 THR A OG1 1 
ATOM   706  C CG2 . THR A 1 105 ? -5.008  -13.823 -6.612  1.00 35.84 ? 104 THR A CG2 1 
ATOM   707  N N   . GLU A 1 106 ? -1.753  -12.386 -8.163  1.00 33.03 ? 105 GLU A N   1 
ATOM   708  C CA  . GLU A 1 106 ? -0.407  -12.374 -7.645  1.00 33.11 ? 105 GLU A CA  1 
ATOM   709  C C   . GLU A 1 106 ? 0.052   -10.915 -7.435  1.00 31.59 ? 105 GLU A C   1 
ATOM   710  O O   . GLU A 1 106 ? 0.724   -10.590 -6.442  1.00 30.55 ? 105 GLU A O   1 
ATOM   711  C CB  . GLU A 1 106 ? 0.547   -13.086 -8.593  1.00 33.95 ? 105 GLU A CB  1 
ATOM   712  C CG  . GLU A 1 106 ? 1.981   -13.248 -8.049  1.00 37.44 ? 105 GLU A CG  1 
ATOM   713  C CD  . GLU A 1 106 ? 2.872   -14.100 -8.994  1.00 44.29 ? 105 GLU A CD  1 
ATOM   714  O OE1 . GLU A 1 106 ? 2.385   -14.527 -10.069 1.00 45.63 ? 105 GLU A OE1 1 
ATOM   715  O OE2 . GLU A 1 106 ? 4.059   -14.307 -8.666  1.00 47.26 ? 105 GLU A OE2 1 
ATOM   716  N N   . GLY A 1 107 ? -0.348  -10.046 -8.358  1.00 29.18 ? 106 GLY A N   1 
ATOM   717  C CA  . GLY A 1 107 ? -0.095  -8.624  -8.228  1.00 28.42 ? 106 GLY A CA  1 
ATOM   718  C C   . GLY A 1 107 ? -0.724  -8.037  -6.975  1.00 26.79 ? 106 GLY A C   1 
ATOM   719  O O   . GLY A 1 107 ? -0.086  -7.250  -6.295  1.00 23.98 ? 106 GLY A O   1 
ATOM   720  N N   . LEU A 1 108 ? -1.940  -8.473  -6.660  1.00 26.20 ? 107 LEU A N   1 
ATOM   721  C CA  . LEU A 1 108 ? -2.654  -8.072  -5.464  1.00 25.88 ? 107 LEU A CA  1 
ATOM   722  C C   . LEU A 1 108 ? -1.929  -8.520  -4.209  1.00 26.02 ? 107 LEU A C   1 
ATOM   723  O O   . LEU A 1 108 ? -1.762  -7.740  -3.290  1.00 24.89 ? 107 LEU A O   1 
ATOM   724  C CB  . LEU A 1 108 ? -4.073  -8.622  -5.436  1.00 26.97 ? 107 LEU A CB  1 
ATOM   725  C CG  . LEU A 1 108 ? -4.912  -8.220  -4.220  1.00 28.68 ? 107 LEU A CG  1 
ATOM   726  C CD1 . LEU A 1 108 ? -5.123  -6.722  -4.114  1.00 29.05 ? 107 LEU A CD1 1 
ATOM   727  C CD2 . LEU A 1 108 ? -6.266  -8.999  -4.227  1.00 31.94 ? 107 LEU A CD2 1 
ATOM   728  N N   . LEU A 1 109 ? -1.497  -9.770  -4.176  1.00 26.23 ? 108 LEU A N   1 
ATOM   729  C CA  . LEU A 1 109 ? -0.724  -10.298 -3.043  1.00 25.99 ? 108 LEU A CA  1 
ATOM   730  C C   . LEU A 1 109 ? 0.456   -9.372  -2.697  1.00 24.98 ? 108 LEU A C   1 
ATOM   731  O O   . LEU A 1 109 ? 0.662   -8.977  -1.553  1.00 24.25 ? 108 LEU A O   1 
ATOM   732  C CB  . LEU A 1 109 ? -0.188  -11.709 -3.396  1.00 26.18 ? 108 LEU A CB  1 
ATOM   733  C CG  . LEU A 1 109 ? 0.645   -12.497 -2.373  1.00 29.42 ? 108 LEU A CG  1 
ATOM   734  C CD1 . LEU A 1 109 ? -0.181  -12.783 -1.106  1.00 33.45 ? 108 LEU A CD1 1 
ATOM   735  C CD2 . LEU A 1 109 ? 1.193   -13.804 -3.046  1.00 30.22 ? 108 LEU A CD2 1 
ATOM   736  N N   . TRP A 1 110 ? 1.261   -9.079  -3.691  1.00 24.51 ? 109 TRP A N   1 
ATOM   737  C CA  . TRP A 1 110 ? 2.443   -8.237  -3.480  1.00 24.34 ? 109 TRP A CA  1 
ATOM   738  C C   . TRP A 1 110 ? 2.088   -6.775  -3.212  1.00 23.52 ? 109 TRP A C   1 
ATOM   739  O O   . TRP A 1 110 ? 2.795   -6.086  -2.485  1.00 23.86 ? 109 TRP A O   1 
ATOM   740  C CB  . TRP A 1 110 ? 3.397   -8.349  -4.646  1.00 24.11 ? 109 TRP A CB  1 
ATOM   741  C CG  . TRP A 1 110 ? 4.127   -9.653  -4.650  1.00 26.24 ? 109 TRP A CG  1 
ATOM   742  C CD1 . TRP A 1 110 ? 3.841   -10.751 -5.398  1.00 31.83 ? 109 TRP A CD1 1 
ATOM   743  C CD2 . TRP A 1 110 ? 5.281   -9.998  -3.870  1.00 27.22 ? 109 TRP A CD2 1 
ATOM   744  N NE1 . TRP A 1 110 ? 4.723   -11.763 -5.120  1.00 29.48 ? 109 TRP A NE1 1 
ATOM   745  C CE2 . TRP A 1 110 ? 5.639   -11.316 -4.212  1.00 29.99 ? 109 TRP A CE2 1 
ATOM   746  C CE3 . TRP A 1 110 ? 6.037   -9.324  -2.925  1.00 25.23 ? 109 TRP A CE3 1 
ATOM   747  C CZ2 . TRP A 1 110 ? 6.734   -11.960 -3.653  1.00 31.85 ? 109 TRP A CZ2 1 
ATOM   748  C CZ3 . TRP A 1 110 ? 7.104   -9.954  -2.359  1.00 29.40 ? 109 TRP A CZ3 1 
ATOM   749  C CH2 . TRP A 1 110 ? 7.457   -11.261 -2.717  1.00 30.22 ? 109 TRP A CH2 1 
ATOM   750  N N   . LEU A 1 111 ? 1.044   -6.258  -3.856  1.00 23.81 ? 110 LEU A N   1 
ATOM   751  C CA  . LEU A 1 111 ? 0.608   -4.896  -3.553  1.00 22.69 ? 110 LEU A CA  1 
ATOM   752  C C   . LEU A 1 111 ? 0.201   -4.763  -2.078  1.00 22.73 ? 110 LEU A C   1 
ATOM   753  O O   . LEU A 1 111 ? 0.543   -3.772  -1.400  1.00 20.55 ? 110 LEU A O   1 
ATOM   754  C CB  . LEU A 1 111 ? -0.571  -4.492  -4.432  1.00 23.22 ? 110 LEU A CB  1 
ATOM   755  C CG  . LEU A 1 111 ? -1.149  -3.099  -4.240  1.00 24.38 ? 110 LEU A CG  1 
ATOM   756  C CD1 . LEU A 1 111 ? -0.065  -2.022  -4.388  1.00 25.16 ? 110 LEU A CD1 1 
ATOM   757  C CD2 . LEU A 1 111 ? -2.282  -2.874  -5.293  1.00 20.58 ? 110 LEU A CD2 1 
ATOM   758  N N   . VAL A 1 112 ? -0.586  -5.715  -1.604  1.00 22.96 ? 111 VAL A N   1 
ATOM   759  C CA  . VAL A 1 112 ? -1.065  -5.681  -0.222  1.00 22.68 ? 111 VAL A CA  1 
ATOM   760  C C   . VAL A 1 112 ? 0.107   -5.781  0.745   1.00 22.62 ? 111 VAL A C   1 
ATOM   761  O O   . VAL A 1 112 ? 0.124   -5.075  1.751   1.00 21.37 ? 111 VAL A O   1 
ATOM   762  C CB  . VAL A 1 112 ? -2.126  -6.756  0.061   1.00 24.39 ? 111 VAL A CB  1 
ATOM   763  C CG1 . VAL A 1 112 ? -2.427  -6.820  1.568   1.00 24.40 ? 111 VAL A CG1 1 
ATOM   764  C CG2 . VAL A 1 112 ? -3.429  -6.407  -0.763  1.00 22.89 ? 111 VAL A CG2 1 
ATOM   765  N N   . ARG A 1 113 ? 1.110   -6.612  0.434   1.00 22.06 ? 112 ARG A N   1 
ATOM   766  C CA  . ARG A 1 113 ? 2.320   -6.598  1.256   1.00 22.21 ? 112 ARG A CA  1 
ATOM   767  C C   . ARG A 1 113 ? 3.017   -5.227  1.283   1.00 21.19 ? 112 ARG A C   1 
ATOM   768  O O   . ARG A 1 113 ? 3.487   -4.792  2.311   1.00 20.93 ? 112 ARG A O   1 
ATOM   769  C CB  . ARG A 1 113 ? 3.299   -7.661  0.744   1.00 21.73 ? 112 ARG A CB  1 
ATOM   770  C CG  . ARG A 1 113 ? 2.842   -9.096  1.086   1.00 25.30 ? 112 ARG A CG  1 
ATOM   771  C CD  . ARG A 1 113 ? 3.742   -10.114 0.404   1.00 27.71 ? 112 ARG A CD  1 
ATOM   772  N NE  . ARG A 1 113 ? 3.314   -11.475 0.680   1.00 26.94 ? 112 ARG A NE  1 
ATOM   773  C CZ  . ARG A 1 113 ? 3.685   -12.536 -0.029  1.00 27.84 ? 112 ARG A CZ  1 
ATOM   774  N NH1 . ARG A 1 113 ? 4.495   -12.415 -1.081  1.00 30.36 ? 112 ARG A NH1 1 
ATOM   775  N NH2 . ARG A 1 113 ? 3.233   -13.728 0.323   1.00 30.77 ? 112 ARG A NH2 1 
ATOM   776  N N   . GLY A 1 114 ? 3.083   -4.548  0.134   1.00 20.76 ? 113 GLY A N   1 
ATOM   777  C CA  . GLY A 1 114 ? 3.684   -3.235  0.042   1.00 19.74 ? 113 GLY A CA  1 
ATOM   778  C C   . GLY A 1 114 ? 2.882   -2.167  0.785   1.00 19.43 ? 113 GLY A C   1 
ATOM   779  O O   . GLY A 1 114 ? 3.419   -1.321  1.453   1.00 20.08 ? 113 GLY A O   1 
ATOM   780  N N   . LEU A 1 115 ? 1.578   -2.216  0.649   1.00 19.68 ? 114 LEU A N   1 
ATOM   781  C CA  . LEU A 1 115 ? 0.682   -1.343  1.411   1.00 19.59 ? 114 LEU A CA  1 
ATOM   782  C C   . LEU A 1 115 ? 0.841   -1.557  2.922   1.00 19.06 ? 114 LEU A C   1 
ATOM   783  O O   . LEU A 1 115 ? 0.891   -0.619  3.670   1.00 19.35 ? 114 LEU A O   1 
ATOM   784  C CB  . LEU A 1 115 ? -0.778  -1.554  0.993   1.00 18.91 ? 114 LEU A CB  1 
ATOM   785  C CG  . LEU A 1 115 ? -1.166  -1.144  -0.422  1.00 20.79 ? 114 LEU A CG  1 
ATOM   786  C CD1 . LEU A 1 115 ? -2.599  -1.563  -0.714  1.00 21.18 ? 114 LEU A CD1 1 
ATOM   787  C CD2 . LEU A 1 115 ? -0.962  0.342   -0.647  1.00 21.11 ? 114 LEU A CD2 1 
ATOM   788  N N   . GLU A 1 116 ? 0.920   -2.791  3.361   1.00 20.71 ? 115 GLU A N   1 
ATOM   789  C CA  . GLU A 1 116 ? 1.110   -3.093  4.770   1.00 20.10 ? 115 GLU A CA  1 
ATOM   790  C C   . GLU A 1 116 ? 2.471   -2.653  5.285   1.00 20.09 ? 115 GLU A C   1 
ATOM   791  O O   . GLU A 1 116 ? 2.575   -2.110  6.378   1.00 19.97 ? 115 GLU A O   1 
ATOM   792  C CB  . GLU A 1 116 ? 0.938   -4.619  5.042   1.00 21.08 ? 115 GLU A CB  1 
ATOM   793  C CG  . GLU A 1 116 ? 0.895   -4.917  6.557   1.00 22.76 ? 115 GLU A CG  1 
ATOM   794  C CD  . GLU A 1 116 ? 0.661   -6.403  6.890   1.00 25.74 ? 115 GLU A CD  1 
ATOM   795  O OE1 . GLU A 1 116 ? 0.913   -7.242  6.035   1.00 27.52 ? 115 GLU A OE1 1 
ATOM   796  O OE2 . GLU A 1 116 ? 0.243   -6.705  8.027   1.00 29.69 ? 115 GLU A OE2 1 
ATOM   797  N N   . PHE A 1 117 ? 3.524   -2.888  4.521   1.00 20.15 ? 116 PHE A N   1 
ATOM   798  C CA  . PHE A 1 117 ? 4.834   -2.324  4.826   1.00 19.99 ? 116 PHE A CA  1 
ATOM   799  C C   . PHE A 1 117 ? 4.771   -0.806  5.057   1.00 20.48 ? 116 PHE A C   1 
ATOM   800  O O   . PHE A 1 117 ? 5.261   -0.288  6.045   1.00 19.47 ? 116 PHE A O   1 
ATOM   801  C CB  . PHE A 1 117 ? 5.753   -2.675  3.641   1.00 20.12 ? 116 PHE A CB  1 
ATOM   802  C CG  . PHE A 1 117 ? 7.015   -1.902  3.572   1.00 20.94 ? 116 PHE A CG  1 
ATOM   803  C CD1 . PHE A 1 117 ? 7.936   -1.944  4.605   1.00 21.34 ? 116 PHE A CD1 1 
ATOM   804  C CD2 . PHE A 1 117 ? 7.349   -1.176  2.418   1.00 23.88 ? 116 PHE A CD2 1 
ATOM   805  C CE1 . PHE A 1 117 ? 9.094   -1.227  4.526   1.00 23.65 ? 116 PHE A CE1 1 
ATOM   806  C CE2 . PHE A 1 117 ? 8.516   -0.479  2.360   1.00 26.96 ? 116 PHE A CE2 1 
ATOM   807  C CZ  . PHE A 1 117 ? 9.399   -0.523  3.380   1.00 23.64 ? 116 PHE A CZ  1 
ATOM   808  N N   . THR A 1 118 ? 4.154   -0.075  4.126   1.00 19.90 ? 117 THR A N   1 
ATOM   809  C CA  . THR A 1 118 ? 4.032   1.365   4.274   1.00 20.15 ? 117 THR A CA  1 
ATOM   810  C C   . THR A 1 118 ? 3.184   1.751   5.469   1.00 20.56 ? 117 THR A C   1 
ATOM   811  O O   . THR A 1 118 ? 3.525   2.656   6.215   1.00 20.66 ? 117 THR A O   1 
ATOM   812  C CB  . THR A 1 118 ? 3.431   1.970   3.010   1.00 19.70 ? 117 THR A CB  1 
ATOM   813  O OG1 . THR A 1 118 ? 4.203   1.527   1.888   1.00 20.97 ? 117 THR A OG1 1 
ATOM   814  C CG2 . THR A 1 118 ? 3.441   3.478   3.069   1.00 22.04 ? 117 THR A CG2 1 
ATOM   815  N N   . CYS A 1 119 ? 2.054   1.085   5.618   1.00 21.71 ? 118 CYS A N   1 
ATOM   816  C CA  . CYS A 1 119 ? 1.084   1.367   6.698   1.00 22.56 ? 118 CYS A CA  1 
ATOM   817  C C   . CYS A 1 119 ? 1.701   1.156   8.089   1.00 22.61 ? 118 CYS A C   1 
ATOM   818  O O   . CYS A 1 119 ? 1.640   2.047   8.961   1.00 23.58 ? 118 CYS A O   1 
ATOM   819  C CB  . CYS A 1 119 ? -0.112  0.462   6.547   1.00 23.18 ? 118 CYS A CB  1 
ATOM   820  S SG  . CYS A 1 119 ? -1.445  0.954   7.760   1.00 27.80 ? 118 CYS A SG  1 
ATOM   821  N N   . ILE A 1 120 ? 2.362   0.020   8.268   1.00 22.35 ? 119 ILE A N   1 
ATOM   822  C CA  . ILE A 1 120 ? 2.997   -0.299  9.575   1.00 22.97 ? 119 ILE A CA  1 
ATOM   823  C C   . ILE A 1 120 ? 4.101   0.690   9.889   1.00 23.46 ? 119 ILE A C   1 
ATOM   824  O O   . ILE A 1 120 ? 4.237   1.198   11.021  1.00 22.83 ? 119 ILE A O   1 
ATOM   825  C CB  . ILE A 1 120 ? 3.530   -1.727  9.576   1.00 23.36 ? 119 ILE A CB  1 
ATOM   826  C CG1 . ILE A 1 120 ? 2.333   -2.702  9.660   1.00 23.85 ? 119 ILE A CG1 1 
ATOM   827  C CG2 . ILE A 1 120 ? 4.504   -1.968  10.786  1.00 23.42 ? 119 ILE A CG2 1 
ATOM   828  C CD1 . ILE A 1 120 ? 2.707   -4.162  9.649   1.00 24.67 ? 119 ILE A CD1 1 
ATOM   829  N N   . ALA A 1 121 ? 4.946   0.960   8.883   1.00 23.29 ? 120 ALA A N   1 
ATOM   830  C CA  . ALA A 1 121 ? 6.020   1.898   9.054   1.00 23.27 ? 120 ALA A CA  1 
ATOM   831  C C   . ALA A 1 121 ? 5.548   3.294   9.497   1.00 24.64 ? 120 ALA A C   1 
ATOM   832  O O   . ALA A 1 121 ? 6.048   3.842   10.495  1.00 25.40 ? 120 ALA A O   1 
ATOM   833  C CB  . ALA A 1 121 ? 6.841   2.015   7.758   1.00 23.22 ? 120 ALA A CB  1 
ATOM   834  N N   . LEU A 1 122 ? 4.609   3.869   8.760   1.00 24.16 ? 121 LEU A N   1 
ATOM   835  C CA  . LEU A 1 122 ? 4.116   5.202   9.108   1.00 25.00 ? 121 LEU A CA  1 
ATOM   836  C C   . LEU A 1 122 ? 3.360   5.225   10.452  1.00 24.67 ? 121 LEU A C   1 
ATOM   837  O O   . LEU A 1 122 ? 3.490   6.199   11.187  1.00 27.37 ? 121 LEU A O   1 
ATOM   838  C CB  . LEU A 1 122 ? 3.306   5.794   7.967   1.00 24.64 ? 121 LEU A CB  1 
ATOM   839  C CG  . LEU A 1 122 ? 4.150   6.092   6.695   1.00 26.49 ? 121 LEU A CG  1 
ATOM   840  C CD1 . LEU A 1 122 ? 3.278   6.523   5.482   1.00 25.96 ? 121 LEU A CD1 1 
ATOM   841  C CD2 . LEU A 1 122 ? 5.267   7.117   6.961   1.00 25.84 ? 121 LEU A CD2 1 
ATOM   842  N N   . SER A 1 123 ? 2.572   4.201   10.743  1.00 26.34 ? 122 SER A N   1 
ATOM   843  C CA  . SER A 1 123 ? 1.748   4.136   11.975  1.00 26.97 ? 122 SER A CA  1 
ATOM   844  C C   . SER A 1 123 ? 2.673   4.039   13.156  1.00 29.19 ? 122 SER A C   1 
ATOM   845  O O   . SER A 1 123 ? 2.475   4.741   14.163  1.00 28.46 ? 122 SER A O   1 
ATOM   846  C CB  . SER A 1 123 ? 0.778   2.941   11.968  1.00 26.99 ? 122 SER A CB  1 
ATOM   847  O OG  . SER A 1 123 ? -0.054  2.932   10.772  1.00 27.40 ? 122 SER A OG  1 
HETATM 848  N N   . MLY A 1 124 ? 3.682   3.171   13.023  1.00 30.05 ? 123 MLY A N   1 
HETATM 849  C CA  . MLY A 1 124 ? 4.715   3.016   14.031  1.00 31.90 ? 123 MLY A CA  1 
HETATM 850  C CB  . MLY A 1 124 ? 5.670   1.857   13.740  1.00 31.32 ? 123 MLY A CB  1 
HETATM 851  C CG  . MLY A 1 124 ? 6.882   1.833   14.700  1.00 35.95 ? 123 MLY A CG  1 
HETATM 852  C CD  . MLY A 1 124 ? 6.486   1.421   16.140  1.00 40.95 ? 123 MLY A CD  1 
HETATM 853  C CE  . MLY A 1 124 ? 7.659   1.626   17.115  1.00 43.26 ? 123 MLY A CE  1 
HETATM 854  N NZ  . MLY A 1 124 ? 8.351   0.378   17.464  1.00 47.74 ? 123 MLY A NZ  1 
HETATM 855  C CH1 . MLY A 1 124 ? 9.737   0.681   17.863  1.00 49.18 ? 123 MLY A CH1 1 
HETATM 856  C CH2 . MLY A 1 124 ? 8.382   -0.652  16.411  1.00 49.00 ? 123 MLY A CH2 1 
HETATM 857  C C   . MLY A 1 124 ? 5.398   4.318   14.260  1.00 32.56 ? 123 MLY A C   1 
HETATM 858  O O   . MLY A 1 124 ? 5.574   4.744   15.431  1.00 32.72 ? 123 MLY A O   1 
ATOM   859  N N   . ASN A 1 125 ? 5.756   5.029   13.202  1.00 32.99 ? 124 ASN A N   1 
ATOM   860  C CA  . ASN A 1 125 ? 6.527   6.254   13.404  1.00 33.96 ? 124 ASN A CA  1 
ATOM   861  C C   . ASN A 1 125 ? 5.716   7.366   14.118  1.00 36.45 ? 124 ASN A C   1 
ATOM   862  O O   . ASN A 1 125 ? 6.261   8.031   15.028  1.00 35.92 ? 124 ASN A O   1 
ATOM   863  C CB  . ASN A 1 125 ? 7.068   6.820   12.097  1.00 33.62 ? 124 ASN A CB  1 
ATOM   864  C CG  . ASN A 1 125 ? 8.210   7.801   12.321  1.00 33.99 ? 124 ASN A CG  1 
ATOM   865  O OD1 . ASN A 1 125 ? 9.332   7.381   12.647  1.00 39.30 ? 124 ASN A OD1 1 
ATOM   866  N ND2 . ASN A 1 125 ? 7.960   9.086   12.097  1.00 30.69 ? 124 ASN A ND2 1 
ATOM   867  N N   . ILE A 1 126 ? 4.465   7.574   13.698  1.00 37.65 ? 125 ILE A N   1 
ATOM   868  C CA  . ILE A 1 126 ? 3.661   8.676   14.258  1.00 40.10 ? 125 ILE A CA  1 
ATOM   869  C C   . ILE A 1 126 ? 3.235   8.397   15.694  1.00 40.99 ? 125 ILE A C   1 
ATOM   870  O O   . ILE A 1 126 ? 2.978   9.337   16.447  1.00 42.57 ? 125 ILE A O   1 
ATOM   871  C CB  . ILE A 1 126 ? 2.410   9.040   13.424  1.00 39.72 ? 125 ILE A CB  1 
ATOM   872  C CG1 . ILE A 1 126 ? 1.399   7.891   13.433  1.00 40.44 ? 125 ILE A CG1 1 
ATOM   873  C CG2 . ILE A 1 126 ? 2.816   9.453   12.034  1.00 42.02 ? 125 ILE A CG2 1 
ATOM   874  C CD1 . ILE A 1 126 ? 0.197   8.125   12.573  1.00 42.17 ? 125 ILE A CD1 1 
ATOM   875  N N   . GLY A 1 127 ? 3.186   7.125   16.078  1.00 42.44 ? 126 GLY A N   1 
ATOM   876  C CA  . GLY A 1 127 ? 2.897   6.737   17.473  1.00 43.76 ? 126 GLY A CA  1 
ATOM   877  C C   . GLY A 1 127 ? 4.112   6.549   18.389  1.00 44.52 ? 126 GLY A C   1 
ATOM   878  O O   . GLY A 1 127 ? 4.010   5.868   19.412  1.00 45.48 ? 126 GLY A O   1 
ATOM   879  N N   . SER A 1 128 ? 5.255   7.132   18.021  1.00 44.64 ? 127 SER A N   1 
ATOM   880  C CA  . SER A 1 128 ? 6.503   6.977   18.777  1.00 44.81 ? 127 SER A CA  1 
ATOM   881  C C   . SER A 1 128 ? 7.411   8.158   18.480  1.00 45.15 ? 127 SER A C   1 
ATOM   882  O O   . SER A 1 128 ? 6.989   9.112   17.819  1.00 46.09 ? 127 SER A O   1 
ATOM   883  C CB  . SER A 1 128 ? 7.192   5.657   18.408  1.00 44.73 ? 127 SER A CB  1 
ATOM   884  O OG  . SER A 1 128 ? 7.824   5.732   17.137  1.00 43.38 ? 127 SER A OG  1 
ATOM   885  N N   . THR A 1 129 ? 8.639   8.122   18.990  1.00 45.81 ? 128 THR A N   1 
ATOM   886  C CA  . THR A 1 129 ? 9.659   9.133   18.661  1.00 46.31 ? 128 THR A CA  1 
ATOM   887  C C   . THR A 1 129 ? 10.820  8.547   17.854  1.00 46.32 ? 128 THR A C   1 
ATOM   888  O O   . THR A 1 129 ? 11.793  9.258   17.557  1.00 46.65 ? 128 THR A O   1 
ATOM   889  C CB  . THR A 1 129 ? 10.253  9.790   19.937  1.00 46.87 ? 128 THR A CB  1 
ATOM   890  O OG1 . THR A 1 129 ? 10.806  8.767   20.779  1.00 46.89 ? 128 THR A OG1 1 
ATOM   891  C CG2 . THR A 1 129 ? 9.185   10.576  20.693  1.00 46.22 ? 128 THR A CG2 1 
ATOM   892  N N   . GLU A 1 130 ? 10.701  7.261   17.507  1.00 46.02 ? 129 GLU A N   1 
ATOM   893  C CA  . GLU A 1 130 ? 11.639  6.538   16.625  1.00 45.90 ? 129 GLU A CA  1 
ATOM   894  C C   . GLU A 1 130 ? 12.021  7.340   15.381  1.00 44.76 ? 129 GLU A C   1 
ATOM   895  O O   . GLU A 1 130 ? 11.231  8.154   14.888  1.00 43.83 ? 129 GLU A O   1 
ATOM   896  C CB  . GLU A 1 130 ? 10.962  5.243   16.139  1.00 46.64 ? 129 GLU A CB  1 
ATOM   897  C CG  . GLU A 1 130 ? 11.798  3.987   16.228  1.00 48.34 ? 129 GLU A CG  1 
ATOM   898  C CD  . GLU A 1 130 ? 11.097  2.774   15.684  1.00 48.56 ? 129 GLU A CD  1 
ATOM   899  O OE1 . GLU A 1 130 ? 10.005  2.926   15.080  1.00 48.48 ? 129 GLU A OE1 1 
ATOM   900  O OE2 . GLU A 1 130 ? 11.648  1.652   15.836  1.00 50.42 ? 129 GLU A OE2 1 
ATOM   901  N N   . GLU A 1 131 ? 13.215  7.082   14.844  1.00 43.74 ? 130 GLU A N   1 
ATOM   902  C CA  . GLU A 1 131 ? 13.575  7.696   13.586  1.00 43.75 ? 130 GLU A CA  1 
ATOM   903  C C   . GLU A 1 131 ? 12.861  6.918   12.480  1.00 40.81 ? 130 GLU A C   1 
ATOM   904  O O   . GLU A 1 131 ? 12.556  5.727   12.642  1.00 40.04 ? 130 GLU A O   1 
ATOM   905  C CB  . GLU A 1 131 ? 15.102  7.741   13.337  1.00 44.61 ? 130 GLU A CB  1 
ATOM   906  C CG  . GLU A 1 131 ? 15.774  9.141   13.597  1.00 48.55 ? 130 GLU A CG  1 
ATOM   907  C CD  . GLU A 1 131 ? 15.145  10.280  12.777  1.00 52.40 ? 130 GLU A CD  1 
ATOM   908  O OE1 . GLU A 1 131 ? 14.402  9.980   11.803  1.00 54.08 ? 130 GLU A OE1 1 
ATOM   909  O OE2 . GLU A 1 131 ? 15.376  11.475  13.115  1.00 53.41 ? 130 GLU A OE2 1 
ATOM   910  N N   . LEU A 1 132 ? 12.614  7.606   11.374  1.00 39.57 ? 131 LEU A N   1 
ATOM   911  C CA  . LEU A 1 132 ? 11.900  7.022   10.261  1.00 38.24 ? 131 LEU A CA  1 
ATOM   912  C C   . LEU A 1 132 ? 12.554  5.752   9.773   1.00 36.48 ? 131 LEU A C   1 
ATOM   913  O O   . LEU A 1 132 ? 11.866  4.795   9.466   1.00 35.31 ? 131 LEU A O   1 
ATOM   914  C CB  . LEU A 1 132 ? 11.753  7.985   9.073   1.00 38.40 ? 131 LEU A CB  1 
ATOM   915  C CG  . LEU A 1 132 ? 10.469  8.787   8.989   1.00 38.92 ? 131 LEU A CG  1 
ATOM   916  C CD1 . LEU A 1 132 ? 10.555  9.714   7.791   1.00 37.76 ? 131 LEU A CD1 1 
ATOM   917  C CD2 . LEU A 1 132 ? 9.206   7.919   8.937   1.00 35.39 ? 131 LEU A CD2 1 
ATOM   918  N N   . ALA A 1 133 ? 13.878  5.769   9.645   1.00 34.97 ? 132 ALA A N   1 
ATOM   919  C CA  . ALA A 1 133 ? 14.600  4.631   9.117   1.00 33.63 ? 132 ALA A CA  1 
ATOM   920  C C   . ALA A 1 133 ? 14.319  3.386   9.917   1.00 33.03 ? 132 ALA A C   1 
ATOM   921  O O   . ALA A 1 133 ? 14.124  2.332   9.339   1.00 33.42 ? 132 ALA A O   1 
ATOM   922  C CB  . ALA A 1 133 ? 16.142  4.925   9.027   1.00 34.21 ? 132 ALA A CB  1 
ATOM   923  N N   . ASP A 1 134 ? 14.251  3.500   11.248  1.00 32.65 ? 133 ASP A N   1 
ATOM   924  C CA  . ASP A 1 134 ? 13.986  2.347   12.107  1.00 32.20 ? 133 ASP A CA  1 
ATOM   925  C C   . ASP A 1 134 ? 12.518  1.868   12.075  1.00 31.06 ? 133 ASP A C   1 
ATOM   926  O O   . ASP A 1 134 ? 12.244  0.661   12.137  1.00 30.53 ? 133 ASP A O   1 
ATOM   927  C CB  . ASP A 1 134 ? 14.379  2.690   13.549  1.00 33.34 ? 133 ASP A CB  1 
ATOM   928  C CG  . ASP A 1 134 ? 15.882  2.983   13.689  1.00 36.55 ? 133 ASP A CG  1 
ATOM   929  O OD1 . ASP A 1 134 ? 16.711  2.161   13.212  1.00 37.97 ? 133 ASP A OD1 1 
ATOM   930  O OD2 . ASP A 1 134 ? 16.207  4.048   14.259  1.00 43.69 ? 133 ASP A OD2 1 
ATOM   931  N N   . SER A 1 135 ? 11.573  2.809   11.999  1.00 30.61 ? 134 SER A N   1 
ATOM   932  C CA  . SER A 1 135 ? 10.156  2.401   11.795  1.00 30.32 ? 134 SER A CA  1 
ATOM   933  C C   . SER A 1 135 ? 10.024  1.603   10.482  1.00 27.98 ? 134 SER A C   1 
ATOM   934  O O   . SER A 1 135 ? 9.422   0.531   10.447  1.00 26.52 ? 134 SER A O   1 
ATOM   935  C CB  . SER A 1 135 ? 9.216   3.606   11.794  1.00 30.01 ? 134 SER A CB  1 
ATOM   936  O OG  . SER A 1 135 ? 9.268   4.358   13.000  1.00 33.79 ? 134 SER A OG  1 
ATOM   937  N N   . PHE A 1 136 ? 10.640  2.105   9.407   1.00 27.57 ? 135 PHE A N   1 
ATOM   938  C CA  . PHE A 1 136 ? 10.658  1.362   8.152   1.00 27.26 ? 135 PHE A CA  1 
ATOM   939  C C   . PHE A 1 136 ? 11.369  0.012   8.254   1.00 27.33 ? 135 PHE A C   1 
ATOM   940  O O   . PHE A 1 136 ? 10.855  -1.006  7.777   1.00 24.05 ? 135 PHE A O   1 
ATOM   941  C CB  . PHE A 1 136 ? 11.184  2.233   7.000   1.00 27.95 ? 135 PHE A CB  1 
ATOM   942  C CG  . PHE A 1 136 ? 10.118  3.059   6.362   1.00 27.48 ? 135 PHE A CG  1 
ATOM   943  C CD1 . PHE A 1 136 ? 9.870   4.351   6.769   1.00 28.22 ? 135 PHE A CD1 1 
ATOM   944  C CD2 . PHE A 1 136 ? 9.305   2.514   5.374   1.00 25.00 ? 135 PHE A CD2 1 
ATOM   945  C CE1 . PHE A 1 136 ? 8.828   5.094   6.172   1.00 28.03 ? 135 PHE A CE1 1 
ATOM   946  C CE2 . PHE A 1 136 ? 8.286   3.262   4.771   1.00 25.13 ? 135 PHE A CE2 1 
ATOM   947  C CZ  . PHE A 1 136 ? 8.034   4.541   5.194   1.00 27.81 ? 135 PHE A CZ  1 
ATOM   948  N N   . ARG A 1 137 ? 12.538  -0.043  8.915   1.00 28.12 ? 136 ARG A N   1 
ATOM   949  C CA  . ARG A 1 137 ? 13.216  -1.319  9.046   1.00 28.40 ? 136 ARG A CA  1 
ATOM   950  C C   . ARG A 1 137 ? 12.408  -2.351  9.790   1.00 27.77 ? 136 ARG A C   1 
ATOM   951  O O   . ARG A 1 137 ? 12.381  -3.501  9.418   1.00 27.32 ? 136 ARG A O   1 
ATOM   952  C CB  . ARG A 1 137 ? 14.555  -1.178  9.748   1.00 30.71 ? 136 ARG A CB  1 
ATOM   953  C CG  . ARG A 1 137 ? 15.655  -0.620  8.890   1.00 32.92 ? 136 ARG A CG  1 
ATOM   954  C CD  . ARG A 1 137 ? 16.759  -0.042  9.823   1.00 37.29 ? 136 ARG A CD  1 
ATOM   955  N NE  . ARG A 1 137 ? 17.813  0.597   9.049   1.00 39.31 ? 136 ARG A NE  1 
ATOM   956  C CZ  . ARG A 1 137 ? 18.565  1.615   9.461   1.00 41.92 ? 136 ARG A CZ  1 
ATOM   957  N NH1 . ARG A 1 137 ? 18.386  2.179   10.649  1.00 43.78 ? 136 ARG A NH1 1 
ATOM   958  N NH2 . ARG A 1 137 ? 19.501  2.090   8.651   1.00 43.30 ? 136 ARG A NH2 1 
ATOM   959  N N   . GLY A 1 138 ? 11.744  -1.945  10.855  1.00 27.74 ? 137 GLY A N   1 
ATOM   960  C CA  . GLY A 1 138 ? 10.984  -2.907  11.622  1.00 27.25 ? 137 GLY A CA  1 
ATOM   961  C C   . GLY A 1 138 ? 9.762   -3.384  10.864  1.00 26.10 ? 137 GLY A C   1 
ATOM   962  O O   . GLY A 1 138 ? 9.393   -4.526  10.956  1.00 24.94 ? 137 GLY A O   1 
ATOM   963  N N   . SER A 1 139 ? 9.121   -2.480  10.115  1.00 25.00 ? 138 SER A N   1 
ATOM   964  C CA  . SER A 1 139 ? 8.050   -2.875  9.218   1.00 23.84 ? 138 SER A CA  1 
ATOM   965  C C   . SER A 1 139 ? 8.502   -3.868  8.150   1.00 23.55 ? 138 SER A C   1 
ATOM   966  O O   . SER A 1 139 ? 7.834   -4.853  7.870   1.00 24.21 ? 138 SER A O   1 
ATOM   967  C CB  . SER A 1 139 ? 7.416   -1.638  8.515   1.00 22.73 ? 138 SER A CB  1 
ATOM   968  O OG  . SER A 1 139 ? 6.335   -2.125  7.746   1.00 22.89 ? 138 SER A OG  1 
ATOM   969  N N   . TYR A 1 140 ? 9.642   -3.607  7.517   1.00 24.93 ? 139 TYR A N   1 
ATOM   970  C CA  . TYR A 1 140 ? 10.112  -4.449  6.447   1.00 24.75 ? 139 TYR A CA  1 
ATOM   971  C C   . TYR A 1 140 ? 10.248  -5.892  6.938   1.00 27.04 ? 139 TYR A C   1 
ATOM   972  O O   . TYR A 1 140 ? 9.820   -6.844  6.251   1.00 25.98 ? 139 TYR A O   1 
ATOM   973  C CB  . TYR A 1 140 ? 11.463  -3.929  5.918   1.00 25.18 ? 139 TYR A CB  1 
ATOM   974  C CG  . TYR A 1 140 ? 12.027  -4.686  4.733   1.00 24.01 ? 139 TYR A CG  1 
ATOM   975  C CD1 . TYR A 1 140 ? 11.306  -4.800  3.547   1.00 24.08 ? 139 TYR A CD1 1 
ATOM   976  C CD2 . TYR A 1 140 ? 13.291  -5.266  4.783   1.00 26.13 ? 139 TYR A CD2 1 
ATOM   977  C CE1 . TYR A 1 140 ? 11.835  -5.466  2.451   1.00 24.50 ? 139 TYR A CE1 1 
ATOM   978  C CE2 . TYR A 1 140 ? 13.818  -5.981  3.690   1.00 26.91 ? 139 TYR A CE2 1 
ATOM   979  C CZ  . TYR A 1 140 ? 13.094  -6.047  2.524   1.00 23.50 ? 139 TYR A CZ  1 
ATOM   980  O OH  . TYR A 1 140 ? 13.566  -6.759  1.456   1.00 25.32 ? 139 TYR A OH  1 
ATOM   981  N N   . ARG A 1 141 ? 10.795  -6.010  8.146   1.00 28.93 ? 140 ARG A N   1 
ATOM   982  C CA  A ARG A 1 141 ? 11.070  -7.290  8.796   0.50 30.15 ? 140 ARG A CA  1 
ATOM   983  C CA  B ARG A 1 141 ? 11.063  -7.292  8.794   0.50 30.10 ? 140 ARG A CA  1 
ATOM   984  C C   . ARG A 1 141 ? 9.821   -8.149  8.867   1.00 30.21 ? 140 ARG A C   1 
ATOM   985  O O   . ARG A 1 141 ? 9.869   -9.362  8.626   1.00 29.60 ? 140 ARG A O   1 
ATOM   986  C CB  A ARG A 1 141 ? 11.604  -7.061  10.229  0.50 30.84 ? 140 ARG A CB  1 
ATOM   987  C CB  B ARG A 1 141 ? 11.580  -7.070  10.225  0.50 30.79 ? 140 ARG A CB  1 
ATOM   988  C CG  A ARG A 1 141 ? 13.095  -7.119  10.373  0.50 33.97 ? 140 ARG A CG  1 
ATOM   989  C CG  B ARG A 1 141 ? 13.050  -6.945  10.335  0.50 33.51 ? 140 ARG A CG  1 
ATOM   990  C CD  A ARG A 1 141 ? 13.495  -7.406  11.840  0.50 34.24 ? 140 ARG A CD  1 
ATOM   991  C CD  B ARG A 1 141 ? 13.526  -7.382  11.725  0.50 33.95 ? 140 ARG A CD  1 
ATOM   992  N NE  A ARG A 1 141 ? 12.954  -6.387  12.727  0.50 34.92 ? 140 ARG A NE  1 
ATOM   993  N NE  B ARG A 1 141 ? 14.650  -6.574  12.164  0.50 33.62 ? 140 ARG A NE  1 
ATOM   994  C CZ  A ARG A 1 141 ? 13.600  -5.270  13.060  0.50 34.42 ? 140 ARG A CZ  1 
ATOM   995  C CZ  B ARG A 1 141 ? 15.869  -7.025  12.436  0.50 35.98 ? 140 ARG A CZ  1 
ATOM   996  N NH1 A ARG A 1 141 ? 13.024  -4.406  13.850  0.50 34.29 ? 140 ARG A NH1 1 
ATOM   997  N NH1 B ARG A 1 141 ? 16.791  -6.174  12.845  0.50 37.10 ? 140 ARG A NH1 1 
ATOM   998  N NH2 A ARG A 1 141 ? 14.822  -5.024  12.626  0.50 37.34 ? 140 ARG A NH2 1 
ATOM   999  N NH2 B ARG A 1 141 ? 16.176  -8.304  12.310  0.50 36.20 ? 140 ARG A NH2 1 
ATOM   1000 N N   . VAL A 1 142 ? 8.692   -7.514  9.201   1.00 30.15 ? 141 VAL A N   1 
ATOM   1001 C CA  . VAL A 1 142 ? 7.452   -8.252  9.354   1.00 30.41 ? 141 VAL A CA  1 
ATOM   1002 C C   . VAL A 1 142 ? 6.501   -8.270  8.165   1.00 30.59 ? 141 VAL A C   1 
ATOM   1003 O O   . VAL A 1 142 ? 5.405   -8.797  8.274   1.00 32.98 ? 141 VAL A O   1 
ATOM   1004 C CB  . VAL A 1 142 ? 6.698   -7.770  10.640  1.00 30.66 ? 141 VAL A CB  1 
ATOM   1005 C CG1 . VAL A 1 142 ? 7.584   -7.882  11.884  1.00 30.50 ? 141 VAL A CG1 1 
ATOM   1006 C CG2 . VAL A 1 142 ? 6.167   -6.326  10.502  1.00 32.31 ? 141 VAL A CG2 1 
ATOM   1007 N N   . THR A 1 143 ? 6.860   -7.655  7.036   1.00 29.32 ? 142 THR A N   1 
ATOM   1008 C CA  . THR A 1 143 ? 5.973   -7.622  5.874   1.00 26.78 ? 142 THR A CA  1 
ATOM   1009 C C   . THR A 1 143 ? 6.614   -8.268  4.661   1.00 28.22 ? 142 THR A C   1 
ATOM   1010 O O   . THR A 1 143 ? 6.259   -9.375  4.286   1.00 29.25 ? 142 THR A O   1 
ATOM   1011 C CB  . THR A 1 143 ? 5.553   -6.157  5.532   1.00 26.39 ? 142 THR A CB  1 
ATOM   1012 O OG1 . THR A 1 143 ? 6.691   -5.283  5.469   1.00 23.96 ? 142 THR A OG1 1 
ATOM   1013 C CG2 . THR A 1 143 ? 4.643   -5.645  6.659   1.00 24.98 ? 142 THR A CG2 1 
ATOM   1014 N N   . LEU A 1 144 ? 7.564   -7.570  4.047   1.00 26.14 ? 143 LEU A N   1 
ATOM   1015 C CA  . LEU A 1 144 ? 8.094   -7.964  2.759   1.00 26.45 ? 143 LEU A CA  1 
ATOM   1016 C C   . LEU A 1 144 ? 9.363   -8.853  2.928   1.00 25.92 ? 143 LEU A C   1 
ATOM   1017 O O   . LEU A 1 144 ? 9.564   -9.750  2.144   1.00 26.35 ? 143 LEU A O   1 
ATOM   1018 C CB  . LEU A 1 144 ? 8.447   -6.713  1.945   1.00 26.35 ? 143 LEU A CB  1 
ATOM   1019 C CG  . LEU A 1 144 ? 7.272   -5.997  1.277   1.00 25.06 ? 143 LEU A CG  1 
ATOM   1020 C CD1 . LEU A 1 144 ? 7.712   -4.557  0.856   1.00 24.11 ? 143 LEU A CD1 1 
ATOM   1021 C CD2 . LEU A 1 144 ? 6.725   -6.790  0.110   1.00 27.49 ? 143 LEU A CD2 1 
HETATM 1022 N N   . MLY A 1 145 ? 10.192  -8.560  3.914   1.00 26.49 ? 144 MLY A N   1 
HETATM 1023 C CA  . MLY A 1 145 ? 11.496  -9.236  4.038   1.00 27.09 ? 144 MLY A CA  1 
HETATM 1024 C CB  . MLY A 1 145 ? 12.198  -8.750  5.302   1.00 27.76 ? 144 MLY A CB  1 
HETATM 1025 C CG  . MLY A 1 145 ? 13.661  -9.220  5.367   1.00 31.11 ? 144 MLY A CG  1 
HETATM 1026 C CD  . MLY A 1 145 ? 14.377  -8.646  6.579   1.00 33.99 ? 144 MLY A CD  1 
HETATM 1027 C CE  . MLY A 1 145 ? 15.557  -9.560  6.948   1.00 36.54 ? 144 MLY A CE  1 
HETATM 1028 N NZ  . MLY A 1 145 ? 16.635  -8.931  7.754   1.00 38.02 ? 144 MLY A NZ  1 
HETATM 1029 C CH1 . MLY A 1 145 ? 17.505  -9.993  8.330   1.00 38.49 ? 144 MLY A CH1 1 
HETATM 1030 C CH2 . MLY A 1 145 ? 16.338  -7.846  8.710   1.00 33.80 ? 144 MLY A CH2 1 
HETATM 1031 C C   . MLY A 1 145 ? 11.463  -10.753 3.889   1.00 27.99 ? 144 MLY A C   1 
HETATM 1032 O O   . MLY A 1 145 ? 12.274  -11.316 3.157   1.00 26.82 ? 144 MLY A O   1 
ATOM   1033 N N   . PRO A 1 146 ? 10.493  -11.445 4.514   1.00 28.12 ? 145 PRO A N   1 
ATOM   1034 C CA  . PRO A 1 146 ? 10.525  -12.901 4.427   1.00 27.92 ? 145 PRO A CA  1 
ATOM   1035 C C   . PRO A 1 146 ? 10.236  -13.465 3.065   1.00 28.32 ? 145 PRO A C   1 
ATOM   1036 O O   . PRO A 1 146 ? 10.495  -14.639 2.817   1.00 27.88 ? 145 PRO A O   1 
ATOM   1037 C CB  . PRO A 1 146 ? 9.435   -13.353 5.411   1.00 28.83 ? 145 PRO A CB  1 
ATOM   1038 C CG  . PRO A 1 146 ? 9.267   -12.259 6.335   1.00 28.95 ? 145 PRO A CG  1 
ATOM   1039 C CD  . PRO A 1 146 ? 9.581   -10.981 5.584   1.00 28.96 ? 145 PRO A CD  1 
ATOM   1040 N N   . HIS A 1 147 ? 9.694   -12.636 2.173   1.00 25.14 ? 146 HIS A N   1 
ATOM   1041 C CA  . HIS A 1 147 ? 9.310   -13.081 0.864   1.00 26.38 ? 146 HIS A CA  1 
ATOM   1042 C C   . HIS A 1 147 ? 10.244  -12.642 -0.256  1.00 25.34 ? 146 HIS A C   1 
ATOM   1043 O O   . HIS A 1 147 ? 10.055  -13.028 -1.403  1.00 28.08 ? 146 HIS A O   1 
ATOM   1044 C CB  . HIS A 1 147 ? 7.896   -12.559 0.562   1.00 25.43 ? 146 HIS A CB  1 
ATOM   1045 C CG  . HIS A 1 147 ? 6.899   -12.942 1.609   1.00 26.48 ? 146 HIS A CG  1 
ATOM   1046 N ND1 . HIS A 1 147 ? 6.359   -14.206 1.695   1.00 27.07 ? 146 HIS A ND1 1 
ATOM   1047 C CD2 . HIS A 1 147 ? 6.342   -12.229 2.606   1.00 28.87 ? 146 HIS A CD2 1 
ATOM   1048 C CE1 . HIS A 1 147 ? 5.513   -14.252 2.708   1.00 29.30 ? 146 HIS A CE1 1 
ATOM   1049 N NE2 . HIS A 1 147 ? 5.489   -13.064 3.279   1.00 26.65 ? 146 HIS A NE2 1 
ATOM   1050 N N   . HIS A 1 148 ? 11.235  -11.847 0.085   1.00 27.25 ? 147 HIS A N   1 
ATOM   1051 C CA  . HIS A 1 148 ? 12.182  -11.274 -0.863  1.00 28.34 ? 147 HIS A CA  1 
ATOM   1052 C C   . HIS A 1 148 ? 13.439  -12.144 -1.029  1.00 30.41 ? 147 HIS A C   1 
ATOM   1053 O O   . HIS A 1 148 ? 13.912  -12.775 -0.073  1.00 31.05 ? 147 HIS A O   1 
ATOM   1054 C CB  . HIS A 1 148 ? 12.574  -9.867  -0.422  1.00 28.19 ? 147 HIS A CB  1 
ATOM   1055 C CG  . HIS A 1 148 ? 11.618  -8.801  -0.878  1.00 26.12 ? 147 HIS A CG  1 
ATOM   1056 N ND1 . HIS A 1 148 ? 11.678  -7.512  -0.398  1.00 24.66 ? 147 HIS A ND1 1 
ATOM   1057 C CD2 . HIS A 1 148 ? 10.603  -8.819  -1.785  1.00 25.79 ? 147 HIS A CD2 1 
ATOM   1058 C CE1 . HIS A 1 148 ? 10.762  -6.779  -0.998  1.00 24.24 ? 147 HIS A CE1 1 
ATOM   1059 N NE2 . HIS A 1 148 ? 10.079  -7.544  -1.831  1.00 25.72 ? 147 HIS A NE2 1 
ATOM   1060 N N   . SER A 1 149 ? 13.973  -12.175 -2.262  1.00 31.45 ? 148 SER A N   1 
ATOM   1061 C CA  . SER A 1 149 ? 15.222  -12.914 -2.538  1.00 31.68 ? 148 SER A CA  1 
ATOM   1062 C C   . SER A 1 149 ? 16.430  -12.230 -1.952  1.00 31.46 ? 148 SER A C   1 
ATOM   1063 O O   . SER A 1 149 ? 16.363  -11.069 -1.490  1.00 30.19 ? 148 SER A O   1 
ATOM   1064 C CB  . SER A 1 149 ? 15.402  -13.061 -4.041  1.00 32.54 ? 148 SER A CB  1 
ATOM   1065 O OG  . SER A 1 149 ? 15.764  -11.787 -4.599  1.00 33.98 ? 148 SER A OG  1 
ATOM   1066 N N   . PHE A 1 150 ? 17.566  -12.933 -1.968  1.00 32.63 ? 149 PHE A N   1 
ATOM   1067 C CA  . PHE A 1 150 ? 18.815  -12.376 -1.453  1.00 33.67 ? 149 PHE A CA  1 
ATOM   1068 C C   . PHE A 1 150 ? 19.273  -11.131 -2.238  1.00 31.92 ? 149 PHE A C   1 
ATOM   1069 O O   . PHE A 1 150 ? 19.964  -10.313 -1.691  1.00 30.72 ? 149 PHE A O   1 
ATOM   1070 C CB  . PHE A 1 150 ? 19.971  -13.431 -1.432  1.00 36.16 ? 149 PHE A CB  1 
ATOM   1071 C CG  . PHE A 1 150 ? 19.839  -14.454 -0.292  1.00 42.54 ? 149 PHE A CG  1 
ATOM   1072 C CD1 . PHE A 1 150 ? 20.434  -14.218 0.947   1.00 47.77 ? 149 PHE A CD1 1 
ATOM   1073 C CD2 . PHE A 1 150 ? 19.060  -15.610 -0.459  1.00 49.67 ? 149 PHE A CD2 1 
ATOM   1074 C CE1 . PHE A 1 150 ? 20.276  -15.137 2.019   1.00 48.35 ? 149 PHE A CE1 1 
ATOM   1075 C CE2 . PHE A 1 150 ? 18.903  -16.550 0.603   1.00 51.16 ? 149 PHE A CE2 1 
ATOM   1076 C CZ  . PHE A 1 150 ? 19.513  -16.307 1.829   1.00 50.68 ? 149 PHE A CZ  1 
ATOM   1077 N N   . LEU A 1 151 ? 18.889  -11.009 -3.504  1.00 32.08 ? 150 LEU A N   1 
ATOM   1078 C CA  . LEU A 1 151 ? 19.245  -9.810  -4.307  1.00 31.45 ? 150 LEU A CA  1 
ATOM   1079 C C   . LEU A 1 151 ? 18.317  -8.588  -4.106  1.00 29.93 ? 150 LEU A C   1 
ATOM   1080 O O   . LEU A 1 151 ? 18.730  -7.434  -4.297  1.00 29.39 ? 150 LEU A O   1 
ATOM   1081 C CB  . LEU A 1 151 ? 19.301  -10.187 -5.788  1.00 33.07 ? 150 LEU A CB  1 
ATOM   1082 C CG  . LEU A 1 151 ? 20.470  -11.118 -6.147  1.00 34.41 ? 150 LEU A CG  1 
ATOM   1083 C CD1 . LEU A 1 151 ? 20.402  -11.500 -7.669  1.00 38.71 ? 150 LEU A CD1 1 
ATOM   1084 C CD2 . LEU A 1 151 ? 21.801  -10.505 -5.759  1.00 36.67 ? 150 LEU A CD2 1 
ATOM   1085 N N   . VAL A 1 152 ? 17.089  -8.820  -3.670  1.00 28.09 ? 151 VAL A N   1 
ATOM   1086 C CA  . VAL A 1 152 ? 16.132  -7.735  -3.435  1.00 27.34 ? 151 VAL A CA  1 
ATOM   1087 C C   . VAL A 1 152 ? 16.264  -7.108  -2.020  1.00 26.96 ? 151 VAL A C   1 
ATOM   1088 O O   . VAL A 1 152 ? 16.130  -5.884  -1.842  1.00 26.83 ? 151 VAL A O   1 
ATOM   1089 C CB  . VAL A 1 152 ? 14.721  -8.227  -3.742  1.00 27.36 ? 151 VAL A CB  1 
ATOM   1090 C CG1 . VAL A 1 152 ? 13.660  -7.199  -3.356  1.00 28.78 ? 151 VAL A CG1 1 
ATOM   1091 C CG2 . VAL A 1 152 ? 14.602  -8.637  -5.258  1.00 30.80 ? 151 VAL A CG2 1 
HETATM 1092 N N   . MLY A 1 153 ? 16.548  -7.925  -0.997  1.00 26.37 ? 152 MLY A N   1 
HETATM 1093 C CA  . MLY A 1 153 ? 16.754  -7.396  0.350   1.00 26.52 ? 152 MLY A CA  1 
HETATM 1094 C CB  . MLY A 1 153 ? 17.109  -8.407  1.465   1.00 27.08 ? 152 MLY A CB  1 
HETATM 1095 C CG  . MLY A 1 153 ? 15.982  -9.430  1.656   1.00 30.54 ? 152 MLY A CG  1 
HETATM 1096 C CD  . MLY A 1 153 ? 16.492  -10.571 2.566   1.00 34.22 ? 152 MLY A CD  1 
HETATM 1097 C CE  . MLY A 1 153 ? 15.727  -11.825 2.273   1.00 38.25 ? 152 MLY A CE  1 
HETATM 1098 N NZ  . MLY A 1 153 ? 15.900  -12.826 3.352   1.00 43.40 ? 152 MLY A NZ  1 
HETATM 1099 C CH1 . MLY A 1 153 ? 17.264  -13.346 3.341   1.00 42.99 ? 152 MLY A CH1 1 
HETATM 1100 C CH2 . MLY A 1 153 ? 14.845  -13.866 3.185   1.00 42.16 ? 152 MLY A CH2 1 
HETATM 1101 C C   . MLY A 1 153 ? 17.669  -6.209  0.469   1.00 26.96 ? 152 MLY A C   1 
HETATM 1102 O O   . MLY A 1 153 ? 17.330  -5.291  1.169   1.00 26.59 ? 152 MLY A O   1 
ATOM   1103 N N   . PRO A 1 154 ? 18.854  -6.213  -0.198  1.00 27.16 ? 153 PRO A N   1 
ATOM   1104 C CA  . PRO A 1 154 ? 19.752  -5.078  -0.118  1.00 27.84 ? 153 PRO A CA  1 
ATOM   1105 C C   . PRO A 1 154 ? 19.193  -3.796  -0.768  1.00 25.70 ? 153 PRO A C   1 
ATOM   1106 O O   . PRO A 1 154 ? 19.501  -2.695  -0.324  1.00 25.67 ? 153 PRO A O   1 
ATOM   1107 C CB  . PRO A 1 154 ? 21.001  -5.553  -0.882  1.00 28.59 ? 153 PRO A CB  1 
ATOM   1108 C CG  . PRO A 1 154 ? 20.941  -7.058  -0.820  1.00 29.30 ? 153 PRO A CG  1 
ATOM   1109 C CD  . PRO A 1 154 ? 19.469  -7.366  -0.878  1.00 27.99 ? 153 PRO A CD  1 
ATOM   1110 N N   . ILE A 1 155 ? 18.326  -3.952  -1.760  1.00 26.38 ? 154 ILE A N   1 
ATOM   1111 C CA  . ILE A 1 155 ? 17.691  -2.785  -2.405  1.00 26.15 ? 154 ILE A CA  1 
ATOM   1112 C C   . ILE A 1 155 ? 16.854  -2.046  -1.368  1.00 25.74 ? 154 ILE A C   1 
ATOM   1113 O O   . ILE A 1 155 ? 16.978  -0.810  -1.197  1.00 25.09 ? 154 ILE A O   1 
ATOM   1114 C CB  . ILE A 1 155 ? 16.868  -3.177  -3.672  1.00 26.35 ? 154 ILE A CB  1 
ATOM   1115 C CG1 . ILE A 1 155 ? 17.804  -3.795  -4.721  1.00 28.75 ? 154 ILE A CG1 1 
ATOM   1116 C CG2 . ILE A 1 155 ? 16.053  -1.910  -4.218  1.00 27.67 ? 154 ILE A CG2 1 
ATOM   1117 C CD1 . ILE A 1 155 ? 17.132  -4.480  -5.935  1.00 32.95 ? 154 ILE A CD1 1 
ATOM   1118 N N   . PHE A 1 156 ? 16.013  -2.817  -0.659  1.00 26.18 ? 155 PHE A N   1 
ATOM   1119 C CA  . PHE A 1 156 ? 15.108  -2.287  0.350   1.00 27.43 ? 155 PHE A CA  1 
ATOM   1120 C C   . PHE A 1 156 ? 15.876  -1.760  1.540   1.00 27.32 ? 155 PHE A C   1 
ATOM   1121 O O   . PHE A 1 156 ? 15.598  -0.691  2.068   1.00 28.40 ? 155 PHE A O   1 
ATOM   1122 C CB  . PHE A 1 156 ? 14.014  -3.353  0.706   1.00 27.09 ? 155 PHE A CB  1 
ATOM   1123 C CG  . PHE A 1 156 ? 12.878  -3.377  -0.276  1.00 29.26 ? 155 PHE A CG  1 
ATOM   1124 C CD1 . PHE A 1 156 ? 13.051  -3.864  -1.569  1.00 27.58 ? 155 PHE A CD1 1 
ATOM   1125 C CD2 . PHE A 1 156 ? 11.637  -2.817  0.060   1.00 31.34 ? 155 PHE A CD2 1 
ATOM   1126 C CE1 . PHE A 1 156 ? 12.037  -3.846  -2.492  1.00 31.35 ? 155 PHE A CE1 1 
ATOM   1127 C CE2 . PHE A 1 156 ? 10.604  -2.801  -0.862  1.00 31.44 ? 155 PHE A CE2 1 
ATOM   1128 C CZ  . PHE A 1 156 ? 10.771  -3.286  -2.133  1.00 30.98 ? 155 PHE A CZ  1 
ATOM   1129 N N   . SER A 1 157 ? 16.924  -2.464  1.942   1.00 28.34 ? 156 SER A N   1 
ATOM   1130 C CA  . SER A 1 157 ? 17.728  -2.012  3.056   1.00 29.22 ? 156 SER A CA  1 
ATOM   1131 C C   . SER A 1 157 ? 18.392  -0.644  2.773   1.00 28.90 ? 156 SER A C   1 
ATOM   1132 O O   . SER A 1 157 ? 18.384  0.259   3.634   1.00 28.65 ? 156 SER A O   1 
ATOM   1133 C CB  . SER A 1 157 ? 18.740  -3.123  3.424   1.00 30.85 ? 156 SER A CB  1 
ATOM   1134 O OG  . SER A 1 157 ? 19.691  -2.683  4.364   1.00 35.63 ? 156 SER A OG  1 
ATOM   1135 N N   . ALA A 1 158 ? 18.919  -0.455  1.556   1.00 27.57 ? 157 ALA A N   1 
ATOM   1136 C CA  . ALA A 1 158 ? 19.592  0.796   1.205   1.00 26.67 ? 157 ALA A CA  1 
ATOM   1137 C C   . ALA A 1 158 ? 18.600  1.938   1.145   1.00 26.91 ? 157 ALA A C   1 
ATOM   1138 O O   . ALA A 1 158 ? 18.887  3.077   1.546   1.00 25.69 ? 157 ALA A O   1 
ATOM   1139 C CB  . ALA A 1 158 ? 20.367  0.641   -0.183  1.00 27.18 ? 157 ALA A CB  1 
ATOM   1140 N N   . ALA A 1 159 ? 17.396  1.636   0.656   1.00 27.45 ? 158 ALA A N   1 
ATOM   1141 C CA  . ALA A 1 159 ? 16.363  2.647   0.544   1.00 29.21 ? 158 ALA A CA  1 
ATOM   1142 C C   . ALA A 1 159 ? 15.950  3.154   1.925   1.00 29.60 ? 158 ALA A C   1 
ATOM   1143 O O   . ALA A 1 159 ? 15.882  4.354   2.187   1.00 30.37 ? 158 ALA A O   1 
ATOM   1144 C CB  . ALA A 1 159 ? 15.146  2.067   -0.227  1.00 28.85 ? 158 ALA A CB  1 
ATOM   1145 N N   . MET A 1 160 ? 15.673  2.232   2.829   1.00 30.78 ? 159 MET A N   1 
ATOM   1146 C CA  . MET A 1 160 ? 15.255  2.601   4.182   1.00 31.09 ? 159 MET A CA  1 
ATOM   1147 C C   . MET A 1 160 ? 16.333  3.358   4.970   1.00 32.18 ? 159 MET A C   1 
ATOM   1148 O O   . MET A 1 160 ? 16.016  4.277   5.715   1.00 31.94 ? 159 MET A O   1 
ATOM   1149 C CB  . MET A 1 160 ? 14.839  1.353   4.950   1.00 30.35 ? 159 MET A CB  1 
ATOM   1150 C CG  . MET A 1 160 ? 13.654  0.651   4.341   1.00 30.54 ? 159 MET A CG  1 
ATOM   1151 S SD  . MET A 1 160 ? 13.029  -0.702  5.354   1.00 30.19 ? 159 MET A SD  1 
ATOM   1152 C CE  . MET A 1 160 ? 14.508  -1.784  5.364   1.00 29.17 ? 159 MET A CE  1 
ATOM   1153 N N   . SER A 1 161 ? 17.607  2.990   4.811   1.00 33.99 ? 160 SER A N   1 
ATOM   1154 C CA  . SER A 1 161 ? 18.694  3.754   5.460   1.00 35.43 ? 160 SER A CA  1 
ATOM   1155 C C   . SER A 1 161 ? 18.768  5.212   4.996   1.00 36.10 ? 160 SER A C   1 
ATOM   1156 O O   . SER A 1 161 ? 19.291  6.043   5.713   1.00 38.74 ? 160 SER A O   1 
ATOM   1157 C CB  . SER A 1 161 ? 20.072  3.101   5.267   1.00 34.96 ? 160 SER A CB  1 
ATOM   1158 O OG  . SER A 1 161 ? 20.055  1.754   5.700   1.00 37.43 ? 160 SER A OG  1 
ATOM   1159 N N   . ALA A 1 162 ? 18.223  5.540   3.835   1.00 36.84 ? 161 ALA A N   1 
ATOM   1160 C CA  . ALA A 1 162 ? 18.248  6.918   3.316   1.00 37.19 ? 161 ALA A CA  1 
ATOM   1161 C C   . ALA A 1 162 ? 16.997  7.729   3.665   1.00 37.27 ? 161 ALA A C   1 
ATOM   1162 O O   . ALA A 1 162 ? 16.768  8.795   3.087   1.00 38.10 ? 161 ALA A O   1 
ATOM   1163 C CB  . ALA A 1 162 ? 18.482  6.917   1.761   1.00 37.36 ? 161 ALA A CB  1 
ATOM   1164 N N   . CYS A 1 163 ? 16.189  7.248   4.613   1.00 37.84 ? 162 CYS A N   1 
ATOM   1165 C CA  . CYS A 1 163 ? 15.039  8.013   5.117   1.00 38.49 ? 162 CYS A CA  1 
ATOM   1166 C C   . CYS A 1 163 ? 15.450  9.404   5.640   1.00 39.95 ? 162 CYS A C   1 
ATOM   1167 O O   . CYS A 1 163 ? 16.496  9.536   6.252   1.00 41.01 ? 162 CYS A O   1 
ATOM   1168 C CB  . CYS A 1 163 ? 14.330  7.257   6.252   1.00 37.48 ? 162 CYS A CB  1 
ATOM   1169 S SG  . CYS A 1 163 ? 13.156  6.025   5.657   1.00 35.92 ? 162 CYS A SG  1 
ATOM   1170 N N   . PRO A 1 164 ? 14.616  10.430  5.407   1.00 41.74 ? 163 PRO A N   1 
ATOM   1171 C CA  . PRO A 1 164 ? 14.891  11.745  5.983   1.00 42.46 ? 163 PRO A CA  1 
ATOM   1172 C C   . PRO A 1 164 ? 14.732  11.704  7.496   1.00 43.82 ? 163 PRO A C   1 
ATOM   1173 O O   . PRO A 1 164 ? 14.188  10.728  8.036   1.00 42.37 ? 163 PRO A O   1 
ATOM   1174 C CB  . PRO A 1 164 ? 13.830  12.642  5.350   1.00 42.52 ? 163 PRO A CB  1 
ATOM   1175 C CG  . PRO A 1 164 ? 12.692  11.739  5.035   1.00 42.49 ? 163 PRO A CG  1 
ATOM   1176 C CD  . PRO A 1 164 ? 13.255  10.342  4.851   1.00 41.46 ? 163 PRO A CD  1 
ATOM   1177 N N   . TYR A 1 165 ? 15.244  12.722  8.182   1.00 45.59 ? 164 TYR A N   1 
ATOM   1178 C CA  . TYR A 1 165 ? 14.988  12.857  9.622   1.00 47.37 ? 164 TYR A CA  1 
ATOM   1179 C C   . TYR A 1 165 ? 13.487  13.064  9.758   1.00 47.16 ? 164 TYR A C   1 
ATOM   1180 O O   . TYR A 1 165 ? 12.885  13.771  8.960   1.00 47.07 ? 164 TYR A O   1 
ATOM   1181 C CB  . TYR A 1 165 ? 15.738  14.050  10.238  1.00 48.36 ? 164 TYR A CB  1 
ATOM   1182 C CG  . TYR A 1 165 ? 17.230  13.821  10.439  1.00 51.14 ? 164 TYR A CG  1 
ATOM   1183 C CD1 . TYR A 1 165 ? 17.679  12.937  11.406  1.00 54.54 ? 164 TYR A CD1 1 
ATOM   1184 C CD2 . TYR A 1 165 ? 18.184  14.494  9.665   1.00 55.18 ? 164 TYR A CD2 1 
ATOM   1185 C CE1 . TYR A 1 165 ? 19.024  12.702  11.602  1.00 57.09 ? 164 TYR A CE1 1 
ATOM   1186 C CE2 . TYR A 1 165 ? 19.556  14.273  9.861   1.00 56.66 ? 164 TYR A CE2 1 
ATOM   1187 C CZ  . TYR A 1 165 ? 19.964  13.369  10.838  1.00 57.80 ? 164 TYR A CZ  1 
ATOM   1188 O OH  . TYR A 1 165 ? 21.304  13.104  11.089  1.00 60.62 ? 164 TYR A OH  1 
ATOM   1189 N N   . ARG A 1 166 ? 12.876  12.435  10.752  1.00 48.05 ? 165 ARG A N   1 
ATOM   1190 C CA  . ARG A 1 166 ? 11.418  12.526  10.894  1.00 48.78 ? 165 ARG A CA  1 
ATOM   1191 C C   . ARG A 1 166 ? 10.871  13.962  10.881  1.00 49.36 ? 165 ARG A C   1 
ATOM   1192 O O   . ARG A 1 166 ? 9.822   14.227  10.277  1.00 49.39 ? 165 ARG A O   1 
ATOM   1193 C CB  . ARG A 1 166 ? 10.938  11.724  12.100  1.00 48.71 ? 165 ARG A CB  1 
ATOM   1194 C CG  . ARG A 1 166 ? 11.378  12.214  13.449  1.00 49.08 ? 165 ARG A CG  1 
ATOM   1195 C CD  . ARG A 1 166 ? 10.723  11.399  14.547  1.00 47.26 ? 165 ARG A CD  1 
ATOM   1196 N NE  . ARG A 1 166 ? 9.272   11.628  14.663  1.00 45.90 ? 165 ARG A NE  1 
ATOM   1197 C CZ  . ARG A 1 166 ? 8.388   10.702  15.044  1.00 42.95 ? 165 ARG A CZ  1 
ATOM   1198 N NH1 . ARG A 1 166 ? 8.776   9.464   15.317  1.00 40.29 ? 165 ARG A NH1 1 
ATOM   1199 N NH2 . ARG A 1 166 ? 7.099   11.008  15.146  1.00 43.84 ? 165 ARG A NH2 1 
HETATM 1200 N N   . MLY A 1 167 ? 11.594  14.912  11.480  1.00 50.14 ? 166 MLY A N   1 
HETATM 1201 C CA  . MLY A 1 167 ? 11.117  16.316  11.494  1.00 50.29 ? 166 MLY A CA  1 
HETATM 1202 C CB  . MLY A 1 167 ? 12.050  17.252  12.301  1.00 50.78 ? 166 MLY A CB  1 
HETATM 1203 C CG  . MLY A 1 167 ? 12.461  16.752  13.683  1.00 52.73 ? 166 MLY A CG  1 
HETATM 1204 C CD  . MLY A 1 167 ? 11.293  16.172  14.476  1.00 56.25 ? 166 MLY A CD  1 
HETATM 1205 C CE  . MLY A 1 167 ? 11.752  15.497  15.778  1.00 58.54 ? 166 MLY A CE  1 
HETATM 1206 N NZ  . MLY A 1 167 ? 10.663  14.622  16.373  1.00 60.15 ? 166 MLY A NZ  1 
HETATM 1207 C C   . MLY A 1 167 ? 10.957  16.857  10.086  1.00 49.51 ? 166 MLY A C   1 
HETATM 1208 O O   . MLY A 1 167 ? 9.959   17.508  9.765   1.00 49.89 ? 166 MLY A O   1 
ATOM   1209 N N   . ASP A 1 168 ? 11.937  16.575  9.236   1.00 48.90 ? 167 ASP A N   1 
ATOM   1210 C CA  . ASP A 1 168 ? 11.940  17.087  7.877   1.00 48.38 ? 167 ASP A CA  1 
ATOM   1211 C C   . ASP A 1 168 ? 10.803  16.466  7.051   1.00 47.20 ? 167 ASP A C   1 
ATOM   1212 O O   . ASP A 1 168 ? 10.162  17.138  6.226   1.00 46.50 ? 167 ASP A O   1 
ATOM   1213 C CB  . ASP A 1 168 ? 13.303  16.828  7.239   1.00 49.04 ? 167 ASP A CB  1 
ATOM   1214 C CG  . ASP A 1 168 ? 14.432  17.596  7.940   1.00 51.93 ? 167 ASP A CG  1 
ATOM   1215 O OD1 . ASP A 1 168 ? 14.316  18.844  8.030   1.00 54.96 ? 167 ASP A OD1 1 
ATOM   1216 O OD2 . ASP A 1 168 ? 15.410  16.967  8.418   1.00 53.01 ? 167 ASP A OD2 1 
ATOM   1217 N N   . PHE A 1 169 ? 10.540  15.188  7.303   1.00 45.87 ? 168 PHE A N   1 
ATOM   1218 C CA  . PHE A 1 169 ? 9.443   14.494  6.648   1.00 44.63 ? 168 PHE A CA  1 
ATOM   1219 C C   . PHE A 1 169 ? 8.082   15.115  6.963   1.00 43.79 ? 168 PHE A C   1 
ATOM   1220 O O   . PHE A 1 169 ? 7.338   15.454  6.069   1.00 42.85 ? 168 PHE A O   1 
ATOM   1221 C CB  . PHE A 1 169 ? 9.453   13.012  7.045   1.00 44.09 ? 168 PHE A CB  1 
ATOM   1222 C CG  . PHE A 1 169 ? 8.277   12.248  6.540   1.00 42.94 ? 168 PHE A CG  1 
ATOM   1223 C CD1 . PHE A 1 169 ? 8.075   12.075  5.182   1.00 41.23 ? 168 PHE A CD1 1 
ATOM   1224 C CD2 . PHE A 1 169 ? 7.354   11.714  7.422   1.00 42.54 ? 168 PHE A CD2 1 
ATOM   1225 C CE1 . PHE A 1 169 ? 6.971   11.348  4.713   1.00 41.37 ? 168 PHE A CE1 1 
ATOM   1226 C CE2 . PHE A 1 169 ? 6.243   11.002  6.963   1.00 41.62 ? 168 PHE A CE2 1 
ATOM   1227 C CZ  . PHE A 1 169 ? 6.051   10.827  5.607   1.00 40.76 ? 168 PHE A CZ  1 
ATOM   1228 N N   . TYR A 1 170 ? 7.753   15.249  8.240   1.00 44.21 ? 169 TYR A N   1 
ATOM   1229 C CA  . TYR A 1 170 ? 6.430   15.777  8.630   1.00 44.25 ? 169 TYR A CA  1 
ATOM   1230 C C   . TYR A 1 170 ? 6.224   17.228  8.233   1.00 45.39 ? 169 TYR A C   1 
ATOM   1231 O O   . TYR A 1 170 ? 5.099   17.612  7.891   1.00 46.21 ? 169 TYR A O   1 
ATOM   1232 C CB  . TYR A 1 170 ? 6.178   15.599  10.135  1.00 43.93 ? 169 TYR A CB  1 
ATOM   1233 C CG  . TYR A 1 170 ? 6.080   14.152  10.493  1.00 41.90 ? 169 TYR A CG  1 
ATOM   1234 C CD1 . TYR A 1 170 ? 5.031   13.373  10.022  1.00 41.91 ? 169 TYR A CD1 1 
ATOM   1235 C CD2 . TYR A 1 170 ? 7.042   13.544  11.269  1.00 41.57 ? 169 TYR A CD2 1 
ATOM   1236 C CE1 . TYR A 1 170 ? 4.965   12.031  10.332  1.00 41.93 ? 169 TYR A CE1 1 
ATOM   1237 C CE2 . TYR A 1 170 ? 6.968   12.212  11.586  1.00 40.62 ? 169 TYR A CE2 1 
ATOM   1238 C CZ  . TYR A 1 170 ? 5.938   11.460  11.102  1.00 39.31 ? 169 TYR A CZ  1 
ATOM   1239 O OH  . TYR A 1 170 ? 5.881   10.125  11.408  1.00 43.71 ? 169 TYR A OH  1 
ATOM   1240 N N   . ALA A 1 171 ? 7.302   18.016  8.246   1.00 46.33 ? 170 ALA A N   1 
ATOM   1241 C CA  . ALA A 1 171 ? 7.255   19.410  7.753   1.00 47.08 ? 170 ALA A CA  1 
ATOM   1242 C C   . ALA A 1 171 ? 6.882   19.479  6.280   1.00 47.75 ? 170 ALA A C   1 
ATOM   1243 O O   . ALA A 1 171 ? 6.159   20.388  5.872   1.00 48.16 ? 170 ALA A O   1 
ATOM   1244 C CB  . ALA A 1 171 ? 8.587   20.128  8.002   1.00 46.97 ? 170 ALA A CB  1 
HETATM 1245 N N   . MLY A 1 172 ? 7.327   18.507  5.478   1.00 48.08 ? 171 MLY A N   1 
HETATM 1246 C CA  . MLY A 1 172 ? 6.908   18.464  4.086   1.00 48.56 ? 171 MLY A CA  1 
HETATM 1247 C CB  . MLY A 1 172 ? 7.715   17.482  3.239   1.00 48.97 ? 171 MLY A CB  1 
HETATM 1248 C CG  . MLY A 1 172 ? 9.160   17.910  2.989   1.00 50.43 ? 171 MLY A CG  1 
HETATM 1249 C CD  . MLY A 1 172 ? 9.848   16.866  2.097   1.00 53.56 ? 171 MLY A CD  1 
HETATM 1250 C CE  . MLY A 1 172 ? 11.359  16.713  2.326   1.00 55.26 ? 171 MLY A CE  1 
HETATM 1251 N NZ  . MLY A 1 172 ? 11.803  15.445  1.701   1.00 57.43 ? 171 MLY A NZ  1 
HETATM 1252 C CH1 . MLY A 1 172 ? 13.025  14.941  2.369   1.00 55.96 ? 171 MLY A CH1 1 
HETATM 1253 C CH2 . MLY A 1 172 ? 12.019  15.590  0.248   1.00 55.88 ? 171 MLY A CH2 1 
HETATM 1254 C C   . MLY A 1 172 ? 5.446   18.117  3.933   1.00 48.81 ? 171 MLY A C   1 
HETATM 1255 O O   . MLY A 1 172 ? 4.868   18.383  2.889   1.00 49.03 ? 171 MLY A O   1 
ATOM   1256 N N   . LEU A 1 173 ? 4.820   17.525  4.952   1.00 49.00 ? 172 LEU A N   1 
ATOM   1257 C CA  . LEU A 1 173 ? 3.405   17.126  4.832   1.00 49.20 ? 172 LEU A CA  1 
ATOM   1258 C C   . LEU A 1 173 ? 2.410   18.273  5.116   1.00 50.29 ? 172 LEU A C   1 
ATOM   1259 O O   . LEU A 1 173 ? 1.226   18.169  4.819   1.00 49.52 ? 172 LEU A O   1 
ATOM   1260 C CB  . LEU A 1 173 ? 3.116   15.928  5.733   1.00 48.58 ? 172 LEU A CB  1 
ATOM   1261 C CG  . LEU A 1 173 ? 3.953   14.654  5.558   1.00 47.45 ? 172 LEU A CG  1 
ATOM   1262 C CD1 . LEU A 1 173 ? 3.395   13.529  6.432   1.00 44.88 ? 172 LEU A CD1 1 
ATOM   1263 C CD2 . LEU A 1 173 ? 4.030   14.223  4.100   1.00 45.52 ? 172 LEU A CD2 1 
ATOM   1264 N N   . GLY A 1 174 ? 2.902   19.368  5.683   1.00 51.90 ? 173 GLY A N   1 
ATOM   1265 C CA  . GLY A 1 174 ? 2.059   20.538  5.960   1.00 53.22 ? 173 GLY A CA  1 
ATOM   1266 C C   . GLY A 1 174 ? 2.649   21.382  7.078   1.00 54.64 ? 173 GLY A C   1 
ATOM   1267 O O   . GLY A 1 174 ? 3.537   20.933  7.814   1.00 54.02 ? 173 GLY A O   1 
ATOM   1268 N N   . ASP A 1 175 ? 2.142   22.607  7.214   1.00 56.42 ? 174 ASP A N   1 
ATOM   1269 C CA  . ASP A 1 175 ? 2.695   23.558  8.174   1.00 57.91 ? 174 ASP A CA  1 
ATOM   1270 C C   . ASP A 1 175 ? 2.141   23.340  9.573   1.00 58.31 ? 174 ASP A C   1 
ATOM   1271 O O   . ASP A 1 175 ? 2.852   23.524  10.564  1.00 58.87 ? 174 ASP A O   1 
ATOM   1272 C CB  . ASP A 1 175 ? 2.446   24.993  7.695   1.00 58.54 ? 174 ASP A CB  1 
ATOM   1273 C CG  . ASP A 1 175 ? 3.118   25.273  6.363   1.00 60.75 ? 174 ASP A CG  1 
ATOM   1274 O OD1 . ASP A 1 175 ? 4.325   24.959  6.227   1.00 63.34 ? 174 ASP A OD1 1 
ATOM   1275 O OD2 . ASP A 1 175 ? 2.445   25.789  5.442   1.00 65.89 ? 174 ASP A OD2 1 
ATOM   1276 N N   . ASP A 1 176 ? 0.885   22.918  9.652   1.00 58.83 ? 175 ASP A N   1 
ATOM   1277 C CA  . ASP A 1 176 ? 0.238   22.705  10.929  1.00 58.96 ? 175 ASP A CA  1 
ATOM   1278 C C   . ASP A 1 176 ? 0.439   21.272  11.408  1.00 58.81 ? 175 ASP A C   1 
ATOM   1279 O O   . ASP A 1 176 ? -0.283  20.364  10.999  1.00 57.78 ? 175 ASP A O   1 
ATOM   1280 C CB  . ASP A 1 176 ? -1.248  23.027  10.818  1.00 59.25 ? 175 ASP A CB  1 
ATOM   1281 C CG  . ASP A 1 176 ? -1.993  22.785  12.106  1.00 60.83 ? 175 ASP A CG  1 
ATOM   1282 O OD1 . ASP A 1 176 ? -1.344  22.599  13.165  1.00 62.07 ? 175 ASP A OD1 1 
ATOM   1283 O OD2 . ASP A 1 176 ? -3.244  22.783  12.056  1.00 64.67 ? 175 ASP A OD2 1 
ATOM   1284 N N   . GLU A 1 177 ? 1.398   21.092  12.310  1.00 58.87 ? 176 GLU A N   1 
ATOM   1285 C CA  . GLU A 1 177 ? 1.702   19.771  12.844  1.00 59.45 ? 176 GLU A CA  1 
ATOM   1286 C C   . GLU A 1 177 ? 0.461   19.003  13.340  1.00 58.56 ? 176 GLU A C   1 
ATOM   1287 O O   . GLU A 1 177 ? 0.371   17.800  13.120  1.00 58.76 ? 176 GLU A O   1 
ATOM   1288 C CB  . GLU A 1 177 ? 2.752   19.851  13.963  1.00 60.05 ? 176 GLU A CB  1 
ATOM   1289 C CG  . GLU A 1 177 ? 3.303   18.474  14.382  1.00 62.52 ? 176 GLU A CG  1 
ATOM   1290 C CD  . GLU A 1 177 ? 3.822   18.455  15.799  1.00 66.27 ? 176 GLU A CD  1 
ATOM   1291 O OE1 . GLU A 1 177 ? 3.382   17.583  16.597  1.00 68.82 ? 176 GLU A OE1 1 
ATOM   1292 O OE2 . GLU A 1 177 ? 4.667   19.324  16.111  1.00 69.13 ? 176 GLU A OE2 1 
ATOM   1293 N N   . GLN A 1 178 ? -0.485  19.681  13.990  1.00 57.41 ? 177 GLN A N   1 
ATOM   1294 C CA  . GLN A 1 178 ? -1.651  18.997  14.584  1.00 56.78 ? 177 GLN A CA  1 
ATOM   1295 C C   . GLN A 1 178 ? -2.600  18.451  13.516  1.00 54.65 ? 177 GLN A C   1 
ATOM   1296 O O   . GLN A 1 178 ? -3.054  17.327  13.611  1.00 54.40 ? 177 GLN A O   1 
ATOM   1297 C CB  . GLN A 1 178 ? -2.424  19.928  15.548  1.00 57.49 ? 177 GLN A CB  1 
ATOM   1298 C CG  . GLN A 1 178 ? -3.452  19.202  16.461  1.00 59.39 ? 177 GLN A CG  1 
ATOM   1299 C CD  . GLN A 1 178 ? -4.580  20.118  16.978  1.00 62.49 ? 177 GLN A CD  1 
ATOM   1300 O OE1 . GLN A 1 178 ? -5.265  20.795  16.202  1.00 64.01 ? 177 GLN A OE1 1 
ATOM   1301 N NE2 . GLN A 1 178 ? -4.778  20.124  18.293  1.00 63.40 ? 177 GLN A NE2 1 
HETATM 1302 N N   . MLY A 1 179 ? -2.897  19.263  12.512  1.00 52.78 ? 178 MLY A N   1 
HETATM 1303 C CA  . MLY A 1 179 ? -3.799  18.882  11.443  1.00 51.60 ? 178 MLY A CA  1 
HETATM 1304 C CB  . MLY A 1 179 ? -4.121  20.095  10.560  1.00 52.12 ? 178 MLY A CB  1 
HETATM 1305 C CG  . MLY A 1 179 ? -4.997  19.777  9.316   1.00 55.13 ? 178 MLY A CG  1 
HETATM 1306 C CD  . MLY A 1 179 ? -5.434  21.046  8.538   1.00 58.74 ? 178 MLY A CD  1 
HETATM 1307 C CE  . MLY A 1 179 ? -6.319  20.670  7.311   1.00 60.74 ? 178 MLY A CE  1 
HETATM 1308 N NZ  . MLY A 1 179 ? -6.732  21.834  6.435   1.00 61.33 ? 178 MLY A NZ  1 
HETATM 1309 C C   . MLY A 1 179 ? -3.214  17.739  10.592  1.00 49.29 ? 178 MLY A C   1 
HETATM 1310 O O   . MLY A 1 179 ? -3.939  16.856  10.152  1.00 47.56 ? 178 MLY A O   1 
ATOM   1311 N N   . VAL A 1 180 ? -1.907  17.784  10.368  1.00 47.38 ? 179 VAL A N   1 
ATOM   1312 C CA  . VAL A 1 180 ? -1.218  16.788  9.546   1.00 46.19 ? 179 VAL A CA  1 
ATOM   1313 C C   . VAL A 1 180 ? -1.322  15.436  10.247  1.00 45.27 ? 179 VAL A C   1 
ATOM   1314 O O   . VAL A 1 180 ? -1.654  14.442  9.629   1.00 42.79 ? 179 VAL A O   1 
ATOM   1315 C CB  . VAL A 1 180 ? 0.250   17.185  9.300   1.00 45.87 ? 179 VAL A CB  1 
ATOM   1316 C CG1 . VAL A 1 180 ? 1.072   16.010  8.820   1.00 45.84 ? 179 VAL A CG1 1 
ATOM   1317 C CG2 . VAL A 1 180 ? 0.312   18.320  8.284   1.00 46.09 ? 179 VAL A CG2 1 
ATOM   1318 N N   . GLN A 1 181 ? -1.116  15.442  11.561  1.00 44.78 ? 180 GLN A N   1 
ATOM   1319 C CA  . GLN A 1 181 ? -1.171  14.226  12.357  1.00 44.67 ? 180 GLN A CA  1 
ATOM   1320 C C   . GLN A 1 181 ? -2.561  13.619  12.435  1.00 43.03 ? 180 GLN A C   1 
ATOM   1321 O O   . GLN A 1 181 ? -2.717  12.438  12.220  1.00 42.62 ? 180 GLN A O   1 
ATOM   1322 C CB  . GLN A 1 181 ? -0.593  14.475  13.755  1.00 45.17 ? 180 GLN A CB  1 
ATOM   1323 C CG  . GLN A 1 181 ? 0.906   14.794  13.751  1.00 48.72 ? 180 GLN A CG  1 
ATOM   1324 C CD  . GLN A 1 181 ? 1.805   13.643  13.262  1.00 53.96 ? 180 GLN A CD  1 
ATOM   1325 O OE1 . GLN A 1 181 ? 2.988   13.857  12.952  1.00 56.94 ? 180 GLN A OE1 1 
ATOM   1326 N NE2 . GLN A 1 181 ? 1.244   12.425  13.181  1.00 56.38 ? 180 GLN A NE2 1 
ATOM   1327 N N   . GLU A 1 182 ? -3.583  14.420  12.711  1.00 42.09 ? 181 GLU A N   1 
ATOM   1328 C CA  . GLU A 1 182 ? -4.940  13.905  12.744  1.00 40.64 ? 181 GLU A CA  1 
ATOM   1329 C C   . GLU A 1 182 ? -5.348  13.336  11.391  1.00 38.40 ? 181 GLU A C   1 
ATOM   1330 O O   . GLU A 1 182 ? -5.975  12.285  11.330  1.00 37.26 ? 181 GLU A O   1 
ATOM   1331 C CB  . GLU A 1 182 ? -5.941  14.996  13.168  1.00 41.79 ? 181 GLU A CB  1 
ATOM   1332 C CG  . GLU A 1 182 ? -5.765  15.418  14.625  1.00 46.27 ? 181 GLU A CG  1 
ATOM   1333 C CD  . GLU A 1 182 ? -6.920  16.271  15.151  1.00 53.41 ? 181 GLU A CD  1 
ATOM   1334 O OE1 . GLU A 1 182 ? -6.846  17.520  15.052  1.00 56.87 ? 181 GLU A OE1 1 
ATOM   1335 O OE2 . GLU A 1 182 ? -7.905  15.667  15.655  1.00 55.42 ? 181 GLU A OE2 1 
ATOM   1336 N N   . GLU A 1 183 ? -4.974  14.024  10.318  1.00 35.91 ? 182 GLU A N   1 
ATOM   1337 C CA  . GLU A 1 183 ? -5.350  13.606  8.975   1.00 35.09 ? 182 GLU A CA  1 
ATOM   1338 C C   . GLU A 1 183 ? -4.584  12.329  8.549   1.00 32.93 ? 182 GLU A C   1 
ATOM   1339 O O   . GLU A 1 183 ? -5.173  11.435  8.006   1.00 32.05 ? 182 GLU A O   1 
ATOM   1340 C CB  . GLU A 1 183 ? -5.096  14.741  7.988   1.00 35.50 ? 182 GLU A CB  1 
ATOM   1341 C CG  . GLU A 1 183 ? -5.383  14.395  6.515   1.00 39.70 ? 182 GLU A CG  1 
ATOM   1342 C CD  . GLU A 1 183 ? -5.199  15.615  5.592   1.00 45.36 ? 182 GLU A CD  1 
ATOM   1343 O OE1 . GLU A 1 183 ? -4.160  16.330  5.733   1.00 44.10 ? 182 GLU A OE1 1 
ATOM   1344 O OE2 . GLU A 1 183 ? -6.101  15.837  4.738   1.00 47.07 ? 182 GLU A OE2 1 
ATOM   1345 N N   . LEU A 1 184 ? -3.304  12.251  8.870   1.00 32.15 ? 183 LEU A N   1 
ATOM   1346 C CA  . LEU A 1 184 ? -2.504  11.054  8.574   1.00 31.51 ? 183 LEU A CA  1 
ATOM   1347 C C   . LEU A 1 184 ? -2.967  9.849   9.402   1.00 31.25 ? 183 LEU A C   1 
ATOM   1348 O O   . LEU A 1 184 ? -3.062  8.750   8.884   1.00 28.99 ? 183 LEU A O   1 
ATOM   1349 C CB  . LEU A 1 184 ? -1.023  11.356  8.768   1.00 31.48 ? 183 LEU A CB  1 
ATOM   1350 C CG  . LEU A 1 184 ? -0.069  10.220  8.415   1.00 32.39 ? 183 LEU A CG  1 
ATOM   1351 C CD1 . LEU A 1 184 ? -0.284  9.833   6.947   1.00 29.63 ? 183 LEU A CD1 1 
ATOM   1352 C CD2 . LEU A 1 184 ? 1.378   10.601  8.687   1.00 30.70 ? 183 LEU A CD2 1 
ATOM   1353 N N   . ARG A 1 185 ? -3.316  10.048  10.691  1.00 31.58 ? 184 ARG A N   1 
ATOM   1354 C CA  . ARG A 1 185 ? -3.921  8.950   11.448  1.00 31.22 ? 184 ARG A CA  1 
ATOM   1355 C C   . ARG A 1 185 ? -5.201  8.404   10.831  1.00 30.01 ? 184 ARG A C   1 
ATOM   1356 O O   . ARG A 1 185 ? -5.370  7.196   10.723  1.00 29.50 ? 184 ARG A O   1 
ATOM   1357 C CB  . ARG A 1 185 ? -4.210  9.360   12.916  1.00 31.82 ? 184 ARG A CB  1 
ATOM   1358 C CG  . ARG A 1 185 ? -2.981  9.708   13.745  1.00 35.49 ? 184 ARG A CG  1 
ATOM   1359 C CD  . ARG A 1 185 ? -3.312  9.874   15.270  1.00 42.41 ? 184 ARG A CD  1 
ATOM   1360 N NE  . ARG A 1 185 ? -2.073  10.146  16.007  1.00 46.83 ? 184 ARG A NE  1 
ATOM   1361 C CZ  . ARG A 1 185 ? -1.273  9.230   16.556  1.00 51.72 ? 184 ARG A CZ  1 
ATOM   1362 N NH1 . ARG A 1 185 ? -1.560  7.922   16.519  1.00 54.72 ? 184 ARG A NH1 1 
ATOM   1363 N NH2 . ARG A 1 185 ? -0.157  9.624   17.165  1.00 54.07 ? 184 ARG A NH2 1 
ATOM   1364 N N   . GLU A 1 186 ? -6.126  9.286   10.455  1.00 29.53 ? 185 GLU A N   1 
ATOM   1365 C CA  . GLU A 1 186 ? -7.355  8.873   9.812   1.00 28.27 ? 185 GLU A CA  1 
ATOM   1366 C C   . GLU A 1 186 ? -7.043  8.068   8.533   1.00 26.76 ? 185 GLU A C   1 
ATOM   1367 O O   . GLU A 1 186 ? -7.652  7.018   8.263   1.00 25.77 ? 185 GLU A O   1 
ATOM   1368 C CB  . GLU A 1 186 ? -8.159  10.123  9.440   1.00 28.52 ? 185 GLU A CB  1 
ATOM   1369 C CG  . GLU A 1 186 ? -9.483  9.818   8.889   1.00 31.67 ? 185 GLU A CG  1 
ATOM   1370 C CD  . GLU A 1 186 ? -10.168 11.052  8.366   1.00 33.72 ? 185 GLU A CD  1 
ATOM   1371 O OE1 . GLU A 1 186 ? -9.495  12.010  7.894   1.00 41.32 ? 185 GLU A OE1 1 
ATOM   1372 O OE2 . GLU A 1 186 ? -11.375 11.054  8.427   1.00 34.61 ? 185 GLU A OE2 1 
ATOM   1373 N N   . TYR A 1 187 ? -6.073  8.559   7.774   1.00 25.90 ? 186 TYR A N   1 
ATOM   1374 C CA  . TYR A 1 187 ? -5.634  7.877   6.531   1.00 24.96 ? 186 TYR A CA  1 
ATOM   1375 C C   . TYR A 1 187 ? -5.090  6.468   6.823   1.00 23.56 ? 186 TYR A C   1 
ATOM   1376 O O   . TYR A 1 187 ? -5.536  5.512   6.229   1.00 22.81 ? 186 TYR A O   1 
ATOM   1377 C CB  . TYR A 1 187 ? -4.601  8.722   5.846   1.00 24.80 ? 186 TYR A CB  1 
ATOM   1378 C CG  . TYR A 1 187 ? -4.065  8.185   4.541   1.00 25.85 ? 186 TYR A CG  1 
ATOM   1379 C CD1 . TYR A 1 187 ? -4.675  8.478   3.329   1.00 27.50 ? 186 TYR A CD1 1 
ATOM   1380 C CD2 . TYR A 1 187 ? -2.894  7.422   4.514   1.00 25.91 ? 186 TYR A CD2 1 
ATOM   1381 C CE1 . TYR A 1 187 ? -4.152  8.027   2.132   1.00 27.90 ? 186 TYR A CE1 1 
ATOM   1382 C CE2 . TYR A 1 187 ? -2.369  6.971   3.286   1.00 23.71 ? 186 TYR A CE2 1 
ATOM   1383 C CZ  . TYR A 1 187 ? -2.991  7.269   2.119   1.00 25.19 ? 186 TYR A CZ  1 
ATOM   1384 O OH  . TYR A 1 187 ? -2.464  6.802   0.898   1.00 26.12 ? 186 TYR A OH  1 
ATOM   1385 N N   . LEU A 1 188 ? -4.202  6.366   7.790   1.00 24.57 ? 187 LEU A N   1 
ATOM   1386 C CA  . LEU A 1 188 ? -3.577  5.081   8.154   1.00 25.09 ? 187 LEU A CA  1 
ATOM   1387 C C   . LEU A 1 188 ? -4.566  4.083   8.751   1.00 23.94 ? 187 LEU A C   1 
ATOM   1388 O O   . LEU A 1 188 ? -4.535  2.864   8.458   1.00 22.68 ? 187 LEU A O   1 
ATOM   1389 C CB  . LEU A 1 188 ? -2.390  5.335   9.097   1.00 25.54 ? 187 LEU A CB  1 
ATOM   1390 C CG  . LEU A 1 188 ? -1.230  6.109   8.432   1.00 26.91 ? 187 LEU A CG  1 
ATOM   1391 C CD1 . LEU A 1 188 ? -0.246  6.519   9.468   1.00 25.09 ? 187 LEU A CD1 1 
ATOM   1392 C CD2 . LEU A 1 188 ? -0.549  5.255   7.285   1.00 26.35 ? 187 LEU A CD2 1 
ATOM   1393 N N   . VAL A 1 189 ? -5.502  4.581   9.567   1.00 24.98 ? 188 VAL A N   1 
ATOM   1394 C CA  . VAL A 1 189 ? -6.564  3.712   10.036  1.00 24.89 ? 188 VAL A CA  1 
ATOM   1395 C C   . VAL A 1 189 ? -7.356  3.119   8.901   1.00 24.44 ? 188 VAL A C   1 
ATOM   1396 O O   . VAL A 1 189 ? -7.634  1.919   8.927   1.00 24.08 ? 188 VAL A O   1 
ATOM   1397 C CB  . VAL A 1 189 ? -7.501  4.437   11.035  1.00 26.23 ? 188 VAL A CB  1 
ATOM   1398 C CG1 . VAL A 1 189 ? -8.691  3.605   11.317  1.00 27.18 ? 188 VAL A CG1 1 
ATOM   1399 C CG2 . VAL A 1 189 ? -6.724  4.782   12.294  1.00 28.18 ? 188 VAL A CG2 1 
ATOM   1400 N N   . ALA A 1 190 ? -7.751  3.943   7.914   1.00 24.39 ? 189 ALA A N   1 
ATOM   1401 C CA  . ALA A 1 190 ? -8.488  3.469   6.749   1.00 23.99 ? 189 ALA A CA  1 
ATOM   1402 C C   . ALA A 1 190 ? -7.673  2.517   5.895   1.00 23.29 ? 189 ALA A C   1 
ATOM   1403 O O   . ALA A 1 190 ? -8.209  1.520   5.386   1.00 24.79 ? 189 ALA A O   1 
ATOM   1404 C CB  . ALA A 1 190 ? -8.948  4.652   5.884   1.00 23.04 ? 189 ALA A CB  1 
ATOM   1405 N N   . LEU A 1 191 ? -6.394  2.811   5.743   1.00 23.35 ? 190 LEU A N   1 
ATOM   1406 C CA  . LEU A 1 191 ? -5.522  1.911   4.955   1.00 23.21 ? 190 LEU A CA  1 
ATOM   1407 C C   . LEU A 1 191 ? -5.411  0.540   5.626   1.00 23.15 ? 190 LEU A C   1 
ATOM   1408 O O   . LEU A 1 191 ? -5.525  -0.483  4.988   1.00 22.48 ? 190 LEU A O   1 
ATOM   1409 C CB  . LEU A 1 191 ? -4.128  2.526   4.828   1.00 22.96 ? 190 LEU A CB  1 
ATOM   1410 C CG  . LEU A 1 191 ? -3.034  1.692   4.172   1.00 23.28 ? 190 LEU A CG  1 
ATOM   1411 C CD1 . LEU A 1 191 ? -3.544  1.137   2.859   1.00 20.70 ? 190 LEU A CD1 1 
ATOM   1412 C CD2 . LEU A 1 191 ? -1.807  2.565   3.941   1.00 21.70 ? 190 LEU A CD2 1 
ATOM   1413 N N   . ASP A 1 192 ? -5.235  0.571   6.923   1.00 24.72 ? 191 ASP A N   1 
ATOM   1414 C CA  . ASP A 1 192 ? -5.036  -0.635  7.746   1.00 26.71 ? 191 ASP A CA  1 
ATOM   1415 C C   . ASP A 1 192 ? -6.273  -1.499  7.639   1.00 25.55 ? 191 ASP A C   1 
ATOM   1416 O O   . ASP A 1 192 ? -6.194  -2.722  7.480   1.00 25.81 ? 191 ASP A O   1 
ATOM   1417 C CB  . ASP A 1 192 ? -4.725  -0.204  9.181   1.00 26.87 ? 191 ASP A CB  1 
ATOM   1418 C CG  . ASP A 1 192 ? -4.681  -1.385  10.149  1.00 32.60 ? 191 ASP A CG  1 
ATOM   1419 O OD1 . ASP A 1 192 ? -3.698  -2.144  10.108  1.00 29.06 ? 191 ASP A OD1 1 
ATOM   1420 O OD2 . ASP A 1 192 ? -5.667  -1.565  10.900  1.00 31.22 ? 191 ASP A OD2 1 
HETATM 1421 N N   . MLY A 1 193 ? -7.436  -0.866  7.634   1.00 25.65 ? 192 MLY A N   1 
HETATM 1422 C CA  . MLY A 1 193 ? -8.685  -1.596  7.485   1.00 25.84 ? 192 MLY A CA  1 
HETATM 1423 C CB  . MLY A 1 193 ? -9.858  -0.621  7.692   1.00 26.92 ? 192 MLY A CB  1 
HETATM 1424 C CG  . MLY A 1 193 ? -11.246 -1.200  7.462   1.00 29.01 ? 192 MLY A CG  1 
HETATM 1425 C CD  . MLY A 1 193 ? -12.340 -0.186  7.932   1.00 32.43 ? 192 MLY A CD  1 
HETATM 1426 C CE  . MLY A 1 193 ? -13.670 -0.687  7.407   1.00 36.04 ? 192 MLY A CE  1 
HETATM 1427 N NZ  . MLY A 1 193 ? -14.918 -0.075  7.986   1.00 40.48 ? 192 MLY A NZ  1 
HETATM 1428 C CH1 . MLY A 1 193 ? -15.855 0.170   6.860   1.00 40.60 ? 192 MLY A CH1 1 
HETATM 1429 C CH2 . MLY A 1 193 ? -14.731 1.113   8.811   1.00 34.90 ? 192 MLY A CH2 1 
HETATM 1430 C C   . MLY A 1 193 ? -8.761  -2.316  6.187   1.00 26.07 ? 192 MLY A C   1 
HETATM 1431 O O   . MLY A 1 193 ? -9.171  -3.462  6.144   1.00 26.13 ? 192 MLY A O   1 
ATOM   1432 N N   . ILE A 1 194 ? -8.368  -1.649  5.091   1.00 24.85 ? 193 ILE A N   1 
ATOM   1433 C CA  . ILE A 1 194 ? -8.411  -2.248  3.772   1.00 25.21 ? 193 ILE A CA  1 
ATOM   1434 C C   . ILE A 1 194 ? -7.355  -3.367  3.683   1.00 25.16 ? 193 ILE A C   1 
ATOM   1435 O O   . ILE A 1 194 ? -7.632  -4.411  3.138   1.00 25.62 ? 193 ILE A O   1 
ATOM   1436 C CB  . ILE A 1 194 ? -8.233  -1.158  2.686   1.00 25.57 ? 193 ILE A CB  1 
ATOM   1437 C CG1 . ILE A 1 194 ? -9.623  -0.471  2.437   1.00 26.20 ? 193 ILE A CG1 1 
ATOM   1438 C CG2 . ILE A 1 194 ? -7.708  -1.758  1.379   1.00 25.65 ? 193 ILE A CG2 1 
ATOM   1439 C CD1 . ILE A 1 194 ? -9.515  0.948   1.891   1.00 26.58 ? 193 ILE A CD1 1 
ATOM   1440 N N   . VAL A 1 195 ? -6.184  -3.130  4.281   1.00 25.87 ? 194 VAL A N   1 
ATOM   1441 C CA  . VAL A 1 195 ? -5.094  -4.124  4.269   1.00 25.53 ? 194 VAL A CA  1 
ATOM   1442 C C   . VAL A 1 195 ? -5.594  -5.396  4.948   1.00 26.58 ? 194 VAL A C   1 
ATOM   1443 O O   . VAL A 1 195 ? -5.411  -6.485  4.422   1.00 26.01 ? 194 VAL A O   1 
ATOM   1444 C CB  . VAL A 1 195 ? -3.806  -3.567  4.942   1.00 25.24 ? 194 VAL A CB  1 
ATOM   1445 C CG1 . VAL A 1 195 ? -2.827  -4.677  5.376   1.00 25.15 ? 194 VAL A CG1 1 
ATOM   1446 C CG2 . VAL A 1 195 ? -3.100  -2.557  3.953   1.00 23.30 ? 194 VAL A CG2 1 
ATOM   1447 N N   . ASN A 1 196 ? -6.216  -5.230  6.098   1.00 28.42 ? 195 ASN A N   1 
ATOM   1448 C CA  . ASN A 1 196 ? -6.678  -6.363  6.915   1.00 30.15 ? 195 ASN A CA  1 
ATOM   1449 C C   . ASN A 1 196 ? -7.738  -7.180  6.202   1.00 29.87 ? 195 ASN A C   1 
ATOM   1450 O O   . ASN A 1 196 ? -7.650  -8.411  6.179   1.00 31.46 ? 195 ASN A O   1 
ATOM   1451 C CB  . ASN A 1 196 ? -7.141  -5.882  8.308   1.00 31.20 ? 195 ASN A CB  1 
ATOM   1452 C CG  . ASN A 1 196 ? -5.977  -5.436  9.204   1.00 38.24 ? 195 ASN A CG  1 
ATOM   1453 O OD1 . ASN A 1 196 ? -4.797  -5.706  8.923   1.00 45.73 ? 195 ASN A OD1 1 
ATOM   1454 N ND2 . ASN A 1 196 ? -6.308  -4.736  10.292  1.00 46.29 ? 195 ASN A ND2 1 
ATOM   1455 N N   . ILE A 1 197 ? -8.708  -6.507  5.575   1.00 30.05 ? 196 ILE A N   1 
ATOM   1456 C CA  . ILE A 1 197 ? -9.698  -7.169  4.755   1.00 29.72 ? 196 ILE A CA  1 
ATOM   1457 C C   . ILE A 1 197 ? -9.074  -7.964  3.628   1.00 30.62 ? 196 ILE A C   1 
ATOM   1458 O O   . ILE A 1 197 ? -9.449  -9.127  3.354   1.00 29.07 ? 196 ILE A O   1 
ATOM   1459 C CB  . ILE A 1 197 ? -10.732 -6.165  4.132   1.00 29.27 ? 196 ILE A CB  1 
ATOM   1460 C CG1 . ILE A 1 197 ? -11.686 -5.622  5.206   1.00 30.30 ? 196 ILE A CG1 1 
ATOM   1461 C CG2 . ILE A 1 197 ? -11.500 -6.867  3.023   1.00 30.62 ? 196 ILE A CG2 1 
ATOM   1462 C CD1 . ILE A 1 197 ? -12.189 -4.160  4.991   1.00 26.86 ? 196 ILE A CD1 1 
ATOM   1463 N N   . LEU A 1 198 ? -8.112  -7.357  2.936   1.00 30.25 ? 197 LEU A N   1 
ATOM   1464 C CA  . LEU A 1 198 ? -7.563  -8.044  1.774   1.00 30.25 ? 197 LEU A CA  1 
ATOM   1465 C C   . LEU A 1 198 ? -6.646  -9.184  2.197   1.00 31.17 ? 197 LEU A C   1 
ATOM   1466 O O   . LEU A 1 198 ? -6.585  -10.184 1.506   1.00 31.79 ? 197 LEU A O   1 
ATOM   1467 C CB  . LEU A 1 198 ? -6.882  -7.093  0.800   1.00 29.51 ? 197 LEU A CB  1 
ATOM   1468 C CG  . LEU A 1 198 ? -7.798  -6.143  0.066   1.00 28.78 ? 197 LEU A CG  1 
ATOM   1469 C CD1 . LEU A 1 198 ? -7.019  -4.998  -0.637  1.00 26.25 ? 197 LEU A CD1 1 
ATOM   1470 C CD2 . LEU A 1 198 ? -8.716  -6.887  -0.914  1.00 26.73 ? 197 LEU A CD2 1 
HETATM 1471 N N   . MLY A 1 199 ? -5.918  -9.037  3.296   1.00 31.92 ? 198 MLY A N   1 
HETATM 1472 C CA  . MLY A 1 199 ? -5.089  -10.129 3.790   1.00 33.48 ? 198 MLY A CA  1 
HETATM 1473 C CB  . MLY A 1 199 ? -4.312  -9.728  5.037   1.00 33.47 ? 198 MLY A CB  1 
HETATM 1474 C CG  . MLY A 1 199 ? -3.070  -8.864  4.767   1.00 35.27 ? 198 MLY A CG  1 
HETATM 1475 C CD  . MLY A 1 199 ? -2.529  -8.376  6.133   1.00 39.28 ? 198 MLY A CD  1 
HETATM 1476 C CE  . MLY A 1 199 ? -1.697  -9.482  6.807   1.00 42.04 ? 198 MLY A CE  1 
HETATM 1477 N NZ  . MLY A 1 199 ? -1.605  -9.421  8.302   1.00 46.74 ? 198 MLY A NZ  1 
HETATM 1478 C CH1 . MLY A 1 199 ? -2.105  -8.209  8.987   1.00 47.30 ? 198 MLY A CH1 1 
HETATM 1479 C CH2 . MLY A 1 199 ? -0.212  -9.695  8.730   1.00 48.35 ? 198 MLY A CH2 1 
HETATM 1480 C C   . MLY A 1 199 ? -5.911  -11.368 4.137   1.00 34.87 ? 198 MLY A C   1 
HETATM 1481 O O   . MLY A 1 199 ? -5.555  -12.481 3.709   1.00 35.11 ? 198 MLY A O   1 
ATOM   1482 N N   . ARG A 1 200 ? -7.007  -11.168 4.863   1.00 36.09 ? 199 ARG A N   1 
ATOM   1483 C CA  . ARG A 1 200 ? -7.995  -12.252 5.138   1.00 38.46 ? 199 ARG A CA  1 
ATOM   1484 C C   . ARG A 1 200 ? -8.512  -12.863 3.850   1.00 38.42 ? 199 ARG A C   1 
ATOM   1485 O O   . ARG A 1 200 ? -8.576  -14.084 3.721   1.00 38.97 ? 199 ARG A O   1 
ATOM   1486 C CB  . ARG A 1 200 ? -9.187  -11.760 5.983   1.00 39.11 ? 199 ARG A CB  1 
ATOM   1487 C CG  . ARG A 1 200 ? -8.825  -11.333 7.406   1.00 43.80 ? 199 ARG A CG  1 
ATOM   1488 C CD  . ARG A 1 200 ? -10.036 -11.176 8.363   1.00 47.94 ? 199 ARG A CD  1 
ATOM   1489 N NE  . ARG A 1 200 ? -10.926 -10.052 8.036   1.00 51.66 ? 199 ARG A NE  1 
ATOM   1490 C CZ  . ARG A 1 200 ? -10.725 -8.770  8.372   1.00 54.02 ? 199 ARG A CZ  1 
ATOM   1491 N NH1 . ARG A 1 200 ? -9.646  -8.389  9.051   1.00 55.40 ? 199 ARG A NH1 1 
ATOM   1492 N NH2 . ARG A 1 200 ? -11.615 -7.850  8.013   1.00 55.10 ? 199 ARG A NH2 1 
ATOM   1493 N N   . PHE A 1 201 ? -8.864  -12.038 2.866   1.00 38.24 ? 200 PHE A N   1 
ATOM   1494 C CA  . PHE A 1 201 ? -9.275  -12.583 1.580   1.00 38.92 ? 200 PHE A CA  1 
ATOM   1495 C C   . PHE A 1 201 ? -8.159  -13.435 0.918   1.00 40.08 ? 200 PHE A C   1 
ATOM   1496 O O   . PHE A 1 201 ? -8.401  -14.579 0.448   1.00 40.14 ? 200 PHE A O   1 
ATOM   1497 C CB  . PHE A 1 201 ? -9.752  -11.469 0.638   1.00 38.85 ? 200 PHE A CB  1 
ATOM   1498 C CG  . PHE A 1 201 ? -10.078 -11.960 -0.729  1.00 38.24 ? 200 PHE A CG  1 
ATOM   1499 C CD1 . PHE A 1 201 ? -11.188 -12.798 -0.928  1.00 39.33 ? 200 PHE A CD1 1 
ATOM   1500 C CD2 . PHE A 1 201 ? -9.275  -11.640 -1.819  1.00 40.08 ? 200 PHE A CD2 1 
ATOM   1501 C CE1 . PHE A 1 201 ? -11.492 -13.287 -2.194  1.00 38.69 ? 200 PHE A CE1 1 
ATOM   1502 C CE2 . PHE A 1 201 ? -9.562  -12.129 -3.091  1.00 38.32 ? 200 PHE A CE2 1 
ATOM   1503 C CZ  . PHE A 1 201 ? -10.689 -12.959 -3.276  1.00 39.42 ? 200 PHE A CZ  1 
ATOM   1504 N N   . LEU A 1 202 ? -6.938  -12.895 0.905   1.00 39.61 ? 201 LEU A N   1 
ATOM   1505 C CA  . LEU A 1 202 ? -5.796  -13.541 0.243   1.00 40.52 ? 201 LEU A CA  1 
ATOM   1506 C C   . LEU A 1 202 ? -5.362  -14.866 0.892   1.00 42.33 ? 201 LEU A C   1 
ATOM   1507 O O   . LEU A 1 202 ? -4.808  -15.717 0.210   1.00 42.28 ? 201 LEU A O   1 
ATOM   1508 C CB  . LEU A 1 202 ? -4.581  -12.595 0.191   1.00 39.72 ? 201 LEU A CB  1 
ATOM   1509 C CG  . LEU A 1 202 ? -4.639  -11.445 -0.838  1.00 38.16 ? 201 LEU A CG  1 
ATOM   1510 C CD1 . LEU A 1 202 ? -3.697  -10.281 -0.459  1.00 34.64 ? 201 LEU A CD1 1 
ATOM   1511 C CD2 . LEU A 1 202 ? -4.345  -11.950 -2.208  1.00 38.80 ? 201 LEU A CD2 1 
ATOM   1512 N N   . GLU A 1 203 ? -5.588  -14.987 2.197   1.00 44.60 ? 202 GLU A N   1 
ATOM   1513 C CA  . GLU A 1 203 ? -5.260  -16.182 2.977   1.00 47.14 ? 202 GLU A CA  1 
ATOM   1514 C C   . GLU A 1 203 ? -6.343  -17.251 2.818   1.00 48.40 ? 202 GLU A C   1 
ATOM   1515 O O   . GLU A 1 203 ? -6.090  -18.414 3.103   1.00 48.79 ? 202 GLU A O   1 
ATOM   1516 C CB  . GLU A 1 203 ? -5.125  -15.837 4.474   1.00 47.39 ? 202 GLU A CB  1 
ATOM   1517 C CG  . GLU A 1 203 ? -3.823  -15.078 4.864   1.00 50.18 ? 202 GLU A CG  1 
ATOM   1518 C CD  . GLU A 1 203 ? -3.964  -14.211 6.141   1.00 53.96 ? 202 GLU A CD  1 
ATOM   1519 O OE1 . GLU A 1 203 ? -5.001  -14.339 6.837   1.00 58.33 ? 202 GLU A OE1 1 
ATOM   1520 O OE2 . GLU A 1 203 ? -3.043  -13.389 6.452   1.00 56.38 ? 202 GLU A OE2 1 
ATOM   1521 N N   . SER A 1 204 ? -7.548  -16.851 2.395   1.00 50.12 ? 203 SER A N   1 
ATOM   1522 C CA  . SER A 1 204 ? -8.650  -17.802 2.118   1.00 50.99 ? 203 SER A CA  1 
ATOM   1523 C C   . SER A 1 204 ? -8.364  -18.669 0.885   1.00 52.49 ? 203 SER A C   1 
ATOM   1524 O O   . SER A 1 204 ? -7.597  -18.265 0.010   1.00 51.70 ? 203 SER A O   1 
ATOM   1525 C CB  . SER A 1 204 ? -9.950  -17.041 1.890   1.00 50.95 ? 203 SER A CB  1 
ATOM   1526 O OG  . SER A 1 204 ? -10.044 -16.642 0.531   1.00 50.24 ? 203 SER A OG  1 
HETATM 1527 N N   . MLY A 1 205 ? -9.016  -19.836 0.784   1.00 54.31 ? 204 MLY A N   1 
HETATM 1528 C CA  . MLY A 1 205 ? -8.777  -20.775 -0.341  1.00 55.46 ? 204 MLY A CA  1 
HETATM 1529 C CB  . MLY A 1 205 ? -9.434  -22.143 -0.119  1.00 56.61 ? 204 MLY A CB  1 
HETATM 1530 C CG  . MLY A 1 205 ? -8.955  -22.852 1.145   1.00 58.00 ? 204 MLY A CG  1 
HETATM 1531 C CD  . MLY A 1 205 ? -10.089 -23.157 2.129   1.00 61.44 ? 204 MLY A CD  1 
HETATM 1532 C CE  . MLY A 1 205 ? -10.066 -24.614 2.615   1.00 62.83 ? 204 MLY A CE  1 
HETATM 1533 N NZ  . MLY A 1 205 ? -9.235  -24.843 3.829   1.00 64.86 ? 204 MLY A NZ  1 
HETATM 1534 C CH1 . MLY A 1 205 ? -10.095 -24.957 5.027   1.00 64.47 ? 204 MLY A CH1 1 
HETATM 1535 C CH2 . MLY A 1 205 ? -8.176  -23.823 4.030   1.00 65.12 ? 204 MLY A CH2 1 
HETATM 1536 C C   . MLY A 1 205 ? -9.302  -20.258 -1.647  1.00 55.97 ? 204 MLY A C   1 
HETATM 1537 O O   . MLY A 1 205 ? -8.796  -20.585 -2.721  1.00 56.17 ? 204 MLY A O   1 
ATOM   1538 N N   . GLU A 1 206 ? -10.366 -19.477 -1.547  1.00 56.98 ? 205 GLU A N   1 
ATOM   1539 C CA  . GLU A 1 206 ? -10.893 -18.638 -2.623  1.00 57.62 ? 205 GLU A CA  1 
ATOM   1540 C C   . GLU A 1 206 ? -9.812  -17.959 -3.483  1.00 57.82 ? 205 GLU A C   1 
ATOM   1541 O O   . GLU A 1 206 ? -9.973  -17.826 -4.698  1.00 57.31 ? 205 GLU A O   1 
ATOM   1542 C CB  . GLU A 1 206 ? -11.732 -17.540 -1.968  1.00 58.13 ? 205 GLU A CB  1 
ATOM   1543 C CG  . GLU A 1 206 ? -13.074 -17.254 -2.566  1.00 58.52 ? 205 GLU A CG  1 
ATOM   1544 C CD  . GLU A 1 206 ? -13.887 -16.335 -1.671  1.00 59.55 ? 205 GLU A CD  1 
ATOM   1545 O OE1 . GLU A 1 206 ? -14.952 -15.892 -2.117  1.00 63.52 ? 205 GLU A OE1 1 
ATOM   1546 O OE2 . GLU A 1 206 ? -13.478 -16.039 -0.519  1.00 60.50 ? 205 GLU A OE2 1 
ATOM   1547 N N   . ALA A 1 207 ? -8.724  -17.509 -2.851  1.00 58.01 ? 206 ALA A N   1 
ATOM   1548 C CA  . ALA A 1 207 ? -7.729  -16.670 -3.532  1.00 58.41 ? 206 ALA A CA  1 
ATOM   1549 C C   . ALA A 1 207 ? -6.440  -17.410 -3.877  1.00 59.28 ? 206 ALA A C   1 
ATOM   1550 O O   . ALA A 1 207 ? -5.478  -16.787 -4.325  1.00 58.88 ? 206 ALA A O   1 
ATOM   1551 C CB  . ALA A 1 207 ? -7.406  -15.467 -2.677  1.00 58.22 ? 206 ALA A CB  1 
HETATM 1552 N N   . MLY A 1 208 ? -6.414  -18.728 -3.680  1.00 60.21 ? 207 MLY A N   1 
HETATM 1553 C CA  . MLY A 1 208 ? -5.206  -19.500 -3.950  1.00 61.10 ? 207 MLY A CA  1 
HETATM 1554 C CB  . MLY A 1 208 ? -4.965  -20.524 -2.848  1.00 61.36 ? 207 MLY A CB  1 
HETATM 1555 C CG  . MLY A 1 208 ? -4.195  -19.801 -1.734  1.00 62.27 ? 207 MLY A CG  1 
HETATM 1556 C CD  . MLY A 1 208 ? -4.496  -20.313 -0.332  1.00 63.88 ? 207 MLY A CD  1 
HETATM 1557 C CE  . MLY A 1 208 ? -3.375  -21.187 0.232   1.00 65.20 ? 207 MLY A CE  1 
HETATM 1558 N NZ  . MLY A 1 208 ? -2.829  -20.622 1.479   1.00 66.34 ? 207 MLY A NZ  1 
HETATM 1559 C CH1 . MLY A 1 208 ? -1.626  -21.382 1.876   1.00 67.31 ? 207 MLY A CH1 1 
HETATM 1560 C CH2 . MLY A 1 208 ? -3.844  -20.711 2.543   1.00 67.40 ? 207 MLY A CH2 1 
HETATM 1561 C C   . MLY A 1 208 ? -5.231  -20.107 -5.313  1.00 61.69 ? 207 MLY A C   1 
HETATM 1562 O O   . MLY A 1 208 ? -6.270  -20.551 -5.783  1.00 61.84 ? 207 MLY A O   1 
ATOM   1563 N N   . TRP A 1 209 ? -4.074  -20.095 -5.964  1.00 62.27 ? 208 TRP A N   1 
ATOM   1564 C CA  . TRP A 1 209 ? -3.919  -20.620 -7.308  1.00 62.88 ? 208 TRP A CA  1 
ATOM   1565 C C   . TRP A 1 209 ? -2.848  -21.706 -7.313  1.00 63.30 ? 208 TRP A C   1 
ATOM   1566 O O   . TRP A 1 209 ? -2.752  -22.503 -8.255  1.00 63.84 ? 208 TRP A O   1 
ATOM   1567 C CB  . TRP A 1 209 ? -3.538  -19.485 -8.267  1.00 63.10 ? 208 TRP A CB  1 
ATOM   1568 C CG  . TRP A 1 209 ? -2.125  -18.965 -8.117  1.00 63.53 ? 208 TRP A CG  1 
ATOM   1569 C CD1 . TRP A 1 209 ? -1.008  -19.433 -8.748  1.00 64.12 ? 208 TRP A CD1 1 
ATOM   1570 C CD2 . TRP A 1 209 ? -1.694  -17.867 -7.305  1.00 64.51 ? 208 TRP A CD2 1 
ATOM   1571 N NE1 . TRP A 1 209 ? 0.092   -18.702 -8.373  1.00 65.10 ? 208 TRP A NE1 1 
ATOM   1572 C CE2 . TRP A 1 209 ? -0.299  -17.731 -7.494  1.00 64.88 ? 208 TRP A CE2 1 
ATOM   1573 C CE3 . TRP A 1 209 ? -2.354  -16.977 -6.445  1.00 64.78 ? 208 TRP A CE3 1 
ATOM   1574 C CZ2 . TRP A 1 209 ? 0.457   -16.749 -6.839  1.00 65.23 ? 208 TRP A CZ2 1 
ATOM   1575 C CZ3 . TRP A 1 209 ? -1.608  -15.998 -5.798  1.00 65.01 ? 208 TRP A CZ3 1 
ATOM   1576 C CH2 . TRP A 1 209 ? -0.212  -15.896 -5.995  1.00 65.20 ? 208 TRP A CH2 1 
ATOM   1577 O OXT . TRP A 1 209 ? -2.042  -21.799 -6.382  1.00 63.35 ? 208 TRP A OXT 1 
HETATM 1578 O O   . HOH B 2 .   ? -10.257 10.811  -2.010  1.00 30.38 ? 209 HOH A O   1 
HETATM 1579 O O   . HOH B 2 .   ? 15.292  8.441   9.491   1.00 39.74 ? 210 HOH A O   1 
HETATM 1580 O O   . HOH B 2 .   ? -4.222  6.955   -1.145  1.00 26.50 ? 211 HOH A O   1 
HETATM 1581 O O   . HOH B 2 .   ? -2.822  2.929   11.938  1.00 41.46 ? 212 HOH A O   1 
HETATM 1582 O O   . HOH B 2 .   ? 17.603  1.200   -3.002  1.00 30.71 ? 213 HOH A O   1 
HETATM 1583 O O   . HOH B 2 .   ? 4.168   -3.897  -3.998  1.00 29.52 ? 214 HOH A O   1 
HETATM 1584 O O   . HOH B 2 .   ? -8.054  8.124   13.003  1.00 34.99 ? 215 HOH A O   1 
HETATM 1585 O O   . HOH B 2 .   ? 6.960   -16.008 -0.188  1.00 40.84 ? 216 HOH A O   1 
HETATM 1586 O O   . HOH B 2 .   ? 12.083  -10.901 -4.338  1.00 35.06 ? 217 HOH A O   1 
HETATM 1587 O O   . HOH B 2 .   ? 0.021   5.016   15.237  1.00 44.63 ? 218 HOH A O   1 
HETATM 1588 O O   . HOH B 2 .   ? 0.070   15.562  4.548   1.00 41.76 ? 219 HOH A O   1 
HETATM 1589 O O   . HOH B 2 .   ? 8.169   -6.769  -3.627  1.00 38.23 ? 220 HOH A O   1 
HETATM 1590 O O   . HOH B 2 .   ? 13.730  -1.571  13.644  1.00 45.61 ? 221 HOH A O   1 
HETATM 1591 O O   . HOH B 2 .   ? -13.377 5.827   5.742   1.00 34.53 ? 222 HOH A O   1 
HETATM 1592 O O   . HOH B 2 .   ? 22.011  -2.467  0.963   1.00 27.92 ? 223 HOH A O   1 
HETATM 1593 O O   . HOH B 2 .   ? -12.491 -2.215  -20.103 1.00 49.88 ? 224 HOH A O   1 
HETATM 1594 O O   . HOH B 2 .   ? -17.298 -1.924  -2.872  1.00 37.10 ? 225 HOH A O   1 
HETATM 1595 O O   . HOH B 2 .   ? -1.364  -1.882  8.781   1.00 32.51 ? 226 HOH A O   1 
HETATM 1596 O O   . HOH B 2 .   ? -11.167 3.639   8.891   1.00 33.80 ? 227 HOH A O   1 
HETATM 1597 O O   . HOH B 2 .   ? 6.359   -7.237  -6.156  1.00 30.58 ? 228 HOH A O   1 
HETATM 1598 O O   . HOH B 2 .   ? -4.040  12.983  16.267  1.00 55.48 ? 229 HOH A O   1 
HETATM 1599 O O   . HOH B 2 .   ? 6.814   -10.871 14.201  1.00 33.26 ? 230 HOH A O   1 
HETATM 1600 O O   . HOH B 2 .   ? 16.460  9.734   -2.080  1.00 37.62 ? 231 HOH A O   1 
HETATM 1601 O O   . HOH B 2 .   ? 24.379  -4.851  -2.096  1.00 47.14 ? 232 HOH A O   1 
HETATM 1602 O O   . HOH B 2 .   ? -7.161  11.721  6.180   1.00 33.47 ? 233 HOH A O   1 
HETATM 1603 O O   . HOH B 2 .   ? -7.081  11.240  3.542   1.00 40.42 ? 234 HOH A O   1 
HETATM 1604 O O   . HOH B 2 .   ? 0.455   1.525   -12.058 1.00 34.36 ? 235 HOH A O   1 
HETATM 1605 O O   . HOH B 2 .   ? -3.365  -3.613  12.325  1.00 47.32 ? 236 HOH A O   1 
HETATM 1606 O O   . HOH B 2 .   ? 17.930  8.728   9.807   1.00 55.64 ? 237 HOH A O   1 
HETATM 1607 O O   . HOH B 2 .   ? -11.086 1.745   4.969   1.00 30.14 ? 238 HOH A O   1 
HETATM 1608 O O   . HOH B 2 .   ? 15.728  11.748  -4.086  1.00 42.17 ? 239 HOH A O   1 
HETATM 1609 O O   . HOH B 2 .   ? 10.282  7.331   -4.909  1.00 37.85 ? 240 HOH A O   1 
HETATM 1610 O O   . HOH B 2 .   ? -4.081  6.216   -10.603 1.00 67.73 ? 241 HOH A O   1 
HETATM 1611 O O   . HOH B 2 .   ? -12.042 1.861   10.851  1.00 34.16 ? 242 HOH A O   1 
HETATM 1612 O O   . HOH B 2 .   ? 9.326   -11.666 10.254  1.00 33.03 ? 243 HOH A O   1 
HETATM 1613 O O   . HOH B 2 .   ? 4.249   3.436   17.656  1.00 49.19 ? 244 HOH A O   1 
HETATM 1614 O O   . HOH B 2 .   ? 14.474  -6.634  -8.757  1.00 47.59 ? 245 HOH A O   1 
HETATM 1615 O O   . HOH B 2 .   ? -7.799  0.213   10.969  1.00 32.92 ? 246 HOH A O   1 
HETATM 1616 O O   . HOH B 2 .   ? 4.792   -14.970 -2.184  1.00 40.98 ? 247 HOH A O   1 
HETATM 1617 O O   . HOH B 2 .   ? -11.906 3.461   13.217  1.00 48.75 ? 248 HOH A O   1 
HETATM 1618 O O   . HOH B 2 .   ? -14.399 -0.445  -9.673  1.00 38.83 ? 249 HOH A O   1 
HETATM 1619 O O   . HOH B 2 .   ? 8.633   -0.774  12.844  1.00 38.66 ? 250 HOH A O   1 
HETATM 1620 O O   . HOH B 2 .   ? 6.381   0.211   -12.351 1.00 36.38 ? 251 HOH A O   1 
HETATM 1621 O O   . HOH B 2 .   ? -6.333  -5.016  -20.281 1.00 46.35 ? 252 HOH A O   1 
HETATM 1622 O O   . HOH B 2 .   ? 0.296   -0.828  12.595  1.00 47.42 ? 253 HOH A O   1 
HETATM 1623 O O   . HOH B 2 .   ? 10.628  -0.627  14.814  1.00 49.97 ? 254 HOH A O   1 
HETATM 1624 O O   . HOH B 2 .   ? -13.064 -4.456  8.909   1.00 51.55 ? 255 HOH A O   1 
HETATM 1625 O O   . HOH B 2 .   ? 16.552  -4.359  6.251   1.00 32.57 ? 256 HOH A O   1 
HETATM 1626 O O   . HOH B 2 .   ? 4.285   11.916  15.997  1.00 50.55 ? 257 HOH A O   1 
HETATM 1627 O O   . HOH B 2 .   ? 2.554   -0.294  13.342  1.00 43.26 ? 258 HOH A O   1 
HETATM 1628 O O   . HOH B 2 .   ? 4.667   -14.284 -6.422  1.00 44.67 ? 259 HOH A O   1 
HETATM 1629 O O   . HOH B 2 .   ? 2.419   -7.945  9.349   1.00 48.64 ? 260 HOH A O   1 
HETATM 1630 O O   . HOH B 2 .   ? 8.560   -15.116 -2.103  1.00 49.20 ? 261 HOH A O   1 
HETATM 1631 O O   . HOH B 2 .   ? -11.546 -13.287 -19.104 1.00 51.68 ? 262 HOH A O   1 
HETATM 1632 O O   . HOH B 2 .   ? 4.237   -1.943  14.705  1.00 41.65 ? 263 HOH A O   1 
HETATM 1633 O O   . HOH B 2 .   ? -10.789 10.453  -8.288  1.00 50.82 ? 264 HOH A O   1 
HETATM 1634 O O   . HOH B 2 .   ? -12.097 7.126   7.893   1.00 38.76 ? 265 HOH A O   1 
HETATM 1635 O O   . HOH B 2 .   ? 6.617   -2.311  13.697  1.00 40.84 ? 266 HOH A O   1 
HETATM 1636 O O   . HOH B 2 .   ? 4.869   -2.231  17.390  1.00 58.25 ? 267 HOH A O   1 
HETATM 1637 O O   . HOH B 2 .   ? -11.828 -10.206 3.932   1.00 38.33 ? 268 HOH A O   1 
HETATM 1638 O O   . HOH B 2 .   ? -10.166 6.150   9.287   1.00 29.08 ? 269 HOH A O   1 
HETATM 1639 O O   . HOH B 2 .   ? -0.263  11.919  15.794  1.00 63.47 ? 270 HOH A O   1 
HETATM 1640 O O   . HOH B 2 .   ? 19.133  8.631   6.427   1.00 55.43 ? 271 HOH A O   1 
HETATM 1641 O O   . HOH B 2 .   ? -11.307 -10.555 -13.324 1.00 37.23 ? 272 HOH A O   1 
HETATM 1642 O O   . HOH B 2 .   ? -4.305  8.315   -8.188  1.00 39.73 ? 273 HOH A O   1 
HETATM 1643 O O   . HOH B 2 .   ? -18.764 -3.497  -4.919  1.00 50.73 ? 274 HOH A O   1 
HETATM 1644 O O   . HOH B 2 .   ? 3.557   7.758   -8.370  1.00 41.29 ? 275 HOH A O   1 
HETATM 1645 O O   . HOH B 2 .   ? -3.886  -1.429  -18.120 1.00 45.14 ? 276 HOH A O   1 
HETATM 1646 O O   . HOH B 2 .   ? -10.906 5.550   13.987  1.00 34.63 ? 277 HOH A O   1 
HETATM 1647 O O   . HOH B 2 .   ? -12.479 3.273   6.674   1.00 34.45 ? 278 HOH A O   1 
HETATM 1648 O O   . HOH B 2 .   ? -11.936 -19.491 0.736   1.00 68.10 ? 279 HOH A O   1 
HETATM 1649 O O   . HOH B 2 .   ? -16.380 -8.090  -18.680 1.00 54.32 ? 280 HOH A O   1 
HETATM 1650 O O   . HOH B 2 .   ? -2.398  -8.647  -15.472 1.00 38.93 ? 281 HOH A O   1 
HETATM 1651 O O   . HOH B 2 .   ? 2.826   -4.358  -14.399 1.00 37.48 ? 282 HOH A O   1 
HETATM 1652 O O   . HOH B 2 .   ? -7.401  15.988  -4.966  1.00 51.76 ? 283 HOH A O   1 
HETATM 1653 O O   . HOH B 2 .   ? 4.005   -1.932  -15.541 1.00 44.41 ? 284 HOH A O   1 
HETATM 1654 O O   . HOH B 2 .   ? 21.190  -6.382  -4.671  1.00 32.70 ? 285 HOH A O   1 
HETATM 1655 O O   . HOH B 2 .   ? -1.574  -19.320 -4.225  1.00 61.41 ? 286 HOH A O   1 
HETATM 1656 O O   . HOH B 2 .   ? -10.435 -4.703  8.442   1.00 35.48 ? 287 HOH A O   1 
HETATM 1657 O O   . HOH B 2 .   ? -13.353 -9.354  5.917   1.00 44.39 ? 288 HOH A O   1 
HETATM 1658 O O   . HOH B 2 .   ? -3.903  -10.106 -16.988 1.00 42.19 ? 289 HOH A O   1 
HETATM 1659 O O   . HOH B 2 .   ? -8.480  3.365   -11.073 1.00 35.32 ? 290 HOH A O   1 
HETATM 1660 O O   . HOH B 2 .   ? -7.548  11.273  13.243  1.00 38.54 ? 291 HOH A O   1 
HETATM 1661 O O   . HOH B 2 .   ? -24.820 -5.124  -2.496  1.00 57.34 ? 292 HOH A O   1 
HETATM 1662 O O   . HOH B 2 .   ? 1.929   -11.801 2.942   1.00 43.77 ? 293 HOH A O   1 
HETATM 1663 O O   . HOH B 2 .   ? -12.086 3.212   3.097   1.00 37.27 ? 294 HOH A O   1 
HETATM 1664 O O   . HOH B 2 .   ? 18.078  -0.400  6.267   1.00 36.05 ? 295 HOH A O   1 
HETATM 1665 O O   . HOH B 2 .   ? 0.198   -3.460  -18.386 1.00 47.62 ? 296 HOH A O   1 
HETATM 1666 O O   . HOH B 2 .   ? 14.621  -4.794  8.295   1.00 36.95 ? 297 HOH A O   1 
HETATM 1667 O O   . HOH B 2 .   ? -16.082 -9.886  -1.123  1.00 55.25 ? 298 HOH A O   1 
HETATM 1668 O O   . HOH B 2 .   ? -2.512  11.633  -6.140  1.00 40.34 ? 299 HOH A O   1 
HETATM 1669 O O   . HOH B 2 .   ? 20.639  5.357   8.326   1.00 56.90 ? 300 HOH A O   1 
HETATM 1670 O O   . HOH B 2 .   ? 16.182  14.970  6.536   1.00 57.55 ? 301 HOH A O   1 
HETATM 1671 O O   . HOH B 2 .   ? -13.536 -10.122 1.465   1.00 40.36 ? 302 HOH A O   1 
HETATM 1672 O O   . HOH B 2 .   ? 0.772   -5.257  -16.192 1.00 50.99 ? 303 HOH A O   1 
HETATM 1673 O O   . HOH B 2 .   ? 6.286   -5.109  -9.661  1.00 47.43 ? 304 HOH A O   1 
HETATM 1674 O O   . HOH B 2 .   ? 20.718  -10.314 0.734   1.00 49.77 ? 305 HOH A O   1 
HETATM 1675 O O   . HOH B 2 .   ? 3.568   -9.482  -9.058  1.00 41.75 ? 306 HOH A O   1 
HETATM 1676 O O   . HOH B 2 .   ? 15.233  5.486   16.159  1.00 51.69 ? 307 HOH A O   1 
HETATM 1677 O O   . HOH B 2 .   ? 9.260   4.510   -10.427 1.00 46.02 ? 308 HOH A O   1 
HETATM 1678 O O   . HOH B 2 .   ? 1.602   -14.238 2.211   1.00 43.77 ? 309 HOH A O   1 
HETATM 1679 O O   . HOH B 2 .   ? -20.737 -5.279  -3.798  1.00 50.81 ? 310 HOH A O   1 
HETATM 1680 O O   . HOH B 2 .   ? -1.289  -17.265 -2.811  1.00 44.98 ? 311 HOH A O   1 
HETATM 1681 O O   . HOH B 2 .   ? -5.838  4.133   -11.123 1.00 53.15 ? 312 HOH A O   1 
HETATM 1682 O O   . HOH B 2 .   ? 22.505  2.048   3.619   1.00 40.86 ? 313 HOH A O   1 
HETATM 1683 O O   . HOH B 2 .   ? 3.955   0.051   -13.796 1.00 38.16 ? 314 HOH A O   1 
HETATM 1684 O O   . HOH B 2 .   ? -1.388  -12.225 2.218   1.00 49.86 ? 315 HOH A O   1 
HETATM 1685 O O   . HOH B 2 .   ? 2.511   2.368   -14.162 1.00 52.97 ? 316 HOH A O   1 
HETATM 1686 O O   . HOH B 2 .   ? 5.769   -11.227 -8.606  1.00 50.44 ? 317 HOH A O   1 
HETATM 1687 O O   . HOH B 2 .   ? 0.563   -8.742  3.557   1.00 48.38 ? 318 HOH A O   1 
HETATM 1688 O O   . HOH B 2 .   ? -16.899 -9.607  -3.762  1.00 43.12 ? 319 HOH A O   1 
HETATM 1689 O O   . HOH B 2 .   ? 18.851  11.284  4.863   1.00 53.93 ? 320 HOH A O   1 
HETATM 1690 O O   . HOH B 2 .   ? 18.572  -13.783 -5.077  1.00 47.76 ? 321 HOH A O   1 
HETATM 1691 O O   . HOH B 2 .   ? -4.912  -12.027 -16.128 1.00 42.13 ? 322 HOH A O   1 
HETATM 1692 O O   . HOH B 2 .   ? 9.572   12.004  -8.814  1.00 50.95 ? 323 HOH A O   1 
HETATM 1693 O O   . HOH B 2 .   ? -0.874  -4.555  9.594   1.00 39.14 ? 324 HOH A O   1 
HETATM 1694 O O   . HOH B 2 .   ? 8.564   14.452  14.391  1.00 55.04 ? 325 HOH A O   1 
HETATM 1695 O O   . HOH B 2 .   ? 3.165   -16.856 -10.869 1.00 54.19 ? 326 HOH A O   1 
# 
loop_
_pdbx_poly_seq_scheme.asym_id 
_pdbx_poly_seq_scheme.entity_id 
_pdbx_poly_seq_scheme.seq_id 
_pdbx_poly_seq_scheme.mon_id 
_pdbx_poly_seq_scheme.ndb_seq_num 
_pdbx_poly_seq_scheme.pdb_seq_num 
_pdbx_poly_seq_scheme.auth_seq_num 
_pdbx_poly_seq_scheme.pdb_mon_id 
_pdbx_poly_seq_scheme.auth_mon_id 
_pdbx_poly_seq_scheme.pdb_strand_id 
_pdbx_poly_seq_scheme.pdb_ins_code 
_pdbx_poly_seq_scheme.hetero 
A 1 1   SER 1   0   ?   ?   ?   A . n 
A 1 2   MET 2   1   ?   ?   ?   A . n 
A 1 3   ALA 3   2   ?   ?   ?   A . n 
A 1 4   ALA 4   3   ?   ?   ?   A . n 
A 1 5   ALA 5   4   ?   ?   ?   A . n 
A 1 6   ALA 6   5   ?   ?   ?   A . n 
A 1 7   VAL 7   6   ?   ?   ?   A . n 
A 1 8   VAL 8   7   ?   ?   ?   A . n 
A 1 9   GLN 9   8   ?   ?   ?   A . n 
A 1 10  ILE 10  9   ?   ?   ?   A . n 
A 1 11  PRO 11  10  ?   ?   ?   A . n 
A 1 12  ALA 12  11  ?   ?   ?   A . n 
A 1 13  GLY 13  12  ?   ?   ?   A . n 
A 1 14  ALA 14  13  ?   ?   ?   A . n 
A 1 15  THR 15  14  14  THR THR A . n 
A 1 16  PHE 16  15  15  PHE PHE A . n 
A 1 17  LEU 17  16  16  LEU LEU A . n 
A 1 18  GLU 18  17  17  GLU GLU A . n 
A 1 19  THR 19  18  18  THR THR A . n 
A 1 20  PHE 20  19  19  PHE PHE A . n 
A 1 21  MLY 21  20  20  MLY MLY A . n 
A 1 22  MLY 22  21  21  MLY MLY A . n 
A 1 23  SER 23  22  22  SER SER A . n 
A 1 24  PHE 24  23  23  PHE PHE A . n 
A 1 25  VAL 25  24  24  VAL VAL A . n 
A 1 26  ASP 26  25  25  ASP ASP A . n 
A 1 27  VAL 27  26  26  VAL VAL A . n 
A 1 28  PRO 28  27  27  PRO PRO A . n 
A 1 29  ILE 29  28  28  ILE ILE A . n 
A 1 30  ASP 30  29  29  ASP ASP A . n 
A 1 31  ALA 31  30  30  ALA ALA A . n 
A 1 32  GLU 32  31  31  GLU GLU A . n 
A 1 33  MLY 33  32  32  MLY MLY A . n 
A 1 34  GLY 34  33  33  GLY GLY A . n 
A 1 35  ASN 35  34  34  ASN ASN A . n 
A 1 36  ALA 36  35  35  ALA ALA A . n 
A 1 37  ILE 37  36  36  ILE ILE A . n 
A 1 38  SER 38  37  37  SER SER A . n 
A 1 39  THR 39  38  38  THR THR A . n 
A 1 40  ALA 40  39  39  ALA ALA A . n 
A 1 41  GLU 41  40  40  GLU GLU A . n 
A 1 42  PHE 42  41  41  PHE PHE A . n 
A 1 43  LEU 43  42  42  LEU LEU A . n 
A 1 44  GLU 44  43  43  GLU GLU A . n 
A 1 45  ALA 45  44  44  ALA ALA A . n 
A 1 46  ALA 46  45  45  ALA ALA A . n 
A 1 47  GLU 47  46  46  GLU GLU A . n 
A 1 48  SER 48  47  47  SER SER A . n 
A 1 49  LEU 49  48  48  LEU LEU A . n 
A 1 50  THR 50  49  49  THR THR A . n 
A 1 51  THR 51  50  50  THR THR A . n 
A 1 52  MET 52  51  51  MET MET A . n 
A 1 53  PHE 53  52  52  PHE PHE A . n 
A 1 54  ASP 54  53  53  ASP ASP A . n 
A 1 55  VAL 55  54  54  VAL VAL A . n 
A 1 56  LEU 56  55  55  LEU LEU A . n 
A 1 57  GLY 57  56  56  GLY GLY A . n 
A 1 58  SER 58  57  57  SER SER A . n 
A 1 59  ILE 59  58  58  ILE ILE A . n 
A 1 60  ALA 60  59  59  ALA ALA A . n 
A 1 61  PHE 61  60  60  PHE PHE A . n 
A 1 62  SER 62  61  61  SER SER A . n 
A 1 63  PRO 63  62  62  PRO PRO A . n 
A 1 64  VAL 64  63  63  VAL VAL A . n 
A 1 65  MLY 65  64  64  MLY MLY A . n 
A 1 66  THR 66  65  65  THR THR A . n 
A 1 67  ASP 67  66  66  ASP ASP A . n 
A 1 68  MET 68  67  67  MET MET A . n 
A 1 69  LEU 69  68  68  LEU LEU A . n 
A 1 70  GLY 70  69  69  GLY GLY A . n 
A 1 71  ASN 71  70  70  ASN ASN A . n 
A 1 72  VAL 72  71  71  VAL VAL A . n 
A 1 73  GLU 73  72  72  GLU GLU A . n 
A 1 74  MLY 74  73  73  MLY MLY A . n 
A 1 75  ILE 75  74  74  ILE ILE A . n 
A 1 76  ARG 76  75  75  ARG ARG A . n 
A 1 77  MLY 77  76  76  MLY MLY A . n 
A 1 78  ARG 78  77  77  ARG ARG A . n 
A 1 79  MET 79  78  78  MET MET A . n 
A 1 80  LEU 80  79  79  LEU LEU A . n 
A 1 81  ALA 81  80  80  ALA ALA A . n 
A 1 82  ALA 82  81  81  ALA ALA A . n 
A 1 83  PRO 83  82  82  PRO PRO A . n 
A 1 84  LEU 84  83  83  LEU LEU A . n 
A 1 85  GLU 85  84  84  GLU GLU A . n 
A 1 86  SER 86  85  85  SER SER A . n 
A 1 87  GLN 87  86  86  GLN GLN A . n 
A 1 88  ASN 88  87  87  ASN ASN A . n 
A 1 89  ILE 89  88  88  ILE ILE A . n 
A 1 90  GLN 90  89  89  GLN GLN A . n 
A 1 91  ASP 91  90  90  ASP ASP A . n 
A 1 92  LEU 92  91  91  LEU LEU A . n 
A 1 93  VAL 93  92  92  VAL VAL A . n 
A 1 94  ARG 94  93  93  ARG ARG A . n 
A 1 95  ASN 95  94  94  ASN ASN A . n 
A 1 96  GLU 96  95  95  GLU GLU A . n 
A 1 97  LEU 97  96  96  LEU LEU A . n 
A 1 98  MLY 98  97  97  MLY MLY A . n 
A 1 99  THR 99  98  98  THR THR A . n 
A 1 100 MLY 100 99  ?   ?   ?   A . n 
A 1 101 SER 101 100 100 SER SER A . n 
A 1 102 HIS 102 101 101 HIS HIS A . n 
A 1 103 THR 103 102 102 THR THR A . n 
A 1 104 ALA 104 103 103 ALA ALA A . n 
A 1 105 THR 105 104 104 THR THR A . n 
A 1 106 GLU 106 105 105 GLU GLU A . n 
A 1 107 GLY 107 106 106 GLY GLY A . n 
A 1 108 LEU 108 107 107 LEU LEU A . n 
A 1 109 LEU 109 108 108 LEU LEU A . n 
A 1 110 TRP 110 109 109 TRP TRP A . n 
A 1 111 LEU 111 110 110 LEU LEU A . n 
A 1 112 VAL 112 111 111 VAL VAL A . n 
A 1 113 ARG 113 112 112 ARG ARG A . n 
A 1 114 GLY 114 113 113 GLY GLY A . n 
A 1 115 LEU 115 114 114 LEU LEU A . n 
A 1 116 GLU 116 115 115 GLU GLU A . n 
A 1 117 PHE 117 116 116 PHE PHE A . n 
A 1 118 THR 118 117 117 THR THR A . n 
A 1 119 CYS 119 118 118 CYS CYS A . n 
A 1 120 ILE 120 119 119 ILE ILE A . n 
A 1 121 ALA 121 120 120 ALA ALA A . n 
A 1 122 LEU 122 121 121 LEU LEU A . n 
A 1 123 SER 123 122 122 SER SER A . n 
A 1 124 MLY 124 123 123 MLY MLY A . n 
A 1 125 ASN 125 124 124 ASN ASN A . n 
A 1 126 ILE 126 125 125 ILE ILE A . n 
A 1 127 GLY 127 126 126 GLY GLY A . n 
A 1 128 SER 128 127 127 SER SER A . n 
A 1 129 THR 129 128 128 THR THR A . n 
A 1 130 GLU 130 129 129 GLU GLU A . n 
A 1 131 GLU 131 130 130 GLU GLU A . n 
A 1 132 LEU 132 131 131 LEU LEU A . n 
A 1 133 ALA 133 132 132 ALA ALA A . n 
A 1 134 ASP 134 133 133 ASP ASP A . n 
A 1 135 SER 135 134 134 SER SER A . n 
A 1 136 PHE 136 135 135 PHE PHE A . n 
A 1 137 ARG 137 136 136 ARG ARG A . n 
A 1 138 GLY 138 137 137 GLY GLY A . n 
A 1 139 SER 139 138 138 SER SER A . n 
A 1 140 TYR 140 139 139 TYR TYR A . n 
A 1 141 ARG 141 140 140 ARG ARG A . n 
A 1 142 VAL 142 141 141 VAL VAL A . n 
A 1 143 THR 143 142 142 THR THR A . n 
A 1 144 LEU 144 143 143 LEU LEU A . n 
A 1 145 MLY 145 144 144 MLY MLY A . n 
A 1 146 PRO 146 145 145 PRO PRO A . n 
A 1 147 HIS 147 146 146 HIS HIS A . n 
A 1 148 HIS 148 147 147 HIS HIS A . n 
A 1 149 SER 149 148 148 SER SER A . n 
A 1 150 PHE 150 149 149 PHE PHE A . n 
A 1 151 LEU 151 150 150 LEU LEU A . n 
A 1 152 VAL 152 151 151 VAL VAL A . n 
A 1 153 MLY 153 152 152 MLY MLY A . n 
A 1 154 PRO 154 153 153 PRO PRO A . n 
A 1 155 ILE 155 154 154 ILE ILE A . n 
A 1 156 PHE 156 155 155 PHE PHE A . n 
A 1 157 SER 157 156 156 SER SER A . n 
A 1 158 ALA 158 157 157 ALA ALA A . n 
A 1 159 ALA 159 158 158 ALA ALA A . n 
A 1 160 MET 160 159 159 MET MET A . n 
A 1 161 SER 161 160 160 SER SER A . n 
A 1 162 ALA 162 161 161 ALA ALA A . n 
A 1 163 CYS 163 162 162 CYS CYS A . n 
A 1 164 PRO 164 163 163 PRO PRO A . n 
A 1 165 TYR 165 164 164 TYR TYR A . n 
A 1 166 ARG 166 165 165 ARG ARG A . n 
A 1 167 MLY 167 166 166 MLY MLY A . n 
A 1 168 ASP 168 167 167 ASP ASP A . n 
A 1 169 PHE 169 168 168 PHE PHE A . n 
A 1 170 TYR 170 169 169 TYR TYR A . n 
A 1 171 ALA 171 170 170 ALA ALA A . n 
A 1 172 MLY 172 171 171 MLY MLY A . n 
A 1 173 LEU 173 172 172 LEU LEU A . n 
A 1 174 GLY 174 173 173 GLY GLY A . n 
A 1 175 ASP 175 174 174 ASP ASP A . n 
A 1 176 ASP 176 175 175 ASP ASP A . n 
A 1 177 GLU 177 176 176 GLU GLU A . n 
A 1 178 GLN 178 177 177 GLN GLN A . n 
A 1 179 MLY 179 178 178 MLY MLY A . n 
A 1 180 VAL 180 179 179 VAL VAL A . n 
A 1 181 GLN 181 180 180 GLN GLN A . n 
A 1 182 GLU 182 181 181 GLU GLU A . n 
A 1 183 GLU 183 182 182 GLU GLU A . n 
A 1 184 LEU 184 183 183 LEU LEU A . n 
A 1 185 ARG 185 184 184 ARG ARG A . n 
A 1 186 GLU 186 185 185 GLU GLU A . n 
A 1 187 TYR 187 186 186 TYR TYR A . n 
A 1 188 LEU 188 187 187 LEU LEU A . n 
A 1 189 VAL 189 188 188 VAL VAL A . n 
A 1 190 ALA 190 189 189 ALA ALA A . n 
A 1 191 LEU 191 190 190 LEU LEU A . n 
A 1 192 ASP 192 191 191 ASP ASP A . n 
A 1 193 MLY 193 192 192 MLY MLY A . n 
A 1 194 ILE 194 193 193 ILE ILE A . n 
A 1 195 VAL 195 194 194 VAL VAL A . n 
A 1 196 ASN 196 195 195 ASN ASN A . n 
A 1 197 ILE 197 196 196 ILE ILE A . n 
A 1 198 LEU 198 197 197 LEU LEU A . n 
A 1 199 MLY 199 198 198 MLY MLY A . n 
A 1 200 ARG 200 199 199 ARG ARG A . n 
A 1 201 PHE 201 200 200 PHE PHE A . n 
A 1 202 LEU 202 201 201 LEU LEU A . n 
A 1 203 GLU 203 202 202 GLU GLU A . n 
A 1 204 SER 204 203 203 SER SER A . n 
A 1 205 MLY 205 204 204 MLY MLY A . n 
A 1 206 GLU 206 205 205 GLU GLU A . n 
A 1 207 ALA 207 206 206 ALA ALA A . n 
A 1 208 MLY 208 207 207 MLY MLY A . n 
A 1 209 TRP 209 208 208 TRP TRP A . n 
# 
loop_
_pdbx_nonpoly_scheme.asym_id 
_pdbx_nonpoly_scheme.entity_id 
_pdbx_nonpoly_scheme.mon_id 
_pdbx_nonpoly_scheme.ndb_seq_num 
_pdbx_nonpoly_scheme.pdb_seq_num 
_pdbx_nonpoly_scheme.auth_seq_num 
_pdbx_nonpoly_scheme.pdb_mon_id 
_pdbx_nonpoly_scheme.auth_mon_id 
_pdbx_nonpoly_scheme.pdb_strand_id 
_pdbx_nonpoly_scheme.pdb_ins_code 
B 2 HOH 1   209 1   HOH HOH A . 
B 2 HOH 2   210 2   HOH HOH A . 
B 2 HOH 3   211 3   HOH HOH A . 
B 2 HOH 4   212 4   HOH HOH A . 
B 2 HOH 5   213 5   HOH HOH A . 
B 2 HOH 6   214 6   HOH HOH A . 
B 2 HOH 7   215 7   HOH HOH A . 
B 2 HOH 8   216 8   HOH HOH A . 
B 2 HOH 9   217 9   HOH HOH A . 
B 2 HOH 10  218 10  HOH HOH A . 
B 2 HOH 11  219 11  HOH HOH A . 
B 2 HOH 12  220 12  HOH HOH A . 
B 2 HOH 13  221 13  HOH HOH A . 
B 2 HOH 14  222 14  HOH HOH A . 
B 2 HOH 15  223 15  HOH HOH A . 
B 2 HOH 16  224 16  HOH HOH A . 
B 2 HOH 17  225 17  HOH HOH A . 
B 2 HOH 18  226 18  HOH HOH A . 
B 2 HOH 19  227 19  HOH HOH A . 
B 2 HOH 20  228 20  HOH HOH A . 
B 2 HOH 21  229 21  HOH HOH A . 
B 2 HOH 22  230 22  HOH HOH A . 
B 2 HOH 23  231 23  HOH HOH A . 
B 2 HOH 24  232 24  HOH HOH A . 
B 2 HOH 25  233 25  HOH HOH A . 
B 2 HOH 26  234 26  HOH HOH A . 
B 2 HOH 27  235 27  HOH HOH A . 
B 2 HOH 28  236 28  HOH HOH A . 
B 2 HOH 29  237 29  HOH HOH A . 
B 2 HOH 30  238 30  HOH HOH A . 
B 2 HOH 31  239 31  HOH HOH A . 
B 2 HOH 32  240 32  HOH HOH A . 
B 2 HOH 33  241 33  HOH HOH A . 
B 2 HOH 34  242 34  HOH HOH A . 
B 2 HOH 35  243 35  HOH HOH A . 
B 2 HOH 36  244 36  HOH HOH A . 
B 2 HOH 37  245 37  HOH HOH A . 
B 2 HOH 38  246 38  HOH HOH A . 
B 2 HOH 39  247 39  HOH HOH A . 
B 2 HOH 40  248 40  HOH HOH A . 
B 2 HOH 41  249 41  HOH HOH A . 
B 2 HOH 42  250 42  HOH HOH A . 
B 2 HOH 43  251 43  HOH HOH A . 
B 2 HOH 44  252 44  HOH HOH A . 
B 2 HOH 45  253 45  HOH HOH A . 
B 2 HOH 46  254 46  HOH HOH A . 
B 2 HOH 47  255 47  HOH HOH A . 
B 2 HOH 48  256 48  HOH HOH A . 
B 2 HOH 49  257 49  HOH HOH A . 
B 2 HOH 50  258 50  HOH HOH A . 
B 2 HOH 51  259 51  HOH HOH A . 
B 2 HOH 52  260 52  HOH HOH A . 
B 2 HOH 53  261 53  HOH HOH A . 
B 2 HOH 54  262 54  HOH HOH A . 
B 2 HOH 55  263 55  HOH HOH A . 
B 2 HOH 56  264 56  HOH HOH A . 
B 2 HOH 57  265 57  HOH HOH A . 
B 2 HOH 58  266 58  HOH HOH A . 
B 2 HOH 59  267 59  HOH HOH A . 
B 2 HOH 60  268 60  HOH HOH A . 
B 2 HOH 61  269 61  HOH HOH A . 
B 2 HOH 62  270 62  HOH HOH A . 
B 2 HOH 63  271 63  HOH HOH A . 
B 2 HOH 64  272 64  HOH HOH A . 
B 2 HOH 65  273 65  HOH HOH A . 
B 2 HOH 66  274 66  HOH HOH A . 
B 2 HOH 67  275 67  HOH HOH A . 
B 2 HOH 68  276 68  HOH HOH A . 
B 2 HOH 69  277 69  HOH HOH A . 
B 2 HOH 70  278 70  HOH HOH A . 
B 2 HOH 71  279 71  HOH HOH A . 
B 2 HOH 72  280 72  HOH HOH A . 
B 2 HOH 73  281 73  HOH HOH A . 
B 2 HOH 74  282 74  HOH HOH A . 
B 2 HOH 75  283 75  HOH HOH A . 
B 2 HOH 76  284 76  HOH HOH A . 
B 2 HOH 77  285 77  HOH HOH A . 
B 2 HOH 78  286 78  HOH HOH A . 
B 2 HOH 79  287 79  HOH HOH A . 
B 2 HOH 80  288 80  HOH HOH A . 
B 2 HOH 81  289 81  HOH HOH A . 
B 2 HOH 82  290 82  HOH HOH A . 
B 2 HOH 83  291 83  HOH HOH A . 
B 2 HOH 84  292 84  HOH HOH A . 
B 2 HOH 85  293 85  HOH HOH A . 
B 2 HOH 86  294 86  HOH HOH A . 
B 2 HOH 87  295 87  HOH HOH A . 
B 2 HOH 88  296 88  HOH HOH A . 
B 2 HOH 89  297 89  HOH HOH A . 
B 2 HOH 90  298 90  HOH HOH A . 
B 2 HOH 91  299 91  HOH HOH A . 
B 2 HOH 92  300 92  HOH HOH A . 
B 2 HOH 93  301 93  HOH HOH A . 
B 2 HOH 94  302 94  HOH HOH A . 
B 2 HOH 95  303 95  HOH HOH A . 
B 2 HOH 96  304 96  HOH HOH A . 
B 2 HOH 97  305 97  HOH HOH A . 
B 2 HOH 98  306 98  HOH HOH A . 
B 2 HOH 99  307 99  HOH HOH A . 
B 2 HOH 100 308 100 HOH HOH A . 
B 2 HOH 101 309 101 HOH HOH A . 
B 2 HOH 102 310 102 HOH HOH A . 
B 2 HOH 103 311 103 HOH HOH A . 
B 2 HOH 104 312 104 HOH HOH A . 
B 2 HOH 105 313 105 HOH HOH A . 
B 2 HOH 106 314 106 HOH HOH A . 
B 2 HOH 107 315 107 HOH HOH A . 
B 2 HOH 108 316 108 HOH HOH A . 
B 2 HOH 109 317 109 HOH HOH A . 
B 2 HOH 110 318 110 HOH HOH A . 
B 2 HOH 111 319 111 HOH HOH A . 
B 2 HOH 112 320 112 HOH HOH A . 
B 2 HOH 113 321 113 HOH HOH A . 
B 2 HOH 114 322 114 HOH HOH A . 
B 2 HOH 115 323 115 HOH HOH A . 
B 2 HOH 116 324 116 HOH HOH A . 
B 2 HOH 117 325 117 HOH HOH A . 
B 2 HOH 118 326 118 HOH HOH A . 
# 
loop_
_pdbx_struct_mod_residue.id 
_pdbx_struct_mod_residue.label_asym_id 
_pdbx_struct_mod_residue.label_comp_id 
_pdbx_struct_mod_residue.label_seq_id 
_pdbx_struct_mod_residue.auth_asym_id 
_pdbx_struct_mod_residue.auth_comp_id 
_pdbx_struct_mod_residue.auth_seq_id 
_pdbx_struct_mod_residue.PDB_ins_code 
_pdbx_struct_mod_residue.parent_comp_id 
_pdbx_struct_mod_residue.details 
1  A MLY 21  A MLY 20  ? LYS N-DIMETHYL-LYSINE 
2  A MLY 22  A MLY 21  ? LYS N-DIMETHYL-LYSINE 
3  A MLY 33  A MLY 32  ? LYS N-DIMETHYL-LYSINE 
4  A MLY 65  A MLY 64  ? LYS N-DIMETHYL-LYSINE 
5  A MLY 74  A MLY 73  ? LYS N-DIMETHYL-LYSINE 
6  A MLY 77  A MLY 76  ? LYS N-DIMETHYL-LYSINE 
7  A MLY 98  A MLY 97  ? LYS N-DIMETHYL-LYSINE 
8  A MLY 124 A MLY 123 ? LYS N-DIMETHYL-LYSINE 
9  A MLY 145 A MLY 144 ? LYS N-DIMETHYL-LYSINE 
10 A MLY 153 A MLY 152 ? LYS N-DIMETHYL-LYSINE 
11 A MLY 167 A MLY 166 ? LYS N-DIMETHYL-LYSINE 
12 A MLY 172 A MLY 171 ? LYS N-DIMETHYL-LYSINE 
13 A MLY 179 A MLY 178 ? LYS N-DIMETHYL-LYSINE 
14 A MLY 193 A MLY 192 ? LYS N-DIMETHYL-LYSINE 
15 A MLY 199 A MLY 198 ? LYS N-DIMETHYL-LYSINE 
16 A MLY 205 A MLY 204 ? LYS N-DIMETHYL-LYSINE 
17 A MLY 208 A MLY 207 ? LYS N-DIMETHYL-LYSINE 
# 
loop_
_pdbx_struct_assembly.id 
_pdbx_struct_assembly.details 
_pdbx_struct_assembly.method_details 
_pdbx_struct_assembly.oligomeric_details 
_pdbx_struct_assembly.oligomeric_count 
1 author_defined_assembly   ?    monomeric 1 
2 software_defined_assembly PISA dimeric   2 
# 
loop_
_pdbx_struct_assembly_gen.assembly_id 
_pdbx_struct_assembly_gen.oper_expression 
_pdbx_struct_assembly_gen.asym_id_list 
1 1   A,B 
2 1,2 A,B 
# 
loop_
_pdbx_struct_assembly_prop.biol_id 
_pdbx_struct_assembly_prop.type 
_pdbx_struct_assembly_prop.value 
_pdbx_struct_assembly_prop.details 
2 'ABSA (A^2)' 1180  ? 
2 MORE         -14   ? 
2 'SSA (A^2)'  19040 ? 
# 
loop_
_pdbx_struct_oper_list.id 
_pdbx_struct_oper_list.type 
_pdbx_struct_oper_list.name 
_pdbx_struct_oper_list.symmetry_operation 
_pdbx_struct_oper_list.matrix[1][1] 
_pdbx_struct_oper_list.matrix[1][2] 
_pdbx_struct_oper_list.matrix[1][3] 
_pdbx_struct_oper_list.vector[1] 
_pdbx_struct_oper_list.matrix[2][1] 
_pdbx_struct_oper_list.matrix[2][2] 
_pdbx_struct_oper_list.matrix[2][3] 
_pdbx_struct_oper_list.vector[2] 
_pdbx_struct_oper_list.matrix[3][1] 
_pdbx_struct_oper_list.matrix[3][2] 
_pdbx_struct_oper_list.matrix[3][3] 
_pdbx_struct_oper_list.vector[3] 
1 'identity operation'         1_555 x,y,z    1.0000000000  0.0000000000  0.0000000000 0.0000000000  0.0000000000  1.0000000000  0.0000000000  0.0000000000 0.0000000000 0.0000000000  1.0000000000  0.0000000000   
2 'crystal symmetry operation' 7_556 y,x,-z+1 -0.1006630791 -0.5673410198 0.8173072322 23.8410422638 -0.5673410198 -0.6420964988 -0.5155931084 9.2342812736 0.8173072322 -0.5155931084 -0.2572404221 -19.8238096373 
# 
loop_
_pdbx_audit_revision_history.ordinal 
_pdbx_audit_revision_history.data_content_type 
_pdbx_audit_revision_history.major_revision 
_pdbx_audit_revision_history.minor_revision 
_pdbx_audit_revision_history.revision_date 
1 'Structure model' 1 0 2010-02-23 
2 'Structure model' 1 1 2011-07-13 
3 'Structure model' 1 2 2023-09-06 
# 
_pdbx_audit_revision_details.ordinal             1 
_pdbx_audit_revision_details.revision_ordinal    1 
_pdbx_audit_revision_details.data_content_type   'Structure model' 
_pdbx_audit_revision_details.provider            repository 
_pdbx_audit_revision_details.type                'Initial release' 
_pdbx_audit_revision_details.description         ? 
_pdbx_audit_revision_details.details             ? 
# 
loop_
_pdbx_audit_revision_group.ordinal 
_pdbx_audit_revision_group.revision_ordinal 
_pdbx_audit_revision_group.data_content_type 
_pdbx_audit_revision_group.group 
1 2 'Structure model' 'Version format compliance' 
2 3 'Structure model' 'Data collection'           
3 3 'Structure model' 'Database references'       
4 3 'Structure model' 'Derived calculations'      
5 3 'Structure model' 'Refinement description'    
# 
loop_
_pdbx_audit_revision_category.ordinal 
_pdbx_audit_revision_category.revision_ordinal 
_pdbx_audit_revision_category.data_content_type 
_pdbx_audit_revision_category.category 
1 3 'Structure model' chem_comp_atom                
2 3 'Structure model' chem_comp_bond                
3 3 'Structure model' database_2                    
4 3 'Structure model' pdbx_initial_refinement_model 
5 3 'Structure model' struct_conn                   
6 3 'Structure model' struct_ref_seq_dif            
# 
loop_
_pdbx_audit_revision_item.ordinal 
_pdbx_audit_revision_item.revision_ordinal 
_pdbx_audit_revision_item.data_content_type 
_pdbx_audit_revision_item.item 
1 3 'Structure model' '_database_2.pdbx_DOI'                
2 3 'Structure model' '_database_2.pdbx_database_accession' 
3 3 'Structure model' '_struct_conn.pdbx_leaving_atom_flag' 
4 3 'Structure model' '_struct_ref_seq_dif.details'         
# 
loop_
_software.name 
_software.classification 
_software.version 
_software.citation_id 
_software.pdbx_ordinal 
ADSC     'data collection' Quantum  ? 1 
PHASER   phasing           .        ? 2 
REFMAC   refinement        5.5.0070 ? 3 
HKL-2000 'data reduction'  .        ? 4 
HKL-2000 'data scaling'    .        ? 5 
# 
loop_
_pdbx_validate_torsion.id 
_pdbx_validate_torsion.PDB_model_num 
_pdbx_validate_torsion.auth_comp_id 
_pdbx_validate_torsion.auth_asym_id 
_pdbx_validate_torsion.auth_seq_id 
_pdbx_validate_torsion.PDB_ins_code 
_pdbx_validate_torsion.label_alt_id 
_pdbx_validate_torsion.phi 
_pdbx_validate_torsion.psi 
1 1 LEU A 96  ? ? -68.25  7.41   
2 1 GLU A 129 ? ? -44.95  152.30 
3 1 THR A 142 ? ? -120.39 -74.58 
4 1 GLU A 205 ? ? -38.82  -38.47 
# 
loop_
_pdbx_unobs_or_zero_occ_atoms.id 
_pdbx_unobs_or_zero_occ_atoms.PDB_model_num 
_pdbx_unobs_or_zero_occ_atoms.polymer_flag 
_pdbx_unobs_or_zero_occ_atoms.occupancy_flag 
_pdbx_unobs_or_zero_occ_atoms.auth_asym_id 
_pdbx_unobs_or_zero_occ_atoms.auth_comp_id 
_pdbx_unobs_or_zero_occ_atoms.auth_seq_id 
_pdbx_unobs_or_zero_occ_atoms.PDB_ins_code 
_pdbx_unobs_or_zero_occ_atoms.auth_atom_id 
_pdbx_unobs_or_zero_occ_atoms.label_alt_id 
_pdbx_unobs_or_zero_occ_atoms.label_asym_id 
_pdbx_unobs_or_zero_occ_atoms.label_comp_id 
_pdbx_unobs_or_zero_occ_atoms.label_seq_id 
_pdbx_unobs_or_zero_occ_atoms.label_atom_id 
1  1 Y 1 A MLY 20  ? CH1 ? A MLY 21  CH1 
2  1 Y 1 A MLY 20  ? CH2 ? A MLY 21  CH2 
3  1 Y 1 A MLY 32  ? CH1 ? A MLY 33  CH1 
4  1 Y 1 A MLY 32  ? CH2 ? A MLY 33  CH2 
5  1 Y 1 A MLY 97  ? CH1 ? A MLY 98  CH1 
6  1 Y 1 A MLY 97  ? CH2 ? A MLY 98  CH2 
7  1 Y 1 A THR 98  ? OG1 ? A THR 99  OG1 
8  1 Y 1 A THR 98  ? CG2 ? A THR 99  CG2 
9  1 Y 1 A MLY 166 ? CH1 ? A MLY 167 CH1 
10 1 Y 1 A MLY 166 ? CH2 ? A MLY 167 CH2 
11 1 Y 1 A MLY 178 ? CH1 ? A MLY 179 CH1 
12 1 Y 1 A MLY 178 ? CH2 ? A MLY 179 CH2 
# 
loop_
_pdbx_unobs_or_zero_occ_residues.id 
_pdbx_unobs_or_zero_occ_residues.PDB_model_num 
_pdbx_unobs_or_zero_occ_residues.polymer_flag 
_pdbx_unobs_or_zero_occ_residues.occupancy_flag 
_pdbx_unobs_or_zero_occ_residues.auth_asym_id 
_pdbx_unobs_or_zero_occ_residues.auth_comp_id 
_pdbx_unobs_or_zero_occ_residues.auth_seq_id 
_pdbx_unobs_or_zero_occ_residues.PDB_ins_code 
_pdbx_unobs_or_zero_occ_residues.label_asym_id 
_pdbx_unobs_or_zero_occ_residues.label_comp_id 
_pdbx_unobs_or_zero_occ_residues.label_seq_id 
1  1 Y 1 A SER 0  ? A SER 1   
2  1 Y 1 A MET 1  ? A MET 2   
3  1 Y 1 A ALA 2  ? A ALA 3   
4  1 Y 1 A ALA 3  ? A ALA 4   
5  1 Y 1 A ALA 4  ? A ALA 5   
6  1 Y 1 A ALA 5  ? A ALA 6   
7  1 Y 1 A VAL 6  ? A VAL 7   
8  1 Y 1 A VAL 7  ? A VAL 8   
9  1 Y 1 A GLN 8  ? A GLN 9   
10 1 Y 1 A ILE 9  ? A ILE 10  
11 1 Y 1 A PRO 10 ? A PRO 11  
12 1 Y 1 A ALA 11 ? A ALA 12  
13 1 Y 1 A GLY 12 ? A GLY 13  
14 1 Y 1 A ALA 13 ? A ALA 14  
15 1 Y 1 A MLY 99 ? A MLY 100 
# 
loop_
_chem_comp_atom.comp_id 
_chem_comp_atom.atom_id 
_chem_comp_atom.type_symbol 
_chem_comp_atom.pdbx_aromatic_flag 
_chem_comp_atom.pdbx_stereo_config 
_chem_comp_atom.pdbx_ordinal 
ALA N    N N N 1   
ALA CA   C N S 2   
ALA C    C N N 3   
ALA O    O N N 4   
ALA CB   C N N 5   
ALA OXT  O N N 6   
ALA H    H N N 7   
ALA H2   H N N 8   
ALA HA   H N N 9   
ALA HB1  H N N 10  
ALA HB2  H N N 11  
ALA HB3  H N N 12  
ALA HXT  H N N 13  
ARG N    N N N 14  
ARG CA   C N S 15  
ARG C    C N N 16  
ARG O    O N N 17  
ARG CB   C N N 18  
ARG CG   C N N 19  
ARG CD   C N N 20  
ARG NE   N N N 21  
ARG CZ   C N N 22  
ARG NH1  N N N 23  
ARG NH2  N N N 24  
ARG OXT  O N N 25  
ARG H    H N N 26  
ARG H2   H N N 27  
ARG HA   H N N 28  
ARG HB2  H N N 29  
ARG HB3  H N N 30  
ARG HG2  H N N 31  
ARG HG3  H N N 32  
ARG HD2  H N N 33  
ARG HD3  H N N 34  
ARG HE   H N N 35  
ARG HH11 H N N 36  
ARG HH12 H N N 37  
ARG HH21 H N N 38  
ARG HH22 H N N 39  
ARG HXT  H N N 40  
ASN N    N N N 41  
ASN CA   C N S 42  
ASN C    C N N 43  
ASN O    O N N 44  
ASN CB   C N N 45  
ASN CG   C N N 46  
ASN OD1  O N N 47  
ASN ND2  N N N 48  
ASN OXT  O N N 49  
ASN H    H N N 50  
ASN H2   H N N 51  
ASN HA   H N N 52  
ASN HB2  H N N 53  
ASN HB3  H N N 54  
ASN HD21 H N N 55  
ASN HD22 H N N 56  
ASN HXT  H N N 57  
ASP N    N N N 58  
ASP CA   C N S 59  
ASP C    C N N 60  
ASP O    O N N 61  
ASP CB   C N N 62  
ASP CG   C N N 63  
ASP OD1  O N N 64  
ASP OD2  O N N 65  
ASP OXT  O N N 66  
ASP H    H N N 67  
ASP H2   H N N 68  
ASP HA   H N N 69  
ASP HB2  H N N 70  
ASP HB3  H N N 71  
ASP HD2  H N N 72  
ASP HXT  H N N 73  
CYS N    N N N 74  
CYS CA   C N R 75  
CYS C    C N N 76  
CYS O    O N N 77  
CYS CB   C N N 78  
CYS SG   S N N 79  
CYS OXT  O N N 80  
CYS H    H N N 81  
CYS H2   H N N 82  
CYS HA   H N N 83  
CYS HB2  H N N 84  
CYS HB3  H N N 85  
CYS HG   H N N 86  
CYS HXT  H N N 87  
GLN N    N N N 88  
GLN CA   C N S 89  
GLN C    C N N 90  
GLN O    O N N 91  
GLN CB   C N N 92  
GLN CG   C N N 93  
GLN CD   C N N 94  
GLN OE1  O N N 95  
GLN NE2  N N N 96  
GLN OXT  O N N 97  
GLN H    H N N 98  
GLN H2   H N N 99  
GLN HA   H N N 100 
GLN HB2  H N N 101 
GLN HB3  H N N 102 
GLN HG2  H N N 103 
GLN HG3  H N N 104 
GLN HE21 H N N 105 
GLN HE22 H N N 106 
GLN HXT  H N N 107 
GLU N    N N N 108 
GLU CA   C N S 109 
GLU C    C N N 110 
GLU O    O N N 111 
GLU CB   C N N 112 
GLU CG   C N N 113 
GLU CD   C N N 114 
GLU OE1  O N N 115 
GLU OE2  O N N 116 
GLU OXT  O N N 117 
GLU H    H N N 118 
GLU H2   H N N 119 
GLU HA   H N N 120 
GLU HB2  H N N 121 
GLU HB3  H N N 122 
GLU HG2  H N N 123 
GLU HG3  H N N 124 
GLU HE2  H N N 125 
GLU HXT  H N N 126 
GLY N    N N N 127 
GLY CA   C N N 128 
GLY C    C N N 129 
GLY O    O N N 130 
GLY OXT  O N N 131 
GLY H    H N N 132 
GLY H2   H N N 133 
GLY HA2  H N N 134 
GLY HA3  H N N 135 
GLY HXT  H N N 136 
HIS N    N N N 137 
HIS CA   C N S 138 
HIS C    C N N 139 
HIS O    O N N 140 
HIS CB   C N N 141 
HIS CG   C Y N 142 
HIS ND1  N Y N 143 
HIS CD2  C Y N 144 
HIS CE1  C Y N 145 
HIS NE2  N Y N 146 
HIS OXT  O N N 147 
HIS H    H N N 148 
HIS H2   H N N 149 
HIS HA   H N N 150 
HIS HB2  H N N 151 
HIS HB3  H N N 152 
HIS HD1  H N N 153 
HIS HD2  H N N 154 
HIS HE1  H N N 155 
HIS HE2  H N N 156 
HIS HXT  H N N 157 
HOH O    O N N 158 
HOH H1   H N N 159 
HOH H2   H N N 160 
ILE N    N N N 161 
ILE CA   C N S 162 
ILE C    C N N 163 
ILE O    O N N 164 
ILE CB   C N S 165 
ILE CG1  C N N 166 
ILE CG2  C N N 167 
ILE CD1  C N N 168 
ILE OXT  O N N 169 
ILE H    H N N 170 
ILE H2   H N N 171 
ILE HA   H N N 172 
ILE HB   H N N 173 
ILE HG12 H N N 174 
ILE HG13 H N N 175 
ILE HG21 H N N 176 
ILE HG22 H N N 177 
ILE HG23 H N N 178 
ILE HD11 H N N 179 
ILE HD12 H N N 180 
ILE HD13 H N N 181 
ILE HXT  H N N 182 
LEU N    N N N 183 
LEU CA   C N S 184 
LEU C    C N N 185 
LEU O    O N N 186 
LEU CB   C N N 187 
LEU CG   C N N 188 
LEU CD1  C N N 189 
LEU CD2  C N N 190 
LEU OXT  O N N 191 
LEU H    H N N 192 
LEU H2   H N N 193 
LEU HA   H N N 194 
LEU HB2  H N N 195 
LEU HB3  H N N 196 
LEU HG   H N N 197 
LEU HD11 H N N 198 
LEU HD12 H N N 199 
LEU HD13 H N N 200 
LEU HD21 H N N 201 
LEU HD22 H N N 202 
LEU HD23 H N N 203 
LEU HXT  H N N 204 
MET N    N N N 205 
MET CA   C N S 206 
MET C    C N N 207 
MET O    O N N 208 
MET CB   C N N 209 
MET CG   C N N 210 
MET SD   S N N 211 
MET CE   C N N 212 
MET OXT  O N N 213 
MET H    H N N 214 
MET H2   H N N 215 
MET HA   H N N 216 
MET HB2  H N N 217 
MET HB3  H N N 218 
MET HG2  H N N 219 
MET HG3  H N N 220 
MET HE1  H N N 221 
MET HE2  H N N 222 
MET HE3  H N N 223 
MET HXT  H N N 224 
MLY N    N N N 225 
MLY CA   C N S 226 
MLY CB   C N N 227 
MLY CG   C N N 228 
MLY CD   C N N 229 
MLY CE   C N N 230 
MLY NZ   N N N 231 
MLY CH1  C N N 232 
MLY CH2  C N N 233 
MLY C    C N N 234 
MLY O    O N N 235 
MLY OXT  O N N 236 
MLY H    H N N 237 
MLY H2   H N N 238 
MLY HA   H N N 239 
MLY HB2  H N N 240 
MLY HB3  H N N 241 
MLY HG2  H N N 242 
MLY HG3  H N N 243 
MLY HD2  H N N 244 
MLY HD3  H N N 245 
MLY HE2  H N N 246 
MLY HE3  H N N 247 
MLY HH11 H N N 248 
MLY HH12 H N N 249 
MLY HH13 H N N 250 
MLY HH21 H N N 251 
MLY HH22 H N N 252 
MLY HH23 H N N 253 
MLY HXT  H N N 254 
PHE N    N N N 255 
PHE CA   C N S 256 
PHE C    C N N 257 
PHE O    O N N 258 
PHE CB   C N N 259 
PHE CG   C Y N 260 
PHE CD1  C Y N 261 
PHE CD2  C Y N 262 
PHE CE1  C Y N 263 
PHE CE2  C Y N 264 
PHE CZ   C Y N 265 
PHE OXT  O N N 266 
PHE H    H N N 267 
PHE H2   H N N 268 
PHE HA   H N N 269 
PHE HB2  H N N 270 
PHE HB3  H N N 271 
PHE HD1  H N N 272 
PHE HD2  H N N 273 
PHE HE1  H N N 274 
PHE HE2  H N N 275 
PHE HZ   H N N 276 
PHE HXT  H N N 277 
PRO N    N N N 278 
PRO CA   C N S 279 
PRO C    C N N 280 
PRO O    O N N 281 
PRO CB   C N N 282 
PRO CG   C N N 283 
PRO CD   C N N 284 
PRO OXT  O N N 285 
PRO H    H N N 286 
PRO HA   H N N 287 
PRO HB2  H N N 288 
PRO HB3  H N N 289 
PRO HG2  H N N 290 
PRO HG3  H N N 291 
PRO HD2  H N N 292 
PRO HD3  H N N 293 
PRO HXT  H N N 294 
SER N    N N N 295 
SER CA   C N S 296 
SER C    C N N 297 
SER O    O N N 298 
SER CB   C N N 299 
SER OG   O N N 300 
SER OXT  O N N 301 
SER H    H N N 302 
SER H2   H N N 303 
SER HA   H N N 304 
SER HB2  H N N 305 
SER HB3  H N N 306 
SER HG   H N N 307 
SER HXT  H N N 308 
THR N    N N N 309 
THR CA   C N S 310 
THR C    C N N 311 
THR O    O N N 312 
THR CB   C N R 313 
THR OG1  O N N 314 
THR CG2  C N N 315 
THR OXT  O N N 316 
THR H    H N N 317 
THR H2   H N N 318 
THR HA   H N N 319 
THR HB   H N N 320 
THR HG1  H N N 321 
THR HG21 H N N 322 
THR HG22 H N N 323 
THR HG23 H N N 324 
THR HXT  H N N 325 
TRP N    N N N 326 
TRP CA   C N S 327 
TRP C    C N N 328 
TRP O    O N N 329 
TRP CB   C N N 330 
TRP CG   C Y N 331 
TRP CD1  C Y N 332 
TRP CD2  C Y N 333 
TRP NE1  N Y N 334 
TRP CE2  C Y N 335 
TRP CE3  C Y N 336 
TRP CZ2  C Y N 337 
TRP CZ3  C Y N 338 
TRP CH2  C Y N 339 
TRP OXT  O N N 340 
TRP H    H N N 341 
TRP H2   H N N 342 
TRP HA   H N N 343 
TRP HB2  H N N 344 
TRP HB3  H N N 345 
TRP HD1  H N N 346 
TRP HE1  H N N 347 
TRP HE3  H N N 348 
TRP HZ2  H N N 349 
TRP HZ3  H N N 350 
TRP HH2  H N N 351 
TRP HXT  H N N 352 
TYR N    N N N 353 
TYR CA   C N S 354 
TYR C    C N N 355 
TYR O    O N N 356 
TYR CB   C N N 357 
TYR CG   C Y N 358 
TYR CD1  C Y N 359 
TYR CD2  C Y N 360 
TYR CE1  C Y N 361 
TYR CE2  C Y N 362 
TYR CZ   C Y N 363 
TYR OH   O N N 364 
TYR OXT  O N N 365 
TYR H    H N N 366 
TYR H2   H N N 367 
TYR HA   H N N 368 
TYR HB2  H N N 369 
TYR HB3  H N N 370 
TYR HD1  H N N 371 
TYR HD2  H N N 372 
TYR HE1  H N N 373 
TYR HE2  H N N 374 
TYR HH   H N N 375 
TYR HXT  H N N 376 
VAL N    N N N 377 
VAL CA   C N S 378 
VAL C    C N N 379 
VAL O    O N N 380 
VAL CB   C N N 381 
VAL CG1  C N N 382 
VAL CG2  C N N 383 
VAL OXT  O N N 384 
VAL H    H N N 385 
VAL H2   H N N 386 
VAL HA   H N N 387 
VAL HB   H N N 388 
VAL HG11 H N N 389 
VAL HG12 H N N 390 
VAL HG13 H N N 391 
VAL HG21 H N N 392 
VAL HG22 H N N 393 
VAL HG23 H N N 394 
VAL HXT  H N N 395 
# 
loop_
_chem_comp_bond.comp_id 
_chem_comp_bond.atom_id_1 
_chem_comp_bond.atom_id_2 
_chem_comp_bond.value_order 
_chem_comp_bond.pdbx_aromatic_flag 
_chem_comp_bond.pdbx_stereo_config 
_chem_comp_bond.pdbx_ordinal 
ALA N   CA   sing N N 1   
ALA N   H    sing N N 2   
ALA N   H2   sing N N 3   
ALA CA  C    sing N N 4   
ALA CA  CB   sing N N 5   
ALA CA  HA   sing N N 6   
ALA C   O    doub N N 7   
ALA C   OXT  sing N N 8   
ALA CB  HB1  sing N N 9   
ALA CB  HB2  sing N N 10  
ALA CB  HB3  sing N N 11  
ALA OXT HXT  sing N N 12  
ARG N   CA   sing N N 13  
ARG N   H    sing N N 14  
ARG N   H2   sing N N 15  
ARG CA  C    sing N N 16  
ARG CA  CB   sing N N 17  
ARG CA  HA   sing N N 18  
ARG C   O    doub N N 19  
ARG C   OXT  sing N N 20  
ARG CB  CG   sing N N 21  
ARG CB  HB2  sing N N 22  
ARG CB  HB3  sing N N 23  
ARG CG  CD   sing N N 24  
ARG CG  HG2  sing N N 25  
ARG CG  HG3  sing N N 26  
ARG CD  NE   sing N N 27  
ARG CD  HD2  sing N N 28  
ARG CD  HD3  sing N N 29  
ARG NE  CZ   sing N N 30  
ARG NE  HE   sing N N 31  
ARG CZ  NH1  sing N N 32  
ARG CZ  NH2  doub N N 33  
ARG NH1 HH11 sing N N 34  
ARG NH1 HH12 sing N N 35  
ARG NH2 HH21 sing N N 36  
ARG NH2 HH22 sing N N 37  
ARG OXT HXT  sing N N 38  
ASN N   CA   sing N N 39  
ASN N   H    sing N N 40  
ASN N   H2   sing N N 41  
ASN CA  C    sing N N 42  
ASN CA  CB   sing N N 43  
ASN CA  HA   sing N N 44  
ASN C   O    doub N N 45  
ASN C   OXT  sing N N 46  
ASN CB  CG   sing N N 47  
ASN CB  HB2  sing N N 48  
ASN CB  HB3  sing N N 49  
ASN CG  OD1  doub N N 50  
ASN CG  ND2  sing N N 51  
ASN ND2 HD21 sing N N 52  
ASN ND2 HD22 sing N N 53  
ASN OXT HXT  sing N N 54  
ASP N   CA   sing N N 55  
ASP N   H    sing N N 56  
ASP N   H2   sing N N 57  
ASP CA  C    sing N N 58  
ASP CA  CB   sing N N 59  
ASP CA  HA   sing N N 60  
ASP C   O    doub N N 61  
ASP C   OXT  sing N N 62  
ASP CB  CG   sing N N 63  
ASP CB  HB2  sing N N 64  
ASP CB  HB3  sing N N 65  
ASP CG  OD1  doub N N 66  
ASP CG  OD2  sing N N 67  
ASP OD2 HD2  sing N N 68  
ASP OXT HXT  sing N N 69  
CYS N   CA   sing N N 70  
CYS N   H    sing N N 71  
CYS N   H2   sing N N 72  
CYS CA  C    sing N N 73  
CYS CA  CB   sing N N 74  
CYS CA  HA   sing N N 75  
CYS C   O    doub N N 76  
CYS C   OXT  sing N N 77  
CYS CB  SG   sing N N 78  
CYS CB  HB2  sing N N 79  
CYS CB  HB3  sing N N 80  
CYS SG  HG   sing N N 81  
CYS OXT HXT  sing N N 82  
GLN N   CA   sing N N 83  
GLN N   H    sing N N 84  
GLN N   H2   sing N N 85  
GLN CA  C    sing N N 86  
GLN CA  CB   sing N N 87  
GLN CA  HA   sing N N 88  
GLN C   O    doub N N 89  
GLN C   OXT  sing N N 90  
GLN CB  CG   sing N N 91  
GLN CB  HB2  sing N N 92  
GLN CB  HB3  sing N N 93  
GLN CG  CD   sing N N 94  
GLN CG  HG2  sing N N 95  
GLN CG  HG3  sing N N 96  
GLN CD  OE1  doub N N 97  
GLN CD  NE2  sing N N 98  
GLN NE2 HE21 sing N N 99  
GLN NE2 HE22 sing N N 100 
GLN OXT HXT  sing N N 101 
GLU N   CA   sing N N 102 
GLU N   H    sing N N 103 
GLU N   H2   sing N N 104 
GLU CA  C    sing N N 105 
GLU CA  CB   sing N N 106 
GLU CA  HA   sing N N 107 
GLU C   O    doub N N 108 
GLU C   OXT  sing N N 109 
GLU CB  CG   sing N N 110 
GLU CB  HB2  sing N N 111 
GLU CB  HB3  sing N N 112 
GLU CG  CD   sing N N 113 
GLU CG  HG2  sing N N 114 
GLU CG  HG3  sing N N 115 
GLU CD  OE1  doub N N 116 
GLU CD  OE2  sing N N 117 
GLU OE2 HE2  sing N N 118 
GLU OXT HXT  sing N N 119 
GLY N   CA   sing N N 120 
GLY N   H    sing N N 121 
GLY N   H2   sing N N 122 
GLY CA  C    sing N N 123 
GLY CA  HA2  sing N N 124 
GLY CA  HA3  sing N N 125 
GLY C   O    doub N N 126 
GLY C   OXT  sing N N 127 
GLY OXT HXT  sing N N 128 
HIS N   CA   sing N N 129 
HIS N   H    sing N N 130 
HIS N   H2   sing N N 131 
HIS CA  C    sing N N 132 
HIS CA  CB   sing N N 133 
HIS CA  HA   sing N N 134 
HIS C   O    doub N N 135 
HIS C   OXT  sing N N 136 
HIS CB  CG   sing N N 137 
HIS CB  HB2  sing N N 138 
HIS CB  HB3  sing N N 139 
HIS CG  ND1  sing Y N 140 
HIS CG  CD2  doub Y N 141 
HIS ND1 CE1  doub Y N 142 
HIS ND1 HD1  sing N N 143 
HIS CD2 NE2  sing Y N 144 
HIS CD2 HD2  sing N N 145 
HIS CE1 NE2  sing Y N 146 
HIS CE1 HE1  sing N N 147 
HIS NE2 HE2  sing N N 148 
HIS OXT HXT  sing N N 149 
HOH O   H1   sing N N 150 
HOH O   H2   sing N N 151 
ILE N   CA   sing N N 152 
ILE N   H    sing N N 153 
ILE N   H2   sing N N 154 
ILE CA  C    sing N N 155 
ILE CA  CB   sing N N 156 
ILE CA  HA   sing N N 157 
ILE C   O    doub N N 158 
ILE C   OXT  sing N N 159 
ILE CB  CG1  sing N N 160 
ILE CB  CG2  sing N N 161 
ILE CB  HB   sing N N 162 
ILE CG1 CD1  sing N N 163 
ILE CG1 HG12 sing N N 164 
ILE CG1 HG13 sing N N 165 
ILE CG2 HG21 sing N N 166 
ILE CG2 HG22 sing N N 167 
ILE CG2 HG23 sing N N 168 
ILE CD1 HD11 sing N N 169 
ILE CD1 HD12 sing N N 170 
ILE CD1 HD13 sing N N 171 
ILE OXT HXT  sing N N 172 
LEU N   CA   sing N N 173 
LEU N   H    sing N N 174 
LEU N   H2   sing N N 175 
LEU CA  C    sing N N 176 
LEU CA  CB   sing N N 177 
LEU CA  HA   sing N N 178 
LEU C   O    doub N N 179 
LEU C   OXT  sing N N 180 
LEU CB  CG   sing N N 181 
LEU CB  HB2  sing N N 182 
LEU CB  HB3  sing N N 183 
LEU CG  CD1  sing N N 184 
LEU CG  CD2  sing N N 185 
LEU CG  HG   sing N N 186 
LEU CD1 HD11 sing N N 187 
LEU CD1 HD12 sing N N 188 
LEU CD1 HD13 sing N N 189 
LEU CD2 HD21 sing N N 190 
LEU CD2 HD22 sing N N 191 
LEU CD2 HD23 sing N N 192 
LEU OXT HXT  sing N N 193 
MET N   CA   sing N N 194 
MET N   H    sing N N 195 
MET N   H2   sing N N 196 
MET CA  C    sing N N 197 
MET CA  CB   sing N N 198 
MET CA  HA   sing N N 199 
MET C   O    doub N N 200 
MET C   OXT  sing N N 201 
MET CB  CG   sing N N 202 
MET CB  HB2  sing N N 203 
MET CB  HB3  sing N N 204 
MET CG  SD   sing N N 205 
MET CG  HG2  sing N N 206 
MET CG  HG3  sing N N 207 
MET SD  CE   sing N N 208 
MET CE  HE1  sing N N 209 
MET CE  HE2  sing N N 210 
MET CE  HE3  sing N N 211 
MET OXT HXT  sing N N 212 
MLY N   CA   sing N N 213 
MLY N   H    sing N N 214 
MLY N   H2   sing N N 215 
MLY CA  CB   sing N N 216 
MLY CA  C    sing N N 217 
MLY CA  HA   sing N N 218 
MLY CB  CG   sing N N 219 
MLY CB  HB2  sing N N 220 
MLY CB  HB3  sing N N 221 
MLY CG  CD   sing N N 222 
MLY CG  HG2  sing N N 223 
MLY CG  HG3  sing N N 224 
MLY CD  CE   sing N N 225 
MLY CD  HD2  sing N N 226 
MLY CD  HD3  sing N N 227 
MLY CE  NZ   sing N N 228 
MLY CE  HE2  sing N N 229 
MLY CE  HE3  sing N N 230 
MLY NZ  CH1  sing N N 231 
MLY NZ  CH2  sing N N 232 
MLY CH1 HH11 sing N N 233 
MLY CH1 HH12 sing N N 234 
MLY CH1 HH13 sing N N 235 
MLY CH2 HH21 sing N N 236 
MLY CH2 HH22 sing N N 237 
MLY CH2 HH23 sing N N 238 
MLY C   O    doub N N 239 
MLY C   OXT  sing N N 240 
MLY OXT HXT  sing N N 241 
PHE N   CA   sing N N 242 
PHE N   H    sing N N 243 
PHE N   H2   sing N N 244 
PHE CA  C    sing N N 245 
PHE CA  CB   sing N N 246 
PHE CA  HA   sing N N 247 
PHE C   O    doub N N 248 
PHE C   OXT  sing N N 249 
PHE CB  CG   sing N N 250 
PHE CB  HB2  sing N N 251 
PHE CB  HB3  sing N N 252 
PHE CG  CD1  doub Y N 253 
PHE CG  CD2  sing Y N 254 
PHE CD1 CE1  sing Y N 255 
PHE CD1 HD1  sing N N 256 
PHE CD2 CE2  doub Y N 257 
PHE CD2 HD2  sing N N 258 
PHE CE1 CZ   doub Y N 259 
PHE CE1 HE1  sing N N 260 
PHE CE2 CZ   sing Y N 261 
PHE CE2 HE2  sing N N 262 
PHE CZ  HZ   sing N N 263 
PHE OXT HXT  sing N N 264 
PRO N   CA   sing N N 265 
PRO N   CD   sing N N 266 
PRO N   H    sing N N 267 
PRO CA  C    sing N N 268 
PRO CA  CB   sing N N 269 
PRO CA  HA   sing N N 270 
PRO C   O    doub N N 271 
PRO C   OXT  sing N N 272 
PRO CB  CG   sing N N 273 
PRO CB  HB2  sing N N 274 
PRO CB  HB3  sing N N 275 
PRO CG  CD   sing N N 276 
PRO CG  HG2  sing N N 277 
PRO CG  HG3  sing N N 278 
PRO CD  HD2  sing N N 279 
PRO CD  HD3  sing N N 280 
PRO OXT HXT  sing N N 281 
SER N   CA   sing N N 282 
SER N   H    sing N N 283 
SER N   H2   sing N N 284 
SER CA  C    sing N N 285 
SER CA  CB   sing N N 286 
SER CA  HA   sing N N 287 
SER C   O    doub N N 288 
SER C   OXT  sing N N 289 
SER CB  OG   sing N N 290 
SER CB  HB2  sing N N 291 
SER CB  HB3  sing N N 292 
SER OG  HG   sing N N 293 
SER OXT HXT  sing N N 294 
THR N   CA   sing N N 295 
THR N   H    sing N N 296 
THR N   H2   sing N N 297 
THR CA  C    sing N N 298 
THR CA  CB   sing N N 299 
THR CA  HA   sing N N 300 
THR C   O    doub N N 301 
THR C   OXT  sing N N 302 
THR CB  OG1  sing N N 303 
THR CB  CG2  sing N N 304 
THR CB  HB   sing N N 305 
THR OG1 HG1  sing N N 306 
THR CG2 HG21 sing N N 307 
THR CG2 HG22 sing N N 308 
THR CG2 HG23 sing N N 309 
THR OXT HXT  sing N N 310 
TRP N   CA   sing N N 311 
TRP N   H    sing N N 312 
TRP N   H2   sing N N 313 
TRP CA  C    sing N N 314 
TRP CA  CB   sing N N 315 
TRP CA  HA   sing N N 316 
TRP C   O    doub N N 317 
TRP C   OXT  sing N N 318 
TRP CB  CG   sing N N 319 
TRP CB  HB2  sing N N 320 
TRP CB  HB3  sing N N 321 
TRP CG  CD1  doub Y N 322 
TRP CG  CD2  sing Y N 323 
TRP CD1 NE1  sing Y N 324 
TRP CD1 HD1  sing N N 325 
TRP CD2 CE2  doub Y N 326 
TRP CD2 CE3  sing Y N 327 
TRP NE1 CE2  sing Y N 328 
TRP NE1 HE1  sing N N 329 
TRP CE2 CZ2  sing Y N 330 
TRP CE3 CZ3  doub Y N 331 
TRP CE3 HE3  sing N N 332 
TRP CZ2 CH2  doub Y N 333 
TRP CZ2 HZ2  sing N N 334 
TRP CZ3 CH2  sing Y N 335 
TRP CZ3 HZ3  sing N N 336 
TRP CH2 HH2  sing N N 337 
TRP OXT HXT  sing N N 338 
TYR N   CA   sing N N 339 
TYR N   H    sing N N 340 
TYR N   H2   sing N N 341 
TYR CA  C    sing N N 342 
TYR CA  CB   sing N N 343 
TYR CA  HA   sing N N 344 
TYR C   O    doub N N 345 
TYR C   OXT  sing N N 346 
TYR CB  CG   sing N N 347 
TYR CB  HB2  sing N N 348 
TYR CB  HB3  sing N N 349 
TYR CG  CD1  doub Y N 350 
TYR CG  CD2  sing Y N 351 
TYR CD1 CE1  sing Y N 352 
TYR CD1 HD1  sing N N 353 
TYR CD2 CE2  doub Y N 354 
TYR CD2 HD2  sing N N 355 
TYR CE1 CZ   doub Y N 356 
TYR CE1 HE1  sing N N 357 
TYR CE2 CZ   sing Y N 358 
TYR CE2 HE2  sing N N 359 
TYR CZ  OH   sing N N 360 
TYR OH  HH   sing N N 361 
TYR OXT HXT  sing N N 362 
VAL N   CA   sing N N 363 
VAL N   H    sing N N 364 
VAL N   H2   sing N N 365 
VAL CA  C    sing N N 366 
VAL CA  CB   sing N N 367 
VAL CA  HA   sing N N 368 
VAL C   O    doub N N 369 
VAL C   OXT  sing N N 370 
VAL CB  CG1  sing N N 371 
VAL CB  CG2  sing N N 372 
VAL CB  HB   sing N N 373 
VAL CG1 HG11 sing N N 374 
VAL CG1 HG12 sing N N 375 
VAL CG1 HG13 sing N N 376 
VAL CG2 HG21 sing N N 377 
VAL CG2 HG22 sing N N 378 
VAL CG2 HG23 sing N N 379 
VAL OXT HXT  sing N N 380 
# 
_pdbx_entity_nonpoly.entity_id   2 
_pdbx_entity_nonpoly.name        water 
_pdbx_entity_nonpoly.comp_id     HOH 
# 
_pdbx_initial_refinement_model.id               1 
_pdbx_initial_refinement_model.entity_id_list   ? 
_pdbx_initial_refinement_model.type             'experimental model' 
_pdbx_initial_refinement_model.source_name      PDB 
_pdbx_initial_refinement_model.accession_code   1SWX 
_pdbx_initial_refinement_model.details          'human apo-GLTP (PDB: 1SWX)' 
# 
